data_1WGF
#
_entry.id   1WGF
#
_entity_poly.entity_id   1
_entity_poly.type   'polypeptide(L)'
_entity_poly.pdbx_seq_one_letter_code
;GSSGSSGKPSQEGGKGGSEKPKRPVSAMFIFSEEKRRQLQEERPELSESELTRLLARMWNDLSEKKKAKYKAREAALKAQ
SERKSGPSSG
;
_entity_poly.pdbx_strand_id   A
#
# COMPACT_ATOMS: atom_id res chain seq x y z
N GLY A 1 -17.35 -23.03 -10.29
CA GLY A 1 -16.07 -22.37 -9.87
C GLY A 1 -15.33 -23.19 -8.84
N SER A 2 -14.32 -22.58 -8.23
CA SER A 2 -13.51 -23.26 -7.22
C SER A 2 -12.83 -24.49 -7.81
N SER A 3 -12.52 -24.44 -9.11
CA SER A 3 -11.86 -25.55 -9.78
C SER A 3 -11.55 -25.19 -11.23
N GLY A 4 -10.28 -25.28 -11.60
CA GLY A 4 -9.87 -24.96 -12.96
C GLY A 4 -8.54 -24.25 -13.01
N SER A 5 -7.52 -24.94 -13.51
CA SER A 5 -6.18 -24.37 -13.62
C SER A 5 -6.13 -23.34 -14.74
N SER A 6 -5.67 -22.13 -14.40
CA SER A 6 -5.56 -21.05 -15.38
C SER A 6 -4.47 -20.08 -14.98
N GLY A 7 -3.32 -20.17 -15.65
CA GLY A 7 -2.21 -19.29 -15.36
C GLY A 7 -2.24 -18.03 -16.18
N LYS A 8 -2.20 -16.88 -15.51
CA LYS A 8 -2.21 -15.59 -16.19
C LYS A 8 -0.81 -15.17 -16.61
N PRO A 9 0.15 -15.18 -15.67
CA PRO A 9 1.53 -14.80 -15.95
C PRO A 9 2.12 -15.56 -17.15
N SER A 10 2.00 -16.89 -17.10
CA SER A 10 2.52 -17.74 -18.17
C SER A 10 4.04 -17.60 -18.30
N GLN A 11 4.69 -18.68 -18.67
CA GLN A 11 6.15 -18.67 -18.84
C GLN A 11 6.84 -18.31 -17.53
N GLU A 12 8.12 -18.62 -17.44
CA GLU A 12 8.91 -18.33 -16.25
C GLU A 12 8.33 -19.03 -15.03
N GLY A 13 9.14 -19.19 -13.99
CA GLY A 13 8.69 -19.86 -12.78
C GLY A 13 9.48 -19.42 -11.56
N GLY A 14 8.77 -18.98 -10.53
CA GLY A 14 9.42 -18.54 -9.31
C GLY A 14 10.03 -19.69 -8.54
N LYS A 15 11.22 -20.12 -8.96
CA LYS A 15 11.92 -21.21 -8.30
C LYS A 15 12.33 -20.82 -6.88
N GLY A 16 13.06 -19.72 -6.76
CA GLY A 16 13.52 -19.25 -5.46
C GLY A 16 13.60 -17.75 -5.39
N GLY A 17 12.77 -17.07 -6.16
CA GLY A 17 12.77 -15.61 -6.15
C GLY A 17 12.12 -15.03 -4.91
N SER A 18 11.90 -13.73 -4.91
CA SER A 18 11.28 -13.05 -3.78
C SER A 18 10.13 -12.15 -4.24
N GLU A 19 9.06 -12.11 -3.46
CA GLU A 19 7.91 -11.29 -3.78
C GLU A 19 7.29 -11.71 -5.12
N LYS A 20 6.06 -11.31 -5.34
CA LYS A 20 5.36 -11.64 -6.58
C LYS A 20 4.46 -10.49 -7.04
N PRO A 21 4.15 -10.44 -8.34
CA PRO A 21 3.29 -9.38 -8.90
C PRO A 21 1.98 -9.23 -8.14
N LYS A 22 1.71 -8.02 -7.67
CA LYS A 22 0.48 -7.74 -6.92
C LYS A 22 0.04 -6.30 -7.12
N ARG A 23 -1.15 -5.97 -6.63
CA ARG A 23 -1.69 -4.63 -6.75
C ARG A 23 -0.97 -3.67 -5.80
N PRO A 24 -0.39 -2.59 -6.34
CA PRO A 24 0.34 -1.60 -5.52
C PRO A 24 -0.51 -1.05 -4.38
N VAL A 25 0.14 -0.40 -3.42
CA VAL A 25 -0.55 0.17 -2.28
C VAL A 25 -0.08 1.59 -2.00
N SER A 26 -0.63 2.55 -2.73
CA SER A 26 -0.27 3.95 -2.56
C SER A 26 -0.83 4.50 -1.25
N ALA A 27 -0.51 5.76 -0.96
CA ALA A 27 -0.99 6.40 0.25
C ALA A 27 -2.51 6.43 0.31
N MET A 28 -3.13 6.71 -0.83
CA MET A 28 -4.58 6.77 -0.92
C MET A 28 -5.20 5.39 -0.71
N PHE A 29 -4.47 4.36 -1.11
CA PHE A 29 -4.94 2.98 -0.96
C PHE A 29 -5.05 2.60 0.52
N ILE A 30 -4.02 2.94 1.29
CA ILE A 30 -3.99 2.63 2.71
C ILE A 30 -5.14 3.32 3.44
N PHE A 31 -5.27 4.63 3.23
CA PHE A 31 -6.33 5.41 3.87
C PHE A 31 -7.70 5.00 3.35
N SER A 32 -7.74 4.54 2.11
CA SER A 32 -8.99 4.11 1.48
C SER A 32 -9.38 2.70 1.92
N GLU A 33 -8.39 1.94 2.42
CA GLU A 33 -8.65 0.57 2.86
C GLU A 33 -8.79 0.51 4.38
N GLU A 34 -8.07 1.39 5.08
CA GLU A 34 -8.11 1.43 6.54
C GLU A 34 -9.33 2.21 7.03
N LYS A 35 -9.78 3.17 6.23
CA LYS A 35 -10.95 3.98 6.58
C LYS A 35 -12.24 3.32 6.13
N ARG A 36 -12.17 2.54 5.05
CA ARG A 36 -13.34 1.85 4.53
C ARG A 36 -13.97 0.95 5.58
N ARG A 37 -13.15 0.07 6.16
CA ARG A 37 -13.62 -0.85 7.19
C ARG A 37 -14.22 -0.09 8.38
N GLN A 38 -13.70 1.11 8.62
CA GLN A 38 -14.17 1.93 9.73
C GLN A 38 -15.50 2.58 9.39
N LEU A 39 -15.65 3.02 8.14
CA LEU A 39 -16.87 3.66 7.68
C LEU A 39 -17.99 2.64 7.50
N GLN A 40 -17.60 1.42 7.15
CA GLN A 40 -18.57 0.35 6.93
C GLN A 40 -19.34 0.03 8.21
N GLU A 41 -18.60 -0.07 9.32
CA GLU A 41 -19.22 -0.36 10.61
C GLU A 41 -19.98 0.85 11.14
N GLU A 42 -19.35 2.01 11.07
CA GLU A 42 -19.97 3.25 11.55
C GLU A 42 -21.16 3.63 10.67
N ARG A 43 -21.07 3.31 9.39
CA ARG A 43 -22.14 3.61 8.44
C ARG A 43 -22.53 2.38 7.64
N PRO A 44 -23.38 1.50 8.22
CA PRO A 44 -23.83 0.28 7.56
C PRO A 44 -24.70 0.57 6.33
N GLU A 45 -25.25 1.78 6.27
CA GLU A 45 -26.09 2.17 5.15
C GLU A 45 -25.27 2.40 3.90
N LEU A 46 -24.03 2.85 4.09
CA LEU A 46 -23.13 3.12 2.98
C LEU A 46 -22.45 1.83 2.50
N SER A 47 -22.47 1.61 1.19
CA SER A 47 -21.87 0.42 0.60
C SER A 47 -20.42 0.70 0.18
N GLU A 48 -19.71 -0.36 -0.19
CA GLU A 48 -18.31 -0.23 -0.60
C GLU A 48 -18.19 0.69 -1.81
N SER A 49 -19.09 0.53 -2.77
CA SER A 49 -19.08 1.35 -3.97
C SER A 49 -19.28 2.82 -3.62
N GLU A 50 -20.04 3.09 -2.57
CA GLU A 50 -20.30 4.45 -2.13
C GLU A 50 -19.15 4.97 -1.26
N LEU A 51 -18.58 4.09 -0.46
CA LEU A 51 -17.48 4.46 0.42
C LEU A 51 -16.28 4.97 -0.39
N THR A 52 -16.13 4.45 -1.60
CA THR A 52 -15.03 4.84 -2.47
C THR A 52 -15.07 6.35 -2.74
N ARG A 53 -16.28 6.90 -2.83
CA ARG A 53 -16.44 8.33 -3.07
C ARG A 53 -16.19 9.13 -1.81
N LEU A 54 -16.55 8.56 -0.67
CA LEU A 54 -16.38 9.21 0.62
C LEU A 54 -14.91 9.16 1.06
N LEU A 55 -14.23 8.08 0.70
CA LEU A 55 -12.83 7.91 1.05
C LEU A 55 -11.96 8.96 0.36
N ALA A 56 -12.24 9.20 -0.92
CA ALA A 56 -11.49 10.18 -1.70
C ALA A 56 -11.64 11.58 -1.12
N ARG A 57 -12.86 11.90 -0.68
CA ARG A 57 -13.14 13.21 -0.10
C ARG A 57 -12.44 13.36 1.25
N MET A 58 -12.37 12.28 2.01
CA MET A 58 -11.73 12.30 3.32
C MET A 58 -10.22 12.48 3.18
N TRP A 59 -9.65 11.87 2.14
CA TRP A 59 -8.22 11.96 1.89
C TRP A 59 -7.79 13.41 1.69
N ASN A 60 -8.64 14.18 1.00
CA ASN A 60 -8.34 15.58 0.73
C ASN A 60 -8.47 16.41 2.00
N ASP A 61 -9.39 16.02 2.88
CA ASP A 61 -9.60 16.73 4.13
C ASP A 61 -8.40 16.57 5.06
N LEU A 62 -7.69 15.46 4.91
CA LEU A 62 -6.51 15.18 5.74
C LEU A 62 -5.50 16.30 5.64
N SER A 63 -4.53 16.31 6.55
CA SER A 63 -3.49 17.33 6.56
C SER A 63 -2.14 16.73 6.21
N GLU A 64 -1.14 17.60 6.02
CA GLU A 64 0.20 17.15 5.68
C GLU A 64 0.76 16.25 6.77
N LYS A 65 0.35 16.49 8.00
CA LYS A 65 0.82 15.70 9.14
C LYS A 65 0.18 14.31 9.14
N LYS A 66 -1.09 14.25 8.77
CA LYS A 66 -1.81 12.98 8.73
C LYS A 66 -1.48 12.21 7.45
N LYS A 67 -1.39 12.92 6.33
CA LYS A 67 -1.07 12.31 5.06
C LYS A 67 0.28 11.61 5.10
N ALA A 68 1.23 12.23 5.78
CA ALA A 68 2.58 11.67 5.90
C ALA A 68 2.53 10.30 6.57
N LYS A 69 1.55 10.10 7.44
CA LYS A 69 1.40 8.83 8.14
C LYS A 69 1.24 7.67 7.16
N TYR A 70 0.38 7.86 6.17
CA TYR A 70 0.15 6.83 5.16
C TYR A 70 1.14 6.94 4.02
N LYS A 71 1.52 8.17 3.69
CA LYS A 71 2.47 8.41 2.62
C LYS A 71 3.84 7.79 2.93
N ALA A 72 4.17 7.74 4.22
CA ALA A 72 5.44 7.18 4.65
C ALA A 72 5.44 5.66 4.53
N ARG A 73 4.28 5.06 4.75
CA ARG A 73 4.14 3.61 4.67
C ARG A 73 4.17 3.14 3.22
N GLU A 74 3.74 4.01 2.31
CA GLU A 74 3.71 3.68 0.89
C GLU A 74 5.10 3.27 0.40
N ALA A 75 6.12 3.96 0.89
CA ALA A 75 7.50 3.67 0.50
C ALA A 75 7.87 2.23 0.84
N ALA A 76 7.26 1.71 1.90
CA ALA A 76 7.53 0.34 2.34
C ALA A 76 6.56 -0.64 1.68
N LEU A 77 5.34 -0.20 1.45
CA LEU A 77 4.32 -1.05 0.84
C LEU A 77 4.59 -1.21 -0.66
N LYS A 78 5.07 -0.16 -1.30
CA LYS A 78 5.36 -0.19 -2.72
C LYS A 78 6.41 -1.26 -3.04
N ALA A 79 7.30 -1.49 -2.08
CA ALA A 79 8.36 -2.48 -2.27
C ALA A 79 7.78 -3.88 -2.46
N GLN A 80 6.64 -4.13 -1.82
CA GLN A 80 5.97 -5.42 -1.92
C GLN A 80 5.45 -5.66 -3.34
N SER A 81 4.83 -4.63 -3.91
CA SER A 81 4.29 -4.72 -5.26
C SER A 81 5.20 -4.02 -6.27
N GLU A 82 6.51 -4.12 -6.04
CA GLU A 82 7.48 -3.51 -6.93
C GLU A 82 8.90 -3.85 -6.50
N ARG A 83 9.66 -4.46 -7.40
CA ARG A 83 11.03 -4.84 -7.12
C ARG A 83 11.97 -4.40 -8.24
N LYS A 84 12.84 -3.45 -7.94
CA LYS A 84 13.79 -2.94 -8.91
C LYS A 84 13.06 -2.27 -10.08
N SER A 85 13.70 -1.27 -10.68
CA SER A 85 13.11 -0.55 -11.81
C SER A 85 14.20 -0.04 -12.74
N GLY A 86 15.30 -0.77 -12.83
CA GLY A 86 16.40 -0.35 -13.69
C GLY A 86 16.25 -0.88 -15.10
N PRO A 87 17.32 -0.82 -15.92
CA PRO A 87 17.29 -1.29 -17.30
C PRO A 87 17.19 -2.81 -17.39
N SER A 88 15.96 -3.32 -17.48
CA SER A 88 15.73 -4.75 -17.57
C SER A 88 14.56 -5.07 -18.50
N SER A 89 14.59 -6.23 -19.11
CA SER A 89 13.53 -6.65 -20.02
C SER A 89 12.39 -7.32 -19.26
N GLY A 90 11.37 -6.53 -18.93
CA GLY A 90 10.23 -7.06 -18.21
C GLY A 90 10.01 -6.36 -16.88
N GLY A 1 24.26 -13.47 29.32
CA GLY A 1 24.22 -12.53 30.47
C GLY A 1 23.52 -13.11 31.68
N SER A 2 23.39 -12.31 32.73
CA SER A 2 22.74 -12.76 33.96
C SER A 2 21.53 -11.88 34.28
N SER A 3 21.79 -10.63 34.65
CA SER A 3 20.72 -9.69 34.98
C SER A 3 19.91 -9.34 33.75
N GLY A 4 20.58 -9.22 32.61
CA GLY A 4 19.90 -8.89 31.37
C GLY A 4 20.53 -7.70 30.66
N SER A 5 20.20 -7.54 29.38
CA SER A 5 20.73 -6.43 28.60
C SER A 5 19.85 -5.19 28.72
N SER A 6 20.44 -4.03 28.47
CA SER A 6 19.70 -2.77 28.55
C SER A 6 19.44 -2.21 27.16
N GLY A 7 18.38 -1.41 27.03
CA GLY A 7 18.04 -0.81 25.76
C GLY A 7 16.66 -1.23 25.28
N LYS A 8 16.63 -2.00 24.19
CA LYS A 8 15.37 -2.47 23.64
C LYS A 8 15.46 -3.93 23.21
N PRO A 9 14.37 -4.70 23.38
CA PRO A 9 14.34 -6.12 23.00
C PRO A 9 14.79 -6.36 21.57
N SER A 10 15.10 -7.61 21.25
CA SER A 10 15.54 -7.96 19.89
C SER A 10 14.54 -8.89 19.23
N GLN A 11 13.42 -8.32 18.77
CA GLN A 11 12.37 -9.10 18.11
C GLN A 11 12.87 -9.63 16.78
N GLU A 12 12.94 -10.96 16.67
CA GLU A 12 13.40 -11.60 15.44
C GLU A 12 12.59 -12.86 15.16
N GLY A 13 11.40 -12.68 14.59
CA GLY A 13 10.55 -13.82 14.28
C GLY A 13 9.58 -13.52 13.16
N GLY A 14 8.66 -14.45 12.90
CA GLY A 14 7.68 -14.27 11.85
C GLY A 14 7.49 -15.52 11.01
N LYS A 15 8.00 -15.48 9.78
CA LYS A 15 7.87 -16.62 8.87
C LYS A 15 8.92 -16.53 7.76
N GLY A 16 9.02 -15.37 7.13
CA GLY A 16 9.98 -15.19 6.06
C GLY A 16 9.34 -14.67 4.80
N GLY A 17 9.57 -13.40 4.48
CA GLY A 17 8.99 -12.82 3.29
C GLY A 17 9.99 -11.97 2.51
N SER A 18 9.97 -12.10 1.19
CA SER A 18 10.89 -11.35 0.34
C SER A 18 10.11 -10.51 -0.68
N GLU A 19 9.10 -11.12 -1.28
CA GLU A 19 8.28 -10.43 -2.28
C GLU A 19 7.02 -11.23 -2.59
N LYS A 20 5.93 -10.52 -2.86
CA LYS A 20 4.66 -11.16 -3.18
C LYS A 20 3.91 -10.39 -4.27
N PRO A 21 3.19 -11.12 -5.15
CA PRO A 21 2.45 -10.49 -6.24
C PRO A 21 1.18 -9.80 -5.75
N LYS A 22 1.18 -8.48 -5.81
CA LYS A 22 0.03 -7.69 -5.37
C LYS A 22 0.06 -6.28 -5.98
N ARG A 23 -1.05 -5.57 -5.85
CA ARG A 23 -1.16 -4.22 -6.39
C ARG A 23 -0.37 -3.23 -5.53
N PRO A 24 0.07 -2.11 -6.12
CA PRO A 24 0.84 -1.08 -5.40
C PRO A 24 -0.02 -0.31 -4.41
N VAL A 25 0.23 -0.53 -3.13
CA VAL A 25 -0.52 0.14 -2.07
C VAL A 25 0.06 1.53 -1.79
N SER A 26 -0.58 2.55 -2.35
CA SER A 26 -0.13 3.92 -2.16
C SER A 26 -0.76 4.53 -0.91
N ALA A 27 -0.39 5.77 -0.61
CA ALA A 27 -0.91 6.47 0.55
C ALA A 27 -2.44 6.58 0.49
N MET A 28 -2.96 6.75 -0.73
CA MET A 28 -4.40 6.86 -0.93
C MET A 28 -5.08 5.51 -0.76
N PHE A 29 -4.36 4.44 -1.10
CA PHE A 29 -4.91 3.10 -1.00
C PHE A 29 -5.05 2.68 0.47
N ILE A 30 -4.07 3.03 1.28
CA ILE A 30 -4.09 2.70 2.70
C ILE A 30 -5.26 3.39 3.40
N PHE A 31 -5.40 4.69 3.17
CA PHE A 31 -6.48 5.46 3.78
C PHE A 31 -7.84 5.00 3.26
N SER A 32 -7.87 4.60 1.98
CA SER A 32 -9.10 4.15 1.35
C SER A 32 -9.43 2.70 1.75
N GLU A 33 -8.46 2.02 2.35
CA GLU A 33 -8.66 0.63 2.77
C GLU A 33 -8.82 0.54 4.29
N GLU A 34 -8.14 1.44 5.01
CA GLU A 34 -8.19 1.45 6.46
C GLU A 34 -9.44 2.17 6.95
N LYS A 35 -9.85 3.20 6.22
CA LYS A 35 -11.03 3.97 6.58
C LYS A 35 -12.30 3.29 6.08
N ARG A 36 -12.19 2.57 4.97
CA ARG A 36 -13.33 1.87 4.39
C ARG A 36 -13.92 0.86 5.39
N ARG A 37 -13.04 0.09 6.02
CA ARG A 37 -13.48 -0.90 7.00
C ARG A 37 -14.13 -0.24 8.21
N GLN A 38 -13.68 0.98 8.52
CA GLN A 38 -14.20 1.72 9.66
C GLN A 38 -15.58 2.29 9.34
N LEU A 39 -15.76 2.74 8.10
CA LEU A 39 -17.03 3.31 7.68
C LEU A 39 -18.08 2.22 7.48
N GLN A 40 -17.63 1.02 7.09
CA GLN A 40 -18.52 -0.10 6.87
C GLN A 40 -19.19 -0.53 8.19
N GLU A 41 -18.37 -0.72 9.22
CA GLU A 41 -18.89 -1.12 10.52
C GLU A 41 -19.69 0.00 11.17
N GLU A 42 -19.26 1.24 10.93
CA GLU A 42 -19.95 2.40 11.48
C GLU A 42 -21.24 2.69 10.73
N ARG A 43 -21.23 2.41 9.42
CA ARG A 43 -22.41 2.64 8.59
C ARG A 43 -22.64 1.46 7.65
N PRO A 44 -23.37 0.43 8.14
CA PRO A 44 -23.66 -0.76 7.33
C PRO A 44 -24.58 -0.47 6.16
N GLU A 45 -25.20 0.72 6.17
CA GLU A 45 -26.09 1.12 5.09
C GLU A 45 -25.31 1.54 3.86
N LEU A 46 -24.12 2.09 4.08
CA LEU A 46 -23.26 2.54 2.99
C LEU A 46 -22.48 1.37 2.39
N SER A 47 -22.52 1.25 1.07
CA SER A 47 -21.81 0.17 0.38
C SER A 47 -20.40 0.62 -0.01
N GLU A 48 -19.61 -0.33 -0.50
CA GLU A 48 -18.24 -0.04 -0.92
C GLU A 48 -18.22 1.04 -2.00
N SER A 49 -19.13 0.93 -2.96
CA SER A 49 -19.21 1.89 -4.04
C SER A 49 -19.47 3.30 -3.52
N GLU A 50 -20.28 3.39 -2.46
CA GLU A 50 -20.60 4.67 -1.85
C GLU A 50 -19.47 5.15 -0.95
N LEU A 51 -18.76 4.20 -0.34
CA LEU A 51 -17.65 4.52 0.54
C LEU A 51 -16.47 5.09 -0.24
N THR A 52 -16.32 4.62 -1.48
CA THR A 52 -15.23 5.08 -2.34
C THR A 52 -15.29 6.59 -2.54
N ARG A 53 -16.50 7.12 -2.65
CA ARG A 53 -16.69 8.55 -2.85
C ARG A 53 -16.39 9.32 -1.56
N LEU A 54 -16.67 8.68 -0.43
CA LEU A 54 -16.43 9.30 0.87
C LEU A 54 -14.96 9.22 1.25
N LEU A 55 -14.30 8.14 0.84
CA LEU A 55 -12.89 7.94 1.13
C LEU A 55 -12.03 8.99 0.43
N ALA A 56 -12.32 9.22 -0.85
CA ALA A 56 -11.57 10.18 -1.64
C ALA A 56 -11.78 11.60 -1.10
N ARG A 57 -12.97 11.85 -0.57
CA ARG A 57 -13.29 13.16 -0.01
C ARG A 57 -12.56 13.40 1.31
N MET A 58 -12.40 12.32 2.08
CA MET A 58 -11.73 12.41 3.37
C MET A 58 -10.22 12.59 3.19
N TRP A 59 -9.69 12.01 2.12
CA TRP A 59 -8.27 12.11 1.82
C TRP A 59 -7.86 13.55 1.56
N ASN A 60 -8.75 14.30 0.89
CA ASN A 60 -8.48 15.70 0.58
C ASN A 60 -8.45 16.55 1.85
N ASP A 61 -9.38 16.27 2.76
CA ASP A 61 -9.47 17.00 4.02
C ASP A 61 -8.18 16.86 4.82
N LEU A 62 -7.50 15.73 4.64
CA LEU A 62 -6.25 15.47 5.36
C LEU A 62 -5.21 16.54 5.05
N SER A 63 -4.25 16.71 5.96
CA SER A 63 -3.21 17.71 5.77
C SER A 63 -1.88 17.04 5.38
N GLU A 64 -0.85 17.85 5.20
CA GLU A 64 0.46 17.33 4.83
C GLU A 64 1.07 16.51 5.96
N LYS A 65 0.73 16.88 7.19
CA LYS A 65 1.24 16.19 8.36
C LYS A 65 0.53 14.85 8.55
N LYS A 66 -0.77 14.85 8.34
CA LYS A 66 -1.57 13.63 8.49
C LYS A 66 -1.27 12.64 7.37
N LYS A 67 -1.18 13.13 6.14
CA LYS A 67 -0.89 12.29 4.99
C LYS A 67 0.46 11.60 5.15
N ALA A 68 1.36 12.23 5.88
CA ALA A 68 2.69 11.67 6.11
C ALA A 68 2.61 10.30 6.77
N LYS A 69 1.58 10.09 7.58
CA LYS A 69 1.38 8.82 8.27
C LYS A 69 1.19 7.69 7.28
N TYR A 70 0.39 7.94 6.24
CA TYR A 70 0.12 6.93 5.22
C TYR A 70 1.16 7.00 4.10
N LYS A 71 1.66 8.20 3.83
CA LYS A 71 2.65 8.40 2.79
C LYS A 71 3.94 7.65 3.11
N ALA A 72 4.23 7.52 4.40
CA ALA A 72 5.42 6.82 4.84
C ALA A 72 5.31 5.32 4.61
N ARG A 73 4.15 4.77 4.97
CA ARG A 73 3.90 3.33 4.80
C ARG A 73 3.94 2.94 3.32
N GLU A 74 3.61 3.89 2.46
CA GLU A 74 3.60 3.65 1.02
C GLU A 74 4.96 3.15 0.54
N ALA A 75 6.03 3.79 1.03
CA ALA A 75 7.38 3.40 0.66
C ALA A 75 7.67 1.96 1.04
N ALA A 76 7.31 1.59 2.26
CA ALA A 76 7.53 0.23 2.74
C ALA A 76 6.59 -0.76 2.08
N LEU A 77 5.40 -0.28 1.71
CA LEU A 77 4.40 -1.12 1.06
C LEU A 77 4.71 -1.29 -0.42
N LYS A 78 5.36 -0.29 -1.01
CA LYS A 78 5.70 -0.32 -2.43
C LYS A 78 6.60 -1.53 -2.73
N ALA A 79 7.44 -1.88 -1.78
CA ALA A 79 8.36 -3.02 -1.96
C ALA A 79 7.60 -4.34 -1.84
N GLN A 80 6.57 -4.35 -1.00
CA GLN A 80 5.77 -5.56 -0.80
C GLN A 80 4.88 -5.83 -2.01
N SER A 81 4.45 -4.76 -2.66
CA SER A 81 3.58 -4.88 -3.83
C SER A 81 4.40 -5.23 -5.08
N GLU A 82 5.37 -4.38 -5.40
CA GLU A 82 6.21 -4.60 -6.56
C GLU A 82 7.62 -4.04 -6.33
N ARG A 83 8.57 -4.93 -6.09
CA ARG A 83 9.96 -4.52 -5.86
C ARG A 83 10.57 -3.92 -7.12
N LYS A 84 10.35 -4.60 -8.25
CA LYS A 84 10.89 -4.14 -9.53
C LYS A 84 9.91 -4.44 -10.66
N SER A 85 9.59 -5.71 -10.84
CA SER A 85 8.67 -6.14 -11.89
C SER A 85 7.72 -7.22 -11.38
N GLY A 86 6.71 -7.54 -12.18
CA GLY A 86 5.75 -8.56 -11.80
C GLY A 86 6.32 -9.96 -11.91
N PRO A 87 6.49 -10.68 -10.78
CA PRO A 87 7.03 -12.04 -10.78
C PRO A 87 6.27 -12.96 -11.74
N SER A 88 4.95 -12.91 -11.68
CA SER A 88 4.11 -13.75 -12.54
C SER A 88 3.15 -12.89 -13.35
N SER A 89 3.33 -12.88 -14.66
CA SER A 89 2.48 -12.10 -15.55
C SER A 89 1.36 -12.96 -16.12
N GLY A 90 1.73 -13.90 -16.99
CA GLY A 90 0.73 -14.77 -17.60
C GLY A 90 0.21 -14.23 -18.91
N GLY A 1 8.74 -31.08 30.53
CA GLY A 1 7.29 -30.87 30.86
C GLY A 1 6.94 -29.41 31.02
N SER A 2 7.32 -28.60 30.04
CA SER A 2 7.04 -27.17 30.06
C SER A 2 6.87 -26.62 28.65
N SER A 3 7.93 -26.71 27.86
CA SER A 3 7.89 -26.22 26.49
C SER A 3 7.61 -24.72 26.45
N GLY A 4 8.64 -23.93 26.17
CA GLY A 4 8.49 -22.49 26.12
C GLY A 4 8.87 -21.91 24.77
N SER A 5 9.95 -22.44 24.19
CA SER A 5 10.42 -21.98 22.88
C SER A 5 9.67 -22.68 21.75
N SER A 6 9.39 -21.94 20.70
CA SER A 6 8.68 -22.50 19.54
C SER A 6 9.58 -23.43 18.75
N GLY A 7 8.98 -24.17 17.82
CA GLY A 7 9.76 -25.09 17.00
C GLY A 7 8.99 -25.55 15.77
N LYS A 8 9.45 -25.13 14.60
CA LYS A 8 8.80 -25.50 13.35
C LYS A 8 9.84 -25.72 12.24
N PRO A 9 10.69 -26.75 12.39
CA PRO A 9 11.72 -27.06 11.39
C PRO A 9 11.14 -27.60 10.09
N SER A 10 10.35 -26.79 9.42
CA SER A 10 9.72 -27.19 8.17
C SER A 10 9.81 -26.07 7.13
N GLN A 11 9.01 -25.03 7.32
CA GLN A 11 9.00 -23.89 6.41
C GLN A 11 8.70 -22.60 7.14
N GLU A 12 9.76 -21.83 7.44
CA GLU A 12 9.61 -20.57 8.15
C GLU A 12 9.61 -19.40 7.17
N GLY A 13 10.56 -19.40 6.25
CA GLY A 13 10.66 -18.33 5.26
C GLY A 13 11.23 -17.05 5.85
N GLY A 14 12.20 -16.48 5.15
CA GLY A 14 12.82 -15.25 5.62
C GLY A 14 14.23 -15.07 5.08
N LYS A 15 14.90 -16.17 4.79
CA LYS A 15 16.26 -16.14 4.26
C LYS A 15 16.43 -17.15 3.13
N GLY A 16 15.36 -17.36 2.37
CA GLY A 16 15.41 -18.30 1.27
C GLY A 16 14.41 -17.96 0.18
N GLY A 17 13.17 -17.70 0.58
CA GLY A 17 12.13 -17.37 -0.37
C GLY A 17 12.44 -16.11 -1.16
N SER A 18 11.39 -15.43 -1.61
CA SER A 18 11.56 -14.20 -2.38
C SER A 18 10.32 -13.32 -2.27
N GLU A 19 10.40 -12.12 -2.84
CA GLU A 19 9.28 -11.18 -2.81
C GLU A 19 8.10 -11.72 -3.62
N LYS A 20 6.89 -11.39 -3.18
CA LYS A 20 5.68 -11.84 -3.86
C LYS A 20 5.04 -10.70 -4.65
N PRO A 21 4.47 -11.00 -5.82
CA PRO A 21 3.83 -9.99 -6.67
C PRO A 21 2.48 -9.54 -6.12
N LYS A 22 2.38 -8.27 -5.77
CA LYS A 22 1.14 -7.71 -5.23
C LYS A 22 0.87 -6.32 -5.79
N ARG A 23 -0.40 -5.93 -5.82
CA ARG A 23 -0.78 -4.63 -6.33
C ARG A 23 -0.19 -3.51 -5.46
N PRO A 24 0.10 -2.35 -6.07
CA PRO A 24 0.68 -1.20 -5.34
C PRO A 24 -0.35 -0.55 -4.42
N VAL A 25 0.11 -0.17 -3.23
CA VAL A 25 -0.75 0.47 -2.25
C VAL A 25 -0.17 1.81 -1.78
N SER A 26 -0.45 2.86 -2.53
CA SER A 26 0.04 4.20 -2.20
C SER A 26 -0.66 4.74 -0.97
N ALA A 27 -0.24 5.92 -0.52
CA ALA A 27 -0.84 6.56 0.65
C ALA A 27 -2.33 6.76 0.47
N MET A 28 -2.74 6.99 -0.78
CA MET A 28 -4.15 7.21 -1.09
C MET A 28 -4.93 5.90 -0.99
N PHE A 29 -4.25 4.79 -1.27
CA PHE A 29 -4.89 3.47 -1.21
C PHE A 29 -5.00 2.99 0.23
N ILE A 30 -3.98 3.27 1.03
CA ILE A 30 -3.98 2.86 2.44
C ILE A 30 -5.09 3.56 3.21
N PHE A 31 -5.25 4.86 2.96
CA PHE A 31 -6.28 5.64 3.64
C PHE A 31 -7.67 5.20 3.21
N SER A 32 -7.80 4.85 1.93
CA SER A 32 -9.09 4.41 1.39
C SER A 32 -9.39 2.97 1.79
N GLU A 33 -8.36 2.23 2.17
CA GLU A 33 -8.52 0.83 2.57
C GLU A 33 -8.58 0.71 4.09
N GLU A 34 -7.92 1.63 4.78
CA GLU A 34 -7.88 1.61 6.24
C GLU A 34 -9.08 2.36 6.82
N LYS A 35 -9.58 3.35 6.09
CA LYS A 35 -10.72 4.13 6.53
C LYS A 35 -12.03 3.46 6.15
N ARG A 36 -12.01 2.72 5.04
CA ARG A 36 -13.20 2.03 4.57
C ARG A 36 -13.72 1.05 5.62
N ARG A 37 -12.80 0.44 6.36
CA ARG A 37 -13.17 -0.51 7.39
C ARG A 37 -13.90 0.18 8.54
N GLN A 38 -13.59 1.45 8.76
CA GLN A 38 -14.21 2.22 9.82
C GLN A 38 -15.62 2.66 9.41
N LEU A 39 -15.75 3.09 8.17
CA LEU A 39 -17.04 3.55 7.66
C LEU A 39 -17.99 2.38 7.48
N GLN A 40 -17.45 1.22 7.12
CA GLN A 40 -18.25 0.03 6.92
C GLN A 40 -18.93 -0.40 8.22
N GLU A 41 -18.18 -0.34 9.31
CA GLU A 41 -18.70 -0.73 10.62
C GLU A 41 -19.66 0.34 11.15
N GLU A 42 -19.32 1.60 10.92
CA GLU A 42 -20.14 2.71 11.38
C GLU A 42 -21.44 2.80 10.58
N ARG A 43 -21.37 2.41 9.31
CA ARG A 43 -22.54 2.43 8.43
C ARG A 43 -22.67 1.13 7.65
N PRO A 44 -23.26 0.10 8.27
CA PRO A 44 -23.45 -1.21 7.62
C PRO A 44 -24.41 -1.15 6.44
N GLU A 45 -25.21 -0.09 6.40
CA GLU A 45 -26.18 0.09 5.32
C GLU A 45 -25.49 0.48 4.02
N LEU A 46 -24.37 1.20 4.15
CA LEU A 46 -23.61 1.65 2.99
C LEU A 46 -22.54 0.64 2.62
N SER A 47 -22.40 0.37 1.33
CA SER A 47 -21.41 -0.59 0.85
C SER A 47 -20.12 0.12 0.46
N GLU A 48 -19.07 -0.66 0.20
CA GLU A 48 -17.79 -0.09 -0.18
C GLU A 48 -17.90 0.71 -1.47
N SER A 49 -18.83 0.31 -2.33
CA SER A 49 -19.05 1.00 -3.60
C SER A 49 -19.39 2.47 -3.37
N GLU A 50 -20.06 2.75 -2.26
CA GLU A 50 -20.46 4.11 -1.92
C GLU A 50 -19.38 4.80 -1.09
N LEU A 51 -18.67 4.01 -0.30
CA LEU A 51 -17.60 4.55 0.55
C LEU A 51 -16.48 5.15 -0.29
N THR A 52 -16.28 4.59 -1.48
CA THR A 52 -15.23 5.06 -2.38
C THR A 52 -15.41 6.55 -2.68
N ARG A 53 -16.66 7.01 -2.67
CA ARG A 53 -16.96 8.41 -2.94
C ARG A 53 -16.68 9.27 -1.72
N LEU A 54 -16.84 8.69 -0.54
CA LEU A 54 -16.61 9.40 0.71
C LEU A 54 -15.13 9.37 1.08
N LEU A 55 -14.45 8.29 0.73
CA LEU A 55 -13.04 8.12 1.03
C LEU A 55 -12.20 9.08 0.19
N ALA A 56 -12.53 9.17 -1.10
CA ALA A 56 -11.81 10.05 -2.02
C ALA A 56 -11.87 11.50 -1.56
N ARG A 57 -13.00 11.87 -0.96
CA ARG A 57 -13.19 13.24 -0.47
C ARG A 57 -12.47 13.44 0.87
N MET A 58 -12.43 12.38 1.67
CA MET A 58 -11.78 12.44 2.98
C MET A 58 -10.29 12.71 2.83
N TRP A 59 -9.67 12.05 1.85
CA TRP A 59 -8.24 12.21 1.60
C TRP A 59 -7.90 13.68 1.35
N ASN A 60 -8.78 14.37 0.63
CA ASN A 60 -8.56 15.79 0.32
C ASN A 60 -8.64 16.64 1.57
N ASP A 61 -9.43 16.18 2.55
CA ASP A 61 -9.58 16.91 3.81
C ASP A 61 -8.37 16.70 4.72
N LEU A 62 -7.70 15.56 4.56
CA LEU A 62 -6.53 15.25 5.36
C LEU A 62 -5.47 16.34 5.23
N SER A 63 -4.54 16.37 6.18
CA SER A 63 -3.47 17.36 6.18
C SER A 63 -2.13 16.72 5.84
N GLU A 64 -1.09 17.52 5.78
CA GLU A 64 0.24 17.03 5.47
C GLU A 64 0.80 16.15 6.59
N LYS A 65 0.38 16.46 7.82
CA LYS A 65 0.82 15.71 8.99
C LYS A 65 0.10 14.37 9.08
N LYS A 66 -1.21 14.39 8.89
CA LYS A 66 -2.02 13.18 8.95
C LYS A 66 -1.71 12.26 7.77
N LYS A 67 -1.38 12.85 6.63
CA LYS A 67 -1.06 12.09 5.44
C LYS A 67 0.32 11.45 5.55
N ALA A 68 1.21 12.09 6.29
CA ALA A 68 2.57 11.59 6.48
C ALA A 68 2.55 10.18 7.07
N LYS A 69 1.51 9.88 7.85
CA LYS A 69 1.38 8.56 8.48
C LYS A 69 1.17 7.48 7.42
N TYR A 70 0.48 7.83 6.35
CA TYR A 70 0.22 6.89 5.27
C TYR A 70 1.30 6.97 4.19
N LYS A 71 1.80 8.19 3.96
CA LYS A 71 2.84 8.41 2.97
C LYS A 71 4.08 7.57 3.26
N ALA A 72 4.33 7.33 4.55
CA ALA A 72 5.48 6.54 4.96
C ALA A 72 5.29 5.06 4.62
N ARG A 73 4.09 4.56 4.88
CA ARG A 73 3.77 3.16 4.60
C ARG A 73 3.86 2.86 3.11
N GLU A 74 3.61 3.88 2.29
CA GLU A 74 3.66 3.73 0.84
C GLU A 74 5.02 3.25 0.38
N ALA A 75 6.06 3.65 1.11
CA ALA A 75 7.43 3.26 0.78
C ALA A 75 7.67 1.79 1.10
N ALA A 76 6.96 1.28 2.11
CA ALA A 76 7.09 -0.12 2.50
C ALA A 76 6.16 -1.03 1.70
N LEU A 77 5.03 -0.47 1.28
CA LEU A 77 4.05 -1.22 0.50
C LEU A 77 4.46 -1.28 -0.96
N LYS A 78 5.13 -0.23 -1.44
CA LYS A 78 5.57 -0.16 -2.82
C LYS A 78 6.55 -1.29 -3.13
N ALA A 79 7.54 -1.47 -2.27
CA ALA A 79 8.54 -2.51 -2.45
C ALA A 79 7.89 -3.89 -2.55
N GLN A 80 7.11 -4.25 -1.53
CA GLN A 80 6.44 -5.54 -1.50
C GLN A 80 5.51 -5.70 -2.70
N SER A 81 4.96 -4.58 -3.18
CA SER A 81 4.06 -4.59 -4.32
C SER A 81 4.78 -4.12 -5.58
N GLU A 82 6.01 -4.59 -5.77
CA GLU A 82 6.81 -4.22 -6.94
C GLU A 82 7.79 -5.33 -7.30
N ARG A 83 8.43 -5.91 -6.29
CA ARG A 83 9.40 -6.98 -6.50
C ARG A 83 10.71 -6.43 -7.05
N LYS A 84 10.67 -5.83 -8.23
CA LYS A 84 11.85 -5.26 -8.85
C LYS A 84 11.49 -4.48 -10.10
N SER A 85 10.62 -5.06 -10.93
CA SER A 85 10.19 -4.40 -12.16
C SER A 85 8.91 -3.60 -11.94
N GLY A 86 8.80 -2.47 -12.64
CA GLY A 86 7.63 -1.63 -12.50
C GLY A 86 7.98 -0.22 -12.06
N PRO A 87 8.07 0.74 -13.00
CA PRO A 87 8.41 2.13 -12.68
C PRO A 87 7.55 2.69 -11.55
N SER A 88 8.10 3.65 -10.82
CA SER A 88 7.38 4.27 -9.71
C SER A 88 7.19 5.77 -9.95
N SER A 89 8.28 6.52 -9.82
CA SER A 89 8.23 7.97 -10.03
C SER A 89 9.04 8.37 -11.25
N GLY A 90 8.65 9.48 -11.87
CA GLY A 90 9.35 9.96 -13.05
C GLY A 90 9.98 11.32 -12.84
N GLY A 1 30.74 -12.51 12.21
CA GLY A 1 30.43 -11.05 12.30
C GLY A 1 29.24 -10.67 11.45
N SER A 2 28.17 -10.21 12.11
CA SER A 2 26.96 -9.80 11.41
C SER A 2 26.75 -8.30 11.51
N SER A 3 27.07 -7.58 10.43
CA SER A 3 26.92 -6.14 10.40
C SER A 3 25.72 -5.74 9.55
N GLY A 4 24.55 -5.67 10.17
CA GLY A 4 23.34 -5.29 9.46
C GLY A 4 22.13 -5.25 10.36
N SER A 5 21.14 -4.44 9.99
CA SER A 5 19.91 -4.32 10.76
C SER A 5 18.94 -5.44 10.42
N SER A 6 18.44 -5.43 9.19
CA SER A 6 17.50 -6.45 8.73
C SER A 6 17.54 -6.59 7.21
N GLY A 7 17.19 -7.78 6.73
CA GLY A 7 17.21 -8.02 5.30
C GLY A 7 18.59 -8.38 4.78
N LYS A 8 18.64 -9.34 3.87
CA LYS A 8 19.90 -9.77 3.29
C LYS A 8 19.71 -10.27 1.86
N PRO A 9 20.81 -10.44 1.10
CA PRO A 9 20.75 -10.91 -0.28
C PRO A 9 20.32 -12.37 -0.38
N SER A 10 19.92 -12.78 -1.58
CA SER A 10 19.48 -14.16 -1.81
C SER A 10 19.94 -14.65 -3.17
N GLN A 11 19.69 -13.84 -4.20
CA GLN A 11 20.07 -14.20 -5.56
C GLN A 11 21.10 -13.21 -6.11
N GLU A 12 21.74 -13.58 -7.21
CA GLU A 12 22.75 -12.73 -7.84
C GLU A 12 22.12 -11.45 -8.38
N GLY A 13 22.40 -10.33 -7.73
CA GLY A 13 21.85 -9.06 -8.18
C GLY A 13 22.89 -7.96 -8.22
N GLY A 14 22.53 -6.83 -8.82
CA GLY A 14 23.46 -5.71 -8.92
C GLY A 14 22.76 -4.37 -8.88
N LYS A 15 22.89 -3.66 -7.77
CA LYS A 15 22.26 -2.36 -7.59
C LYS A 15 20.75 -2.47 -7.55
N GLY A 16 20.14 -2.79 -8.70
CA GLY A 16 18.70 -2.93 -8.76
C GLY A 16 18.27 -4.06 -9.68
N GLY A 17 17.41 -3.74 -10.63
CA GLY A 17 16.93 -4.75 -11.56
C GLY A 17 15.61 -4.38 -12.20
N SER A 18 14.67 -5.31 -12.20
CA SER A 18 13.35 -5.08 -12.78
C SER A 18 12.24 -5.37 -11.77
N GLU A 19 11.00 -5.19 -12.19
CA GLU A 19 9.86 -5.44 -11.33
C GLU A 19 8.73 -6.13 -12.10
N LYS A 20 8.03 -7.03 -11.43
CA LYS A 20 6.92 -7.76 -12.05
C LYS A 20 5.58 -7.12 -11.71
N PRO A 21 4.58 -7.28 -12.59
CA PRO A 21 3.24 -6.71 -12.38
C PRO A 21 2.66 -7.09 -11.01
N LYS A 22 2.49 -6.09 -10.17
CA LYS A 22 1.95 -6.31 -8.83
C LYS A 22 1.01 -5.17 -8.43
N ARG A 23 0.22 -5.40 -7.39
CA ARG A 23 -0.72 -4.39 -6.91
C ARG A 23 -0.06 -3.48 -5.88
N PRO A 24 0.19 -2.20 -6.23
CA PRO A 24 0.83 -1.24 -5.33
C PRO A 24 -0.15 -0.69 -4.30
N VAL A 25 0.35 -0.43 -3.10
CA VAL A 25 -0.48 0.10 -2.02
C VAL A 25 -0.05 1.53 -1.67
N SER A 26 -0.34 2.47 -2.56
CA SER A 26 0.02 3.86 -2.34
C SER A 26 -0.65 4.41 -1.07
N ALA A 27 -0.35 5.66 -0.75
CA ALA A 27 -0.91 6.29 0.43
C ALA A 27 -2.43 6.38 0.35
N MET A 28 -2.93 6.77 -0.81
CA MET A 28 -4.37 6.88 -1.03
C MET A 28 -5.05 5.53 -0.88
N PHE A 29 -4.34 4.47 -1.24
CA PHE A 29 -4.88 3.12 -1.15
C PHE A 29 -4.99 2.68 0.30
N ILE A 30 -4.01 3.05 1.11
CA ILE A 30 -4.01 2.69 2.52
C ILE A 30 -5.16 3.37 3.26
N PHE A 31 -5.34 4.66 2.99
CA PHE A 31 -6.41 5.43 3.62
C PHE A 31 -7.78 4.96 3.14
N SER A 32 -7.86 4.60 1.86
CA SER A 32 -9.11 4.14 1.27
C SER A 32 -9.43 2.71 1.71
N GLU A 33 -8.41 1.99 2.17
CA GLU A 33 -8.59 0.62 2.63
C GLU A 33 -8.73 0.54 4.14
N GLU A 34 -8.11 1.48 4.84
CA GLU A 34 -8.16 1.52 6.29
C GLU A 34 -9.39 2.29 6.79
N LYS A 35 -9.83 3.25 5.98
CA LYS A 35 -10.99 4.06 6.34
C LYS A 35 -12.29 3.38 5.89
N ARG A 36 -12.22 2.66 4.79
CA ARG A 36 -13.39 1.97 4.26
C ARG A 36 -13.93 0.96 5.27
N ARG A 37 -13.02 0.34 6.00
CA ARG A 37 -13.40 -0.66 7.01
C ARG A 37 -13.95 0.02 8.26
N GLN A 38 -13.42 1.21 8.57
CA GLN A 38 -13.85 1.96 9.73
C GLN A 38 -15.23 2.59 9.50
N LEU A 39 -15.51 2.94 8.25
CA LEU A 39 -16.78 3.54 7.90
C LEU A 39 -17.84 2.47 7.66
N GLN A 40 -17.41 1.28 7.24
CA GLN A 40 -18.32 0.18 6.99
C GLN A 40 -19.03 -0.25 8.26
N GLU A 41 -18.25 -0.50 9.31
CA GLU A 41 -18.79 -0.91 10.60
C GLU A 41 -19.62 0.20 11.22
N GLU A 42 -19.08 1.41 11.23
CA GLU A 42 -19.77 2.56 11.80
C GLU A 42 -20.97 2.94 10.97
N ARG A 43 -20.88 2.72 9.66
CA ARG A 43 -21.97 3.04 8.74
C ARG A 43 -22.30 1.84 7.85
N PRO A 44 -23.09 0.90 8.37
CA PRO A 44 -23.49 -0.31 7.61
C PRO A 44 -24.41 0.02 6.44
N GLU A 45 -25.03 1.20 6.49
CA GLU A 45 -25.95 1.62 5.45
C GLU A 45 -25.18 1.97 4.17
N LEU A 46 -23.96 2.46 4.34
CA LEU A 46 -23.12 2.83 3.21
C LEU A 46 -22.35 1.62 2.68
N SER A 47 -22.55 1.31 1.40
CA SER A 47 -21.87 0.17 0.78
C SER A 47 -20.47 0.57 0.32
N GLU A 48 -19.75 -0.39 -0.24
CA GLU A 48 -18.39 -0.14 -0.73
C GLU A 48 -18.40 0.88 -1.86
N SER A 49 -19.33 0.72 -2.78
CA SER A 49 -19.45 1.63 -3.92
C SER A 49 -19.69 3.06 -3.44
N GLU A 50 -20.40 3.20 -2.33
CA GLU A 50 -20.69 4.51 -1.77
C GLU A 50 -19.52 5.03 -0.95
N LEU A 51 -18.79 4.12 -0.33
CA LEU A 51 -17.64 4.48 0.49
C LEU A 51 -16.54 5.11 -0.36
N THR A 52 -16.38 4.60 -1.57
CA THR A 52 -15.37 5.11 -2.48
C THR A 52 -15.56 6.60 -2.74
N ARG A 53 -16.81 7.04 -2.70
CA ARG A 53 -17.13 8.45 -2.94
C ARG A 53 -16.81 9.29 -1.70
N LEU A 54 -16.92 8.69 -0.52
CA LEU A 54 -16.64 9.38 0.73
C LEU A 54 -15.15 9.35 1.05
N LEU A 55 -14.50 8.26 0.68
CA LEU A 55 -13.07 8.10 0.93
C LEU A 55 -12.27 9.11 0.13
N ALA A 56 -12.56 9.20 -1.17
CA ALA A 56 -11.86 10.13 -2.05
C ALA A 56 -11.97 11.57 -1.54
N ARG A 57 -13.08 11.87 -0.87
CA ARG A 57 -13.31 13.20 -0.33
C ARG A 57 -12.61 13.37 1.01
N MET A 58 -12.50 12.28 1.77
CA MET A 58 -11.84 12.32 3.07
C MET A 58 -10.34 12.50 2.93
N TRP A 59 -9.77 11.91 1.88
CA TRP A 59 -8.34 12.02 1.62
C TRP A 59 -7.94 13.46 1.39
N ASN A 60 -8.83 14.23 0.78
CA ASN A 60 -8.56 15.64 0.50
C ASN A 60 -8.56 16.47 1.78
N ASP A 61 -9.38 16.05 2.75
CA ASP A 61 -9.47 16.74 4.02
C ASP A 61 -8.19 16.60 4.83
N LEU A 62 -7.50 15.48 4.63
CA LEU A 62 -6.25 15.22 5.34
C LEU A 62 -5.22 16.30 5.03
N SER A 63 -4.12 16.30 5.79
CA SER A 63 -3.06 17.28 5.60
C SER A 63 -1.72 16.59 5.42
N GLU A 64 -0.68 17.37 5.13
CA GLU A 64 0.66 16.84 4.94
C GLU A 64 1.17 16.17 6.21
N LYS A 65 0.73 16.68 7.35
CA LYS A 65 1.13 16.14 8.65
C LYS A 65 0.43 14.82 8.93
N LYS A 66 -0.84 14.74 8.56
CA LYS A 66 -1.63 13.53 8.77
C LYS A 66 -1.35 12.50 7.69
N LYS A 67 -1.13 12.97 6.46
CA LYS A 67 -0.85 12.09 5.34
C LYS A 67 0.49 11.37 5.53
N ALA A 68 1.39 11.99 6.29
CA ALA A 68 2.70 11.41 6.55
C ALA A 68 2.58 10.00 7.13
N LYS A 69 1.50 9.75 7.85
CA LYS A 69 1.26 8.44 8.45
C LYS A 69 1.14 7.36 7.38
N TYR A 70 0.40 7.68 6.32
CA TYR A 70 0.21 6.73 5.23
C TYR A 70 1.31 6.88 4.18
N LYS A 71 1.81 8.09 4.02
CA LYS A 71 2.86 8.37 3.05
C LYS A 71 4.14 7.64 3.42
N ALA A 72 4.37 7.48 4.72
CA ALA A 72 5.57 6.79 5.21
C ALA A 72 5.49 5.30 4.94
N ARG A 73 4.30 4.73 5.13
CA ARG A 73 4.09 3.31 4.89
C ARG A 73 4.11 2.98 3.40
N GLU A 74 3.74 3.95 2.58
CA GLU A 74 3.71 3.77 1.14
C GLU A 74 5.08 3.38 0.61
N ALA A 75 6.12 4.04 1.14
CA ALA A 75 7.49 3.75 0.72
C ALA A 75 7.88 2.32 1.06
N ALA A 76 7.32 1.79 2.14
CA ALA A 76 7.61 0.43 2.57
C ALA A 76 6.66 -0.57 1.93
N LEU A 77 5.43 -0.13 1.67
CA LEU A 77 4.43 -1.00 1.06
C LEU A 77 4.69 -1.15 -0.43
N LYS A 78 4.98 -0.05 -1.10
CA LYS A 78 5.25 -0.07 -2.54
C LYS A 78 6.45 -0.96 -2.85
N ALA A 79 7.43 -0.96 -1.95
CA ALA A 79 8.64 -1.76 -2.13
C ALA A 79 8.38 -3.21 -1.76
N GLN A 80 7.46 -3.43 -0.81
CA GLN A 80 7.13 -4.78 -0.37
C GLN A 80 6.35 -5.54 -1.44
N SER A 81 5.90 -4.83 -2.48
CA SER A 81 5.15 -5.45 -3.56
C SER A 81 6.08 -5.91 -4.68
N GLU A 82 7.15 -6.61 -4.30
CA GLU A 82 8.12 -7.12 -5.27
C GLU A 82 8.09 -8.64 -5.33
N ARG A 83 7.80 -9.26 -4.19
CA ARG A 83 7.74 -10.72 -4.11
C ARG A 83 6.70 -11.17 -3.09
N LYS A 84 5.54 -11.58 -3.56
CA LYS A 84 4.47 -12.03 -2.68
C LYS A 84 4.07 -13.47 -3.00
N SER A 85 3.94 -13.78 -4.28
CA SER A 85 3.56 -15.11 -4.72
C SER A 85 4.78 -15.90 -5.16
N GLY A 86 4.56 -17.15 -5.56
CA GLY A 86 5.65 -17.99 -6.00
C GLY A 86 5.92 -19.14 -5.05
N PRO A 87 6.63 -20.19 -5.51
CA PRO A 87 6.94 -21.35 -4.67
C PRO A 87 7.61 -20.95 -3.35
N SER A 88 8.05 -21.95 -2.59
CA SER A 88 8.70 -21.71 -1.31
C SER A 88 10.21 -21.55 -1.49
N SER A 89 10.76 -22.27 -2.47
CA SER A 89 12.20 -22.21 -2.74
C SER A 89 12.45 -21.77 -4.18
N GLY A 90 12.64 -20.46 -4.36
CA GLY A 90 12.89 -19.93 -5.68
C GLY A 90 13.03 -18.42 -5.69
N GLY A 1 8.59 -44.16 -1.81
CA GLY A 1 8.57 -44.86 -0.50
C GLY A 1 9.38 -44.13 0.56
N SER A 2 10.70 -44.29 0.50
CA SER A 2 11.58 -43.64 1.46
C SER A 2 11.68 -42.15 1.19
N SER A 3 11.80 -41.79 -0.09
CA SER A 3 11.89 -40.39 -0.49
C SER A 3 10.56 -39.87 -1.01
N GLY A 4 10.30 -38.58 -0.77
CA GLY A 4 9.06 -37.99 -1.23
C GLY A 4 8.73 -36.71 -0.50
N SER A 5 9.17 -35.58 -1.05
CA SER A 5 8.93 -34.28 -0.45
C SER A 5 7.60 -33.70 -0.92
N SER A 6 6.83 -33.18 0.02
CA SER A 6 5.52 -32.60 -0.30
C SER A 6 5.64 -31.09 -0.52
N GLY A 7 5.64 -30.68 -1.78
CA GLY A 7 5.75 -29.27 -2.10
C GLY A 7 5.79 -29.03 -3.59
N LYS A 8 5.00 -29.79 -4.34
CA LYS A 8 4.95 -29.66 -5.79
C LYS A 8 4.06 -28.48 -6.20
N PRO A 9 4.65 -27.39 -6.72
CA PRO A 9 3.90 -26.21 -7.15
C PRO A 9 3.01 -26.49 -8.36
N SER A 10 3.58 -27.20 -9.34
CA SER A 10 2.84 -27.53 -10.55
C SER A 10 2.41 -26.27 -11.29
N GLN A 11 3.37 -25.61 -11.92
CA GLN A 11 3.08 -24.38 -12.66
C GLN A 11 4.35 -23.86 -13.33
N GLU A 12 5.45 -23.85 -12.59
CA GLU A 12 6.73 -23.37 -13.12
C GLU A 12 7.84 -23.56 -12.08
N GLY A 13 8.67 -24.57 -12.30
CA GLY A 13 9.76 -24.85 -11.38
C GLY A 13 10.94 -23.92 -11.60
N GLY A 14 11.46 -23.37 -10.51
CA GLY A 14 12.59 -22.46 -10.60
C GLY A 14 12.79 -21.66 -9.33
N LYS A 15 13.88 -21.94 -8.62
CA LYS A 15 14.19 -21.25 -7.38
C LYS A 15 14.45 -19.76 -7.64
N GLY A 16 13.97 -18.91 -6.74
CA GLY A 16 14.16 -17.48 -6.89
C GLY A 16 14.14 -16.75 -5.57
N GLY A 17 12.98 -16.23 -5.20
CA GLY A 17 12.85 -15.51 -3.95
C GLY A 17 12.60 -14.02 -4.15
N SER A 18 11.98 -13.68 -5.28
CA SER A 18 11.68 -12.29 -5.59
C SER A 18 10.19 -11.99 -5.43
N GLU A 19 9.88 -10.82 -4.90
CA GLU A 19 8.49 -10.42 -4.69
C GLU A 19 7.74 -10.36 -6.01
N LYS A 20 6.66 -11.15 -6.11
CA LYS A 20 5.86 -11.19 -7.33
C LYS A 20 5.19 -9.84 -7.58
N PRO A 21 4.86 -9.55 -8.85
CA PRO A 21 4.22 -8.28 -9.23
C PRO A 21 2.78 -8.19 -8.72
N LYS A 22 2.50 -7.16 -7.93
CA LYS A 22 1.16 -6.96 -7.39
C LYS A 22 0.73 -5.51 -7.55
N ARG A 23 -0.53 -5.24 -7.22
CA ARG A 23 -1.08 -3.88 -7.31
C ARG A 23 -0.40 -2.95 -6.32
N PRO A 24 -0.14 -1.69 -6.71
CA PRO A 24 0.50 -0.70 -5.83
C PRO A 24 -0.42 -0.23 -4.72
N VAL A 25 0.16 0.05 -3.55
CA VAL A 25 -0.61 0.52 -2.41
C VAL A 25 -0.17 1.91 -1.98
N SER A 26 -0.57 2.92 -2.75
CA SER A 26 -0.21 4.30 -2.45
C SER A 26 -0.90 4.77 -1.17
N ALA A 27 -0.55 5.99 -0.73
CA ALA A 27 -1.14 6.56 0.47
C ALA A 27 -2.65 6.65 0.35
N MET A 28 -3.13 6.84 -0.87
CA MET A 28 -4.57 6.96 -1.12
C MET A 28 -5.27 5.62 -0.93
N PHE A 29 -4.55 4.54 -1.21
CA PHE A 29 -5.10 3.20 -1.07
C PHE A 29 -5.18 2.79 0.41
N ILE A 30 -4.12 3.09 1.16
CA ILE A 30 -4.07 2.76 2.57
C ILE A 30 -5.19 3.44 3.34
N PHE A 31 -5.44 4.70 3.01
CA PHE A 31 -6.49 5.48 3.66
C PHE A 31 -7.87 5.03 3.19
N SER A 32 -7.96 4.68 1.91
CA SER A 32 -9.22 4.23 1.33
C SER A 32 -9.56 2.81 1.77
N GLU A 33 -8.54 2.05 2.15
CA GLU A 33 -8.73 0.67 2.59
C GLU A 33 -8.81 0.58 4.11
N GLU A 34 -8.07 1.46 4.78
CA GLU A 34 -8.04 1.48 6.24
C GLU A 34 -9.28 2.18 6.81
N LYS A 35 -9.77 3.18 6.08
CA LYS A 35 -10.95 3.93 6.50
C LYS A 35 -12.23 3.21 6.11
N ARG A 36 -12.14 2.36 5.09
CA ARG A 36 -13.31 1.61 4.62
C ARG A 36 -13.92 0.79 5.75
N ARG A 37 -13.11 -0.06 6.37
CA ARG A 37 -13.58 -0.90 7.47
C ARG A 37 -14.10 -0.06 8.62
N GLN A 38 -13.55 1.16 8.75
CA GLN A 38 -13.96 2.07 9.82
C GLN A 38 -15.30 2.72 9.50
N LEU A 39 -15.56 2.92 8.21
CA LEU A 39 -16.79 3.53 7.76
C LEU A 39 -17.89 2.48 7.61
N GLN A 40 -17.49 1.25 7.28
CA GLN A 40 -18.44 0.16 7.10
C GLN A 40 -19.06 -0.24 8.43
N GLU A 41 -18.22 -0.37 9.46
CA GLU A 41 -18.68 -0.75 10.79
C GLU A 41 -19.47 0.38 11.44
N GLU A 42 -18.93 1.59 11.36
CA GLU A 42 -19.58 2.75 11.94
C GLU A 42 -20.79 3.17 11.11
N ARG A 43 -20.70 2.97 9.81
CA ARG A 43 -21.79 3.33 8.90
C ARG A 43 -22.09 2.18 7.94
N PRO A 44 -22.90 1.20 8.37
CA PRO A 44 -23.26 0.05 7.53
C PRO A 44 -24.10 0.45 6.33
N GLU A 45 -24.66 1.66 6.37
CA GLU A 45 -25.48 2.15 5.27
C GLU A 45 -24.63 2.45 4.04
N LEU A 46 -23.38 2.86 4.28
CA LEU A 46 -22.46 3.17 3.18
C LEU A 46 -21.83 1.90 2.63
N SER A 47 -22.15 1.59 1.37
CA SER A 47 -21.61 0.40 0.72
C SER A 47 -20.19 0.65 0.23
N GLU A 48 -19.56 -0.39 -0.32
CA GLU A 48 -18.21 -0.27 -0.83
C GLU A 48 -18.10 0.79 -1.91
N SER A 49 -18.94 0.68 -2.93
CA SER A 49 -18.95 1.64 -4.03
C SER A 49 -19.27 3.04 -3.52
N GLU A 50 -20.05 3.11 -2.46
CA GLU A 50 -20.43 4.40 -1.87
C GLU A 50 -19.29 4.96 -1.03
N LEU A 51 -18.51 4.08 -0.42
CA LEU A 51 -17.39 4.49 0.41
C LEU A 51 -16.27 5.09 -0.44
N THR A 52 -16.16 4.61 -1.67
CA THR A 52 -15.12 5.10 -2.59
C THR A 52 -15.25 6.61 -2.79
N ARG A 53 -16.47 7.11 -2.70
CA ARG A 53 -16.72 8.54 -2.87
C ARG A 53 -16.38 9.31 -1.60
N LEU A 54 -16.74 8.74 -0.46
CA LEU A 54 -16.46 9.38 0.82
C LEU A 54 -14.98 9.34 1.15
N LEU A 55 -14.30 8.28 0.71
CA LEU A 55 -12.88 8.13 0.96
C LEU A 55 -12.07 9.09 0.10
N ALA A 56 -12.45 9.22 -1.17
CA ALA A 56 -11.76 10.12 -2.09
C ALA A 56 -11.85 11.56 -1.62
N ARG A 57 -12.95 11.89 -0.94
CA ARG A 57 -13.16 13.24 -0.44
C ARG A 57 -12.46 13.45 0.89
N MET A 58 -12.53 12.44 1.76
CA MET A 58 -11.90 12.51 3.08
C MET A 58 -10.39 12.70 2.94
N TRP A 59 -9.80 12.06 1.94
CA TRP A 59 -8.36 12.15 1.71
C TRP A 59 -7.95 13.60 1.45
N ASN A 60 -8.78 14.32 0.69
CA ASN A 60 -8.51 15.71 0.37
C ASN A 60 -8.55 16.58 1.62
N ASP A 61 -9.39 16.20 2.57
CA ASP A 61 -9.53 16.93 3.82
C ASP A 61 -8.31 16.74 4.71
N LEU A 62 -7.66 15.59 4.58
CA LEU A 62 -6.48 15.28 5.38
C LEU A 62 -5.39 16.32 5.17
N SER A 63 -4.49 16.43 6.14
CA SER A 63 -3.39 17.38 6.06
C SER A 63 -2.06 16.67 5.81
N GLU A 64 -0.99 17.45 5.72
CA GLU A 64 0.34 16.89 5.48
C GLU A 64 0.77 16.00 6.66
N LYS A 65 0.55 16.49 7.87
CA LYS A 65 0.92 15.74 9.07
C LYS A 65 0.14 14.43 9.15
N LYS A 66 -1.12 14.47 8.74
CA LYS A 66 -1.98 13.29 8.77
C LYS A 66 -1.67 12.38 7.59
N LYS A 67 -1.31 12.97 6.46
CA LYS A 67 -0.99 12.21 5.26
C LYS A 67 0.37 11.53 5.38
N ALA A 68 1.26 12.13 6.16
CA ALA A 68 2.59 11.58 6.36
C ALA A 68 2.53 10.16 6.89
N LYS A 69 1.47 9.86 7.64
CA LYS A 69 1.29 8.52 8.21
C LYS A 69 1.15 7.47 7.11
N TYR A 70 0.30 7.76 6.14
CA TYR A 70 0.07 6.85 5.02
C TYR A 70 1.13 7.02 3.95
N LYS A 71 1.62 8.24 3.79
CA LYS A 71 2.64 8.54 2.80
C LYS A 71 3.94 7.81 3.11
N ALA A 72 4.20 7.60 4.40
CA ALA A 72 5.40 6.92 4.85
C ALA A 72 5.30 5.41 4.62
N ARG A 73 4.15 4.85 4.96
CA ARG A 73 3.92 3.42 4.79
C ARG A 73 4.06 3.01 3.33
N GLU A 74 3.76 3.95 2.43
CA GLU A 74 3.84 3.69 0.99
C GLU A 74 5.25 3.22 0.60
N ALA A 75 6.25 3.76 1.27
CA ALA A 75 7.64 3.40 0.99
C ALA A 75 7.89 1.92 1.30
N ALA A 76 7.15 1.39 2.26
CA ALA A 76 7.29 -0.01 2.65
C ALA A 76 6.36 -0.91 1.84
N LEU A 77 5.23 -0.35 1.42
CA LEU A 77 4.25 -1.11 0.65
C LEU A 77 4.68 -1.22 -0.81
N LYS A 78 5.39 -0.22 -1.30
CA LYS A 78 5.86 -0.21 -2.68
C LYS A 78 6.77 -1.39 -2.95
N ALA A 79 7.49 -1.83 -1.92
CA ALA A 79 8.41 -2.96 -2.04
C ALA A 79 7.64 -4.26 -2.24
N GLN A 80 6.46 -4.35 -1.62
CA GLN A 80 5.63 -5.55 -1.74
C GLN A 80 5.27 -5.83 -3.20
N SER A 81 5.37 -4.80 -4.05
CA SER A 81 5.04 -4.95 -5.46
C SER A 81 6.21 -5.55 -6.23
N GLU A 82 7.41 -5.07 -5.96
CA GLU A 82 8.61 -5.56 -6.63
C GLU A 82 9.74 -5.83 -5.64
N ARG A 83 9.94 -4.91 -4.71
CA ARG A 83 10.99 -5.04 -3.71
C ARG A 83 12.37 -4.92 -4.33
N LYS A 84 12.58 -3.83 -5.07
CA LYS A 84 13.86 -3.59 -5.73
C LYS A 84 14.39 -2.20 -5.38
N SER A 85 13.64 -1.17 -5.74
CA SER A 85 14.03 0.21 -5.47
C SER A 85 13.53 0.65 -4.10
N GLY A 86 14.04 1.79 -3.64
CA GLY A 86 13.64 2.31 -2.35
C GLY A 86 13.60 3.83 -2.31
N PRO A 87 13.85 4.43 -1.13
CA PRO A 87 13.85 5.89 -0.98
C PRO A 87 15.03 6.55 -1.69
N SER A 88 14.82 6.95 -2.93
CA SER A 88 15.86 7.60 -3.71
C SER A 88 15.51 9.05 -4.03
N SER A 89 14.24 9.28 -4.36
CA SER A 89 13.76 10.62 -4.68
C SER A 89 13.89 11.55 -3.47
N GLY A 90 13.68 12.84 -3.69
CA GLY A 90 13.77 13.81 -2.62
C GLY A 90 13.04 15.10 -2.93
N GLY A 1 34.89 -1.30 12.08
CA GLY A 1 34.64 -0.96 10.65
C GLY A 1 34.89 0.50 10.36
N SER A 2 35.10 0.83 9.09
CA SER A 2 35.34 2.20 8.68
C SER A 2 34.43 2.60 7.53
N SER A 3 33.22 2.04 7.52
CA SER A 3 32.25 2.34 6.48
C SER A 3 30.82 2.15 7.00
N GLY A 4 30.62 2.41 8.28
CA GLY A 4 29.31 2.27 8.88
C GLY A 4 29.30 1.25 10.00
N SER A 5 28.78 0.06 9.71
CA SER A 5 28.70 -1.00 10.70
C SER A 5 28.96 -2.37 10.06
N SER A 6 29.38 -3.33 10.86
CA SER A 6 29.65 -4.68 10.37
C SER A 6 30.75 -4.66 9.31
N GLY A 7 31.27 -5.83 8.97
CA GLY A 7 32.30 -5.93 7.97
C GLY A 7 32.01 -6.98 6.92
N LYS A 8 32.46 -8.20 7.15
CA LYS A 8 32.23 -9.29 6.22
C LYS A 8 31.30 -10.34 6.83
N PRO A 9 30.13 -10.57 6.20
CA PRO A 9 29.15 -11.54 6.69
C PRO A 9 29.77 -12.92 6.92
N SER A 10 29.82 -13.33 8.18
CA SER A 10 30.38 -14.62 8.55
C SER A 10 29.31 -15.71 8.54
N GLN A 11 28.15 -15.39 9.10
CA GLN A 11 27.05 -16.35 9.16
C GLN A 11 25.73 -15.67 8.78
N GLU A 12 25.23 -15.99 7.58
CA GLU A 12 23.99 -15.42 7.09
C GLU A 12 23.46 -16.19 5.89
N GLY A 13 22.67 -17.22 6.16
CA GLY A 13 22.12 -18.03 5.09
C GLY A 13 20.97 -18.91 5.55
N GLY A 14 19.86 -18.29 5.92
CA GLY A 14 18.71 -19.04 6.38
C GLY A 14 17.49 -18.84 5.50
N LYS A 15 17.34 -17.63 4.98
CA LYS A 15 16.20 -17.30 4.11
C LYS A 15 16.55 -17.57 2.66
N GLY A 16 15.54 -17.55 1.80
CA GLY A 16 15.75 -17.79 0.38
C GLY A 16 14.59 -17.32 -0.47
N GLY A 17 14.01 -16.19 -0.09
CA GLY A 17 12.89 -15.65 -0.84
C GLY A 17 11.96 -14.81 0.02
N SER A 18 11.15 -13.98 -0.61
CA SER A 18 10.21 -13.13 0.11
C SER A 18 9.31 -12.37 -0.86
N GLU A 19 8.46 -11.49 -0.32
CA GLU A 19 7.55 -10.71 -1.14
C GLU A 19 6.61 -11.62 -1.93
N LYS A 20 5.68 -11.00 -2.65
CA LYS A 20 4.71 -11.76 -3.45
C LYS A 20 4.02 -10.85 -4.46
N PRO A 21 3.49 -11.43 -5.55
CA PRO A 21 2.78 -10.67 -6.59
C PRO A 21 1.46 -10.09 -6.11
N LYS A 22 1.41 -8.77 -5.95
CA LYS A 22 0.21 -8.10 -5.49
C LYS A 22 0.08 -6.72 -6.13
N ARG A 23 -1.05 -6.07 -5.90
CA ARG A 23 -1.30 -4.74 -6.45
C ARG A 23 -0.62 -3.67 -5.60
N PRO A 24 -0.13 -2.59 -6.24
CA PRO A 24 0.55 -1.49 -5.53
C PRO A 24 -0.30 -0.93 -4.40
N VAL A 25 0.30 -0.07 -3.59
CA VAL A 25 -0.41 0.55 -2.47
C VAL A 25 0.18 1.91 -2.13
N SER A 26 -0.52 2.96 -2.56
CA SER A 26 -0.06 4.33 -2.30
C SER A 26 -0.73 4.90 -1.06
N ALA A 27 -0.39 6.14 -0.72
CA ALA A 27 -0.96 6.80 0.45
C ALA A 27 -2.48 6.86 0.36
N MET A 28 -2.99 7.07 -0.85
CA MET A 28 -4.43 7.15 -1.07
C MET A 28 -5.07 5.77 -0.99
N PHE A 29 -4.30 4.74 -1.33
CA PHE A 29 -4.79 3.37 -1.30
C PHE A 29 -4.91 2.86 0.14
N ILE A 30 -3.95 3.26 0.98
CA ILE A 30 -3.94 2.86 2.37
C ILE A 30 -5.11 3.46 3.13
N PHE A 31 -5.32 4.76 2.95
CA PHE A 31 -6.40 5.46 3.61
C PHE A 31 -7.76 4.96 3.14
N SER A 32 -7.89 4.77 1.83
CA SER A 32 -9.13 4.27 1.25
C SER A 32 -9.39 2.81 1.62
N GLU A 33 -8.35 2.14 2.12
CA GLU A 33 -8.48 0.74 2.49
C GLU A 33 -8.55 0.58 4.02
N GLU A 34 -7.90 1.49 4.73
CA GLU A 34 -7.88 1.45 6.18
C GLU A 34 -9.12 2.14 6.76
N LYS A 35 -9.61 3.15 6.07
CA LYS A 35 -10.78 3.89 6.51
C LYS A 35 -12.08 3.22 6.03
N ARG A 36 -11.97 2.42 4.97
CA ARG A 36 -13.13 1.72 4.43
C ARG A 36 -13.85 0.90 5.50
N ARG A 37 -13.07 0.12 6.25
CA ARG A 37 -13.64 -0.71 7.31
C ARG A 37 -14.17 0.14 8.45
N GLN A 38 -13.61 1.33 8.61
CA GLN A 38 -14.03 2.24 9.67
C GLN A 38 -15.38 2.87 9.35
N LEU A 39 -15.59 3.21 8.09
CA LEU A 39 -16.84 3.82 7.64
C LEU A 39 -17.93 2.75 7.48
N GLN A 40 -17.51 1.53 7.16
CA GLN A 40 -18.45 0.43 6.97
C GLN A 40 -19.30 0.21 8.21
N GLU A 41 -18.64 -0.03 9.34
CA GLU A 41 -19.33 -0.25 10.60
C GLU A 41 -20.20 0.94 10.97
N GLU A 42 -19.61 2.13 10.91
CA GLU A 42 -20.33 3.37 11.24
C GLU A 42 -21.49 3.58 10.28
N ARG A 43 -21.31 3.17 9.03
CA ARG A 43 -22.35 3.33 8.02
C ARG A 43 -22.70 1.99 7.39
N PRO A 44 -23.50 1.16 8.10
CA PRO A 44 -23.92 -0.15 7.61
C PRO A 44 -24.89 -0.05 6.43
N GLU A 45 -25.49 1.11 6.24
CA GLU A 45 -26.43 1.32 5.16
C GLU A 45 -25.69 1.50 3.83
N LEU A 46 -24.52 2.12 3.89
CA LEU A 46 -23.72 2.35 2.70
C LEU A 46 -22.91 1.11 2.33
N SER A 47 -22.64 0.95 1.04
CA SER A 47 -21.87 -0.19 0.56
C SER A 47 -20.42 0.19 0.30
N GLU A 48 -19.64 -0.76 -0.21
CA GLU A 48 -18.23 -0.52 -0.51
C GLU A 48 -18.08 0.52 -1.60
N SER A 49 -18.82 0.35 -2.69
CA SER A 49 -18.75 1.29 -3.81
C SER A 49 -19.15 2.69 -3.37
N GLU A 50 -20.02 2.78 -2.38
CA GLU A 50 -20.47 4.06 -1.86
C GLU A 50 -19.43 4.68 -0.94
N LEU A 51 -18.66 3.83 -0.26
CA LEU A 51 -17.62 4.30 0.66
C LEU A 51 -16.45 4.88 -0.12
N THR A 52 -16.20 4.36 -1.31
CA THR A 52 -15.10 4.83 -2.14
C THR A 52 -15.25 6.32 -2.45
N ARG A 53 -16.48 6.74 -2.71
CA ARG A 53 -16.76 8.14 -3.03
C ARG A 53 -16.48 9.03 -1.83
N LEU A 54 -16.92 8.60 -0.65
CA LEU A 54 -16.71 9.36 0.58
C LEU A 54 -15.25 9.31 1.01
N LEU A 55 -14.58 8.20 0.72
CA LEU A 55 -13.18 8.04 1.07
C LEU A 55 -12.30 9.04 0.33
N ALA A 56 -12.62 9.26 -0.95
CA ALA A 56 -11.86 10.20 -1.77
C ALA A 56 -11.93 11.62 -1.20
N ARG A 57 -13.06 11.95 -0.61
CA ARG A 57 -13.26 13.27 -0.02
C ARG A 57 -12.54 13.39 1.32
N MET A 58 -12.60 12.33 2.12
CA MET A 58 -11.95 12.31 3.42
C MET A 58 -10.44 12.54 3.28
N TRP A 59 -9.87 12.04 2.20
CA TRP A 59 -8.43 12.19 1.96
C TRP A 59 -8.07 13.66 1.78
N ASN A 60 -8.96 14.43 1.16
CA ASN A 60 -8.73 15.85 0.94
C ASN A 60 -8.80 16.62 2.25
N ASP A 61 -9.67 16.19 3.15
CA ASP A 61 -9.83 16.85 4.44
C ASP A 61 -8.59 16.67 5.30
N LEU A 62 -7.87 15.58 5.07
CA LEU A 62 -6.65 15.29 5.82
C LEU A 62 -5.65 16.45 5.72
N SER A 63 -4.54 16.32 6.45
CA SER A 63 -3.52 17.35 6.44
C SER A 63 -2.17 16.78 6.01
N GLU A 64 -1.15 17.62 5.96
CA GLU A 64 0.19 17.20 5.58
C GLU A 64 0.78 16.25 6.62
N LYS A 65 0.38 16.42 7.87
CA LYS A 65 0.87 15.58 8.96
C LYS A 65 0.17 14.22 8.95
N LYS A 66 -1.15 14.25 8.82
CA LYS A 66 -1.94 13.02 8.81
C LYS A 66 -1.65 12.20 7.56
N LYS A 67 -1.32 12.88 6.47
CA LYS A 67 -1.03 12.21 5.21
C LYS A 67 0.38 11.61 5.23
N ALA A 68 1.28 12.24 5.98
CA ALA A 68 2.65 11.77 6.08
C ALA A 68 2.71 10.35 6.61
N LYS A 69 1.73 9.99 7.44
CA LYS A 69 1.67 8.65 8.03
C LYS A 69 1.49 7.60 6.95
N TYR A 70 0.53 7.82 6.05
CA TYR A 70 0.24 6.89 4.97
C TYR A 70 1.32 6.96 3.89
N LYS A 71 1.77 8.18 3.59
CA LYS A 71 2.80 8.39 2.58
C LYS A 71 4.08 7.65 2.94
N ALA A 72 4.33 7.50 4.24
CA ALA A 72 5.52 6.83 4.72
C ALA A 72 5.42 5.31 4.51
N ARG A 73 4.22 4.78 4.70
CA ARG A 73 3.98 3.35 4.53
C ARG A 73 4.17 2.93 3.08
N GLU A 74 3.89 3.85 2.16
CA GLU A 74 4.02 3.58 0.73
C GLU A 74 5.44 3.15 0.39
N ALA A 75 6.41 3.65 1.15
CA ALA A 75 7.80 3.31 0.92
C ALA A 75 8.09 1.85 1.27
N ALA A 76 7.34 1.33 2.24
CA ALA A 76 7.51 -0.06 2.67
C ALA A 76 6.54 -0.98 1.94
N LEU A 77 5.37 -0.45 1.59
CA LEU A 77 4.36 -1.23 0.89
C LEU A 77 4.76 -1.46 -0.56
N LYS A 78 5.37 -0.45 -1.18
CA LYS A 78 5.79 -0.55 -2.57
C LYS A 78 6.78 -1.68 -2.75
N ALA A 79 7.65 -1.88 -1.76
CA ALA A 79 8.66 -2.94 -1.82
C ALA A 79 8.00 -4.31 -1.84
N GLN A 80 6.88 -4.44 -1.13
CA GLN A 80 6.16 -5.71 -1.07
C GLN A 80 5.47 -6.02 -2.39
N SER A 81 5.03 -4.97 -3.08
CA SER A 81 4.36 -5.12 -4.37
C SER A 81 5.33 -4.90 -5.52
N GLU A 82 6.58 -5.31 -5.34
CA GLU A 82 7.60 -5.16 -6.36
C GLU A 82 8.38 -6.46 -6.54
N ARG A 83 7.88 -7.33 -7.41
CA ARG A 83 8.54 -8.60 -7.68
C ARG A 83 8.49 -8.94 -9.17
N LYS A 84 9.65 -8.82 -9.83
CA LYS A 84 9.74 -9.11 -11.25
C LYS A 84 10.92 -10.03 -11.54
N SER A 85 11.21 -10.92 -10.61
CA SER A 85 12.31 -11.86 -10.77
C SER A 85 11.94 -13.00 -11.72
N GLY A 86 11.70 -12.64 -12.98
CA GLY A 86 11.33 -13.63 -13.98
C GLY A 86 10.07 -13.25 -14.73
N PRO A 87 9.72 -14.02 -15.78
CA PRO A 87 8.52 -13.75 -16.58
C PRO A 87 7.23 -14.03 -15.81
N SER A 88 7.31 -14.92 -14.84
CA SER A 88 6.15 -15.28 -14.03
C SER A 88 5.04 -15.86 -14.89
N SER A 89 4.02 -16.41 -14.24
CA SER A 89 2.89 -17.00 -14.95
C SER A 89 1.88 -15.93 -15.37
N GLY A 90 1.74 -14.91 -14.54
CA GLY A 90 0.81 -13.83 -14.84
C GLY A 90 -0.63 -14.24 -14.63
N GLY A 1 11.17 29.45 -21.49
CA GLY A 1 11.74 28.15 -21.04
C GLY A 1 11.12 27.65 -19.76
N SER A 2 11.37 28.36 -18.67
CA SER A 2 10.82 27.99 -17.36
C SER A 2 9.35 28.39 -17.25
N SER A 3 8.76 28.12 -16.09
CA SER A 3 7.36 28.45 -15.86
C SER A 3 6.45 27.72 -16.85
N GLY A 4 5.18 28.10 -16.86
CA GLY A 4 4.22 27.47 -17.76
C GLY A 4 3.24 26.58 -17.03
N SER A 5 2.12 26.28 -17.69
CA SER A 5 1.09 25.45 -17.11
C SER A 5 1.49 23.97 -17.14
N SER A 6 0.69 23.13 -16.49
CA SER A 6 0.98 21.70 -16.44
C SER A 6 1.00 21.10 -17.85
N GLY A 7 1.85 20.09 -18.03
CA GLY A 7 1.95 19.45 -19.33
C GLY A 7 2.77 18.17 -19.28
N LYS A 8 3.97 18.22 -19.84
CA LYS A 8 4.85 17.05 -19.86
C LYS A 8 6.09 17.29 -19.01
N PRO A 9 6.02 16.97 -17.70
CA PRO A 9 7.15 17.15 -16.78
C PRO A 9 8.44 16.51 -17.31
N SER A 10 9.55 16.82 -16.65
CA SER A 10 10.84 16.28 -17.05
C SER A 10 11.91 16.59 -15.99
N GLN A 11 12.44 15.55 -15.37
CA GLN A 11 13.46 15.70 -14.35
C GLN A 11 14.48 14.57 -14.42
N GLU A 12 15.76 14.94 -14.49
CA GLU A 12 16.84 13.95 -14.56
C GLU A 12 17.58 13.87 -13.24
N GLY A 13 17.20 12.90 -12.41
CA GLY A 13 17.84 12.74 -11.12
C GLY A 13 18.77 11.53 -11.08
N GLY A 14 18.42 10.50 -11.84
CA GLY A 14 19.24 9.30 -11.88
C GLY A 14 18.61 8.15 -11.12
N LYS A 15 19.08 6.93 -11.40
CA LYS A 15 18.56 5.74 -10.74
C LYS A 15 17.07 5.58 -11.01
N GLY A 16 16.56 4.37 -10.77
CA GLY A 16 15.15 4.11 -10.99
C GLY A 16 14.58 3.09 -10.01
N GLY A 17 13.34 3.29 -9.62
CA GLY A 17 12.71 2.37 -8.68
C GLY A 17 11.56 1.60 -9.31
N SER A 18 11.82 0.35 -9.69
CA SER A 18 10.81 -0.49 -10.31
C SER A 18 11.15 -1.97 -10.13
N GLU A 19 10.12 -2.81 -10.22
CA GLU A 19 10.31 -4.25 -10.08
C GLU A 19 9.51 -5.02 -11.12
N LYS A 20 8.19 -4.97 -11.01
CA LYS A 20 7.31 -5.65 -11.95
C LYS A 20 5.93 -5.01 -11.99
N PRO A 21 5.21 -5.15 -13.10
CA PRO A 21 3.86 -4.57 -13.26
C PRO A 21 2.85 -5.22 -12.32
N LYS A 22 2.42 -4.45 -11.32
CA LYS A 22 1.45 -4.95 -10.35
C LYS A 22 0.76 -3.79 -9.62
N ARG A 23 -0.49 -4.00 -9.22
CA ARG A 23 -1.25 -2.97 -8.53
C ARG A 23 -0.54 -2.53 -7.25
N PRO A 24 -0.01 -1.30 -7.24
CA PRO A 24 0.70 -0.77 -6.07
C PRO A 24 -0.25 -0.33 -4.96
N VAL A 25 0.32 0.12 -3.84
CA VAL A 25 -0.49 0.56 -2.71
C VAL A 25 -0.12 1.98 -2.30
N SER A 26 -0.56 2.95 -3.10
CA SER A 26 -0.29 4.36 -2.83
C SER A 26 -0.82 4.76 -1.46
N ALA A 27 -0.41 5.93 -0.99
CA ALA A 27 -0.85 6.43 0.31
C ALA A 27 -2.37 6.57 0.36
N MET A 28 -2.97 6.85 -0.80
CA MET A 28 -4.42 7.00 -0.89
C MET A 28 -5.12 5.66 -0.72
N PHE A 29 -4.46 4.59 -1.15
CA PHE A 29 -5.02 3.25 -1.05
C PHE A 29 -5.15 2.83 0.40
N ILE A 30 -4.12 3.11 1.19
CA ILE A 30 -4.12 2.76 2.61
C ILE A 30 -5.27 3.45 3.34
N PHE A 31 -5.47 4.73 3.04
CA PHE A 31 -6.55 5.49 3.67
C PHE A 31 -7.91 5.02 3.19
N SER A 32 -8.03 4.76 1.90
CA SER A 32 -9.28 4.30 1.30
C SER A 32 -9.55 2.84 1.66
N GLU A 33 -8.53 2.15 2.17
CA GLU A 33 -8.67 0.74 2.55
C GLU A 33 -8.80 0.59 4.06
N GLU A 34 -8.15 1.49 4.80
CA GLU A 34 -8.19 1.45 6.26
C GLU A 34 -9.42 2.18 6.79
N LYS A 35 -9.74 3.32 6.17
CA LYS A 35 -10.90 4.11 6.60
C LYS A 35 -12.21 3.42 6.19
N ARG A 36 -12.16 2.66 5.11
CA ARG A 36 -13.34 1.96 4.62
C ARG A 36 -13.91 1.03 5.69
N ARG A 37 -13.03 0.30 6.37
CA ARG A 37 -13.44 -0.62 7.41
C ARG A 37 -14.01 0.14 8.61
N GLN A 38 -13.51 1.34 8.83
CA GLN A 38 -13.97 2.17 9.94
C GLN A 38 -15.35 2.74 9.65
N LEU A 39 -15.62 3.04 8.38
CA LEU A 39 -16.90 3.59 7.98
C LEU A 39 -17.93 2.48 7.75
N GLN A 40 -17.45 1.33 7.31
CA GLN A 40 -18.31 0.19 7.05
C GLN A 40 -19.05 -0.24 8.32
N GLU A 41 -18.32 -0.34 9.42
CA GLU A 41 -18.90 -0.74 10.70
C GLU A 41 -19.85 0.33 11.21
N GLU A 42 -19.49 1.60 11.00
CA GLU A 42 -20.32 2.72 11.43
C GLU A 42 -21.54 2.87 10.54
N ARG A 43 -21.37 2.55 9.26
CA ARG A 43 -22.46 2.67 8.29
C ARG A 43 -22.55 1.40 7.43
N PRO A 44 -23.24 0.37 7.94
CA PRO A 44 -23.40 -0.90 7.21
C PRO A 44 -24.27 -0.75 5.97
N GLU A 45 -25.06 0.32 5.93
CA GLU A 45 -25.94 0.57 4.79
C GLU A 45 -25.13 0.94 3.55
N LEU A 46 -24.01 1.63 3.77
CA LEU A 46 -23.16 2.06 2.67
C LEU A 46 -22.25 0.91 2.21
N SER A 47 -22.16 0.73 0.90
CA SER A 47 -21.34 -0.33 0.34
C SER A 47 -19.94 0.18 0.00
N GLU A 48 -19.08 -0.72 -0.45
CA GLU A 48 -17.71 -0.36 -0.82
C GLU A 48 -17.71 0.68 -1.94
N SER A 49 -18.64 0.54 -2.87
CA SER A 49 -18.74 1.46 -3.99
C SER A 49 -19.13 2.86 -3.52
N GLU A 50 -19.91 2.92 -2.45
CA GLU A 50 -20.36 4.19 -1.90
C GLU A 50 -19.28 4.82 -1.02
N LEU A 51 -18.51 3.96 -0.36
CA LEU A 51 -17.44 4.43 0.52
C LEU A 51 -16.26 4.97 -0.30
N THR A 52 -16.06 4.40 -1.48
CA THR A 52 -14.97 4.82 -2.36
C THR A 52 -15.09 6.31 -2.70
N ARG A 53 -16.32 6.79 -2.76
CA ARG A 53 -16.57 8.20 -3.08
C ARG A 53 -16.30 9.08 -1.87
N LEU A 54 -16.84 8.69 -0.73
CA LEU A 54 -16.65 9.46 0.51
C LEU A 54 -15.19 9.45 0.94
N LEU A 55 -14.50 8.34 0.64
CA LEU A 55 -13.09 8.21 0.99
C LEU A 55 -12.23 9.21 0.23
N ALA A 56 -12.53 9.39 -1.05
CA ALA A 56 -11.79 10.33 -1.88
C ALA A 56 -11.85 11.74 -1.31
N ARG A 57 -13.00 12.09 -0.74
CA ARG A 57 -13.18 13.42 -0.16
C ARG A 57 -12.47 13.52 1.18
N MET A 58 -12.51 12.46 1.97
CA MET A 58 -11.87 12.44 3.27
C MET A 58 -10.36 12.61 3.13
N TRP A 59 -9.81 12.07 2.05
CA TRP A 59 -8.38 12.15 1.79
C TRP A 59 -7.94 13.61 1.61
N ASN A 60 -8.79 14.39 0.94
CA ASN A 60 -8.49 15.80 0.69
C ASN A 60 -8.60 16.61 1.98
N ASP A 61 -9.53 16.21 2.85
CA ASP A 61 -9.73 16.90 4.11
C ASP A 61 -8.51 16.75 5.02
N LEU A 62 -7.81 15.64 4.86
CA LEU A 62 -6.62 15.37 5.67
C LEU A 62 -5.58 16.48 5.49
N SER A 63 -4.49 16.39 6.25
CA SER A 63 -3.42 17.37 6.18
C SER A 63 -2.10 16.72 5.81
N GLU A 64 -1.10 17.55 5.48
CA GLU A 64 0.21 17.05 5.10
C GLU A 64 0.85 16.26 6.25
N LYS A 65 0.51 16.65 7.47
CA LYS A 65 1.06 15.98 8.66
C LYS A 65 0.39 14.61 8.86
N LYS A 66 -0.93 14.58 8.70
CA LYS A 66 -1.67 13.33 8.86
C LYS A 66 -1.40 12.38 7.70
N LYS A 67 -1.32 12.93 6.50
CA LYS A 67 -1.07 12.12 5.31
C LYS A 67 0.30 11.45 5.38
N ALA A 68 1.23 12.06 6.10
CA ALA A 68 2.58 11.53 6.26
C ALA A 68 2.54 10.12 6.84
N LYS A 69 1.52 9.84 7.65
CA LYS A 69 1.37 8.53 8.27
C LYS A 69 1.24 7.44 7.21
N TYR A 70 0.37 7.67 6.23
CA TYR A 70 0.15 6.70 5.16
C TYR A 70 1.22 6.84 4.08
N LYS A 71 1.70 8.07 3.89
CA LYS A 71 2.73 8.34 2.89
C LYS A 71 4.02 7.60 3.21
N ALA A 72 4.28 7.41 4.50
CA ALA A 72 5.49 6.72 4.94
C ALA A 72 5.39 5.22 4.66
N ARG A 73 4.24 4.63 4.97
CA ARG A 73 4.02 3.21 4.77
C ARG A 73 4.10 2.86 3.28
N GLU A 74 3.77 3.84 2.43
CA GLU A 74 3.80 3.63 0.98
C GLU A 74 5.20 3.21 0.52
N ALA A 75 6.22 3.81 1.10
CA ALA A 75 7.59 3.51 0.75
C ALA A 75 7.90 2.02 0.98
N ALA A 76 7.25 1.44 1.99
CA ALA A 76 7.45 0.04 2.31
C ALA A 76 6.42 -0.85 1.63
N LEU A 77 5.22 -0.30 1.40
CA LEU A 77 4.15 -1.03 0.75
C LEU A 77 4.44 -1.21 -0.74
N LYS A 78 5.04 -0.19 -1.36
CA LYS A 78 5.36 -0.24 -2.77
C LYS A 78 6.40 -1.32 -3.06
N ALA A 79 7.27 -1.57 -2.08
CA ALA A 79 8.31 -2.59 -2.22
C ALA A 79 7.72 -3.99 -2.22
N GLN A 80 6.59 -4.16 -1.53
CA GLN A 80 5.93 -5.45 -1.44
C GLN A 80 5.57 -5.98 -2.83
N SER A 81 5.48 -5.07 -3.80
CA SER A 81 5.13 -5.45 -5.17
C SER A 81 6.05 -6.56 -5.68
N GLU A 82 7.27 -6.61 -5.16
CA GLU A 82 8.23 -7.64 -5.56
C GLU A 82 9.04 -8.12 -4.36
N ARG A 83 8.78 -9.35 -3.93
CA ARG A 83 9.48 -9.93 -2.79
C ARG A 83 10.65 -10.80 -3.27
N LYS A 84 11.86 -10.45 -2.85
CA LYS A 84 13.04 -11.20 -3.23
C LYS A 84 13.49 -12.12 -2.09
N SER A 85 13.77 -13.38 -2.43
CA SER A 85 14.20 -14.35 -1.43
C SER A 85 15.50 -15.01 -1.86
N GLY A 86 16.05 -15.85 -0.99
CA GLY A 86 17.30 -16.54 -1.29
C GLY A 86 17.90 -17.20 -0.07
N PRO A 87 19.01 -17.95 -0.25
CA PRO A 87 19.69 -18.64 0.86
C PRO A 87 20.22 -17.66 1.89
N SER A 88 19.33 -17.15 2.73
CA SER A 88 19.72 -16.20 3.77
C SER A 88 18.62 -16.05 4.81
N SER A 89 18.96 -16.30 6.07
CA SER A 89 17.99 -16.19 7.16
C SER A 89 18.71 -15.96 8.49
N GLY A 90 18.88 -14.69 8.84
CA GLY A 90 19.54 -14.36 10.09
C GLY A 90 20.94 -13.83 9.88
N GLY A 1 18.77 6.63 22.92
CA GLY A 1 19.86 5.64 22.73
C GLY A 1 20.12 4.81 23.98
N SER A 2 19.09 4.64 24.79
CA SER A 2 19.21 3.87 26.02
C SER A 2 18.17 2.74 26.05
N SER A 3 16.90 3.12 26.18
CA SER A 3 15.83 2.13 26.22
C SER A 3 15.67 1.42 24.88
N GLY A 4 15.90 2.16 23.80
CA GLY A 4 15.78 1.59 22.47
C GLY A 4 17.11 1.57 21.73
N SER A 5 17.08 1.15 20.47
CA SER A 5 18.28 1.08 19.66
C SER A 5 18.55 2.42 18.97
N SER A 6 19.82 2.79 18.88
CA SER A 6 20.21 4.04 18.25
C SER A 6 20.23 3.89 16.73
N GLY A 7 20.55 4.98 16.03
CA GLY A 7 20.60 4.95 14.58
C GLY A 7 21.60 5.93 14.02
N LYS A 8 22.61 6.27 14.80
CA LYS A 8 23.64 7.20 14.36
C LYS A 8 24.67 6.50 13.45
N PRO A 9 25.18 5.32 13.86
CA PRO A 9 26.15 4.58 13.07
C PRO A 9 25.51 3.79 11.93
N SER A 10 26.27 3.58 10.86
CA SER A 10 25.76 2.83 9.71
C SER A 10 25.96 1.33 9.90
N GLN A 11 24.89 0.56 9.67
CA GLN A 11 24.94 -0.89 9.82
C GLN A 11 24.67 -1.58 8.49
N GLU A 12 23.74 -1.04 7.72
CA GLU A 12 23.38 -1.61 6.42
C GLU A 12 22.86 -3.03 6.58
N GLY A 13 22.35 -3.60 5.49
CA GLY A 13 21.83 -4.95 5.53
C GLY A 13 20.36 -5.01 5.17
N GLY A 14 19.49 -4.95 6.18
CA GLY A 14 18.06 -5.01 5.95
C GLY A 14 17.46 -6.34 6.35
N LYS A 15 16.45 -6.78 5.61
CA LYS A 15 15.78 -8.04 5.89
C LYS A 15 16.10 -9.08 4.82
N GLY A 16 16.26 -8.63 3.59
CA GLY A 16 16.57 -9.53 2.50
C GLY A 16 16.00 -9.06 1.17
N GLY A 17 16.74 -9.28 0.09
CA GLY A 17 16.30 -8.87 -1.22
C GLY A 17 15.27 -9.82 -1.80
N SER A 18 15.48 -10.24 -3.05
CA SER A 18 14.57 -11.16 -3.72
C SER A 18 13.19 -10.50 -3.93
N GLU A 19 12.41 -10.47 -2.87
CA GLU A 19 11.07 -9.88 -2.93
C GLU A 19 10.20 -10.62 -3.94
N LYS A 20 8.93 -10.23 -4.01
CA LYS A 20 7.98 -10.86 -4.93
C LYS A 20 7.06 -9.81 -5.55
N PRO A 21 6.41 -10.15 -6.68
CA PRO A 21 5.51 -9.24 -7.38
C PRO A 21 4.21 -9.01 -6.60
N LYS A 22 3.70 -7.79 -6.66
CA LYS A 22 2.47 -7.43 -5.96
C LYS A 22 1.91 -6.11 -6.48
N ARG A 23 0.71 -5.76 -6.02
CA ARG A 23 0.07 -4.51 -6.43
C ARG A 23 0.55 -3.35 -5.57
N PRO A 24 0.63 -2.14 -6.17
CA PRO A 24 1.07 -0.93 -5.46
C PRO A 24 0.04 -0.46 -4.45
N VAL A 25 0.51 -0.07 -3.26
CA VAL A 25 -0.37 0.41 -2.20
C VAL A 25 0.07 1.79 -1.71
N SER A 26 -0.31 2.82 -2.45
CA SER A 26 0.04 4.20 -2.07
C SER A 26 -0.69 4.62 -0.81
N ALA A 27 -0.37 5.82 -0.33
CA ALA A 27 -1.00 6.35 0.87
C ALA A 27 -2.51 6.44 0.72
N MET A 28 -2.97 6.65 -0.52
CA MET A 28 -4.40 6.76 -0.80
C MET A 28 -5.08 5.40 -0.67
N PHE A 29 -4.33 4.34 -0.97
CA PHE A 29 -4.88 2.98 -0.88
C PHE A 29 -4.96 2.53 0.57
N ILE A 30 -4.02 2.99 1.39
CA ILE A 30 -4.00 2.63 2.81
C ILE A 30 -5.15 3.30 3.56
N PHE A 31 -5.34 4.59 3.31
CA PHE A 31 -6.41 5.34 3.98
C PHE A 31 -7.77 4.91 3.44
N SER A 32 -7.81 4.51 2.18
CA SER A 32 -9.07 4.09 1.56
C SER A 32 -9.41 2.64 1.96
N GLU A 33 -8.41 1.89 2.38
CA GLU A 33 -8.62 0.51 2.78
C GLU A 33 -8.80 0.39 4.29
N GLU A 34 -8.16 1.30 5.03
CA GLU A 34 -8.25 1.30 6.49
C GLU A 34 -9.49 2.05 6.96
N LYS A 35 -9.92 3.04 6.19
CA LYS A 35 -11.08 3.84 6.54
C LYS A 35 -12.37 3.16 6.08
N ARG A 36 -12.26 2.33 5.04
CA ARG A 36 -13.42 1.63 4.50
C ARG A 36 -14.11 0.79 5.58
N ARG A 37 -13.33 -0.06 6.25
CA ARG A 37 -13.87 -0.91 7.30
C ARG A 37 -14.45 -0.07 8.44
N GLN A 38 -13.88 1.11 8.64
CA GLN A 38 -14.35 2.00 9.69
C GLN A 38 -15.65 2.69 9.29
N LEU A 39 -15.71 3.13 8.03
CA LEU A 39 -16.90 3.80 7.52
C LEU A 39 -18.06 2.83 7.38
N GLN A 40 -17.75 1.58 7.07
CA GLN A 40 -18.77 0.54 6.90
C GLN A 40 -19.47 0.26 8.22
N GLU A 41 -18.68 0.06 9.28
CA GLU A 41 -19.23 -0.22 10.60
C GLU A 41 -20.09 0.94 11.09
N GLU A 42 -19.54 2.15 11.00
CA GLU A 42 -20.26 3.35 11.43
C GLU A 42 -21.44 3.64 10.51
N ARG A 43 -21.28 3.31 9.23
CA ARG A 43 -22.34 3.55 8.25
C ARG A 43 -22.66 2.26 7.49
N PRO A 44 -23.47 1.37 8.08
CA PRO A 44 -23.85 0.11 7.45
C PRO A 44 -24.74 0.31 6.24
N GLU A 45 -25.41 1.45 6.17
CA GLU A 45 -26.29 1.77 5.06
C GLU A 45 -25.48 2.03 3.79
N LEU A 46 -24.31 2.63 3.94
CA LEU A 46 -23.44 2.93 2.81
C LEU A 46 -22.67 1.69 2.37
N SER A 47 -22.78 1.36 1.08
CA SER A 47 -22.09 0.20 0.53
C SER A 47 -20.65 0.54 0.16
N GLU A 48 -19.91 -0.47 -0.26
CA GLU A 48 -18.51 -0.28 -0.65
C GLU A 48 -18.40 0.68 -1.82
N SER A 49 -19.39 0.66 -2.71
CA SER A 49 -19.39 1.52 -3.87
C SER A 49 -19.50 2.99 -3.46
N GLU A 50 -20.33 3.26 -2.44
CA GLU A 50 -20.51 4.61 -1.95
C GLU A 50 -19.33 5.05 -1.08
N LEU A 51 -18.71 4.09 -0.41
CA LEU A 51 -17.56 4.37 0.45
C LEU A 51 -16.40 4.92 -0.36
N THR A 52 -16.29 4.48 -1.61
CA THR A 52 -15.22 4.93 -2.49
C THR A 52 -15.35 6.41 -2.79
N ARG A 53 -16.59 6.91 -2.78
CA ARG A 53 -16.84 8.32 -3.06
C ARG A 53 -16.50 9.18 -1.84
N LEU A 54 -16.73 8.63 -0.65
CA LEU A 54 -16.45 9.35 0.59
C LEU A 54 -14.99 9.18 1.00
N LEU A 55 -14.43 8.01 0.69
CA LEU A 55 -13.05 7.72 1.03
C LEU A 55 -12.10 8.67 0.30
N ALA A 56 -12.31 8.83 -0.99
CA ALA A 56 -11.48 9.72 -1.80
C ALA A 56 -11.55 11.16 -1.29
N ARG A 57 -12.74 11.57 -0.90
CA ARG A 57 -12.95 12.93 -0.40
C ARG A 57 -12.30 13.11 0.97
N MET A 58 -12.40 12.08 1.81
CA MET A 58 -11.83 12.13 3.15
C MET A 58 -10.32 12.34 3.08
N TRP A 59 -9.71 11.80 2.03
CA TRP A 59 -8.26 11.92 1.84
C TRP A 59 -7.86 13.39 1.68
N ASN A 60 -8.65 14.13 0.94
CA ASN A 60 -8.37 15.55 0.70
C ASN A 60 -8.58 16.36 1.97
N ASP A 61 -9.50 15.92 2.81
CA ASP A 61 -9.80 16.60 4.07
C ASP A 61 -8.60 16.52 5.02
N LEU A 62 -7.85 15.43 4.92
CA LEU A 62 -6.68 15.23 5.77
C LEU A 62 -5.66 16.35 5.58
N SER A 63 -4.58 16.29 6.34
CA SER A 63 -3.53 17.29 6.25
C SER A 63 -2.19 16.66 5.89
N GLU A 64 -1.25 17.49 5.44
CA GLU A 64 0.07 17.00 5.06
C GLU A 64 0.78 16.35 6.25
N LYS A 65 0.47 16.85 7.45
CA LYS A 65 1.08 16.32 8.67
C LYS A 65 0.53 14.94 9.00
N LYS A 66 -0.77 14.77 8.81
CA LYS A 66 -1.42 13.48 9.09
C LYS A 66 -1.20 12.50 7.95
N LYS A 67 -1.08 13.03 6.73
CA LYS A 67 -0.87 12.19 5.56
C LYS A 67 0.51 11.53 5.59
N ALA A 68 1.45 12.17 6.30
CA ALA A 68 2.80 11.64 6.42
C ALA A 68 2.80 10.21 6.94
N LYS A 69 1.79 9.87 7.73
CA LYS A 69 1.67 8.54 8.29
C LYS A 69 1.54 7.49 7.19
N TYR A 70 0.53 7.67 6.34
CA TYR A 70 0.30 6.74 5.24
C TYR A 70 1.35 6.90 4.15
N LYS A 71 1.83 8.13 3.98
CA LYS A 71 2.84 8.43 2.96
C LYS A 71 4.11 7.61 3.22
N ALA A 72 4.50 7.52 4.49
CA ALA A 72 5.70 6.78 4.85
C ALA A 72 5.55 5.30 4.54
N ARG A 73 4.37 4.75 4.82
CA ARG A 73 4.09 3.34 4.57
C ARG A 73 4.17 3.04 3.08
N GLU A 74 3.85 4.02 2.25
CA GLU A 74 3.89 3.85 0.81
C GLU A 74 5.29 3.46 0.33
N ALA A 75 6.29 4.11 0.91
CA ALA A 75 7.68 3.83 0.55
C ALA A 75 8.05 2.38 0.84
N ALA A 76 7.39 1.79 1.83
CA ALA A 76 7.66 0.41 2.21
C ALA A 76 6.77 -0.56 1.42
N LEU A 77 5.57 -0.10 1.06
CA LEU A 77 4.63 -0.92 0.32
C LEU A 77 4.96 -0.91 -1.17
N LYS A 78 5.21 0.28 -1.71
CA LYS A 78 5.53 0.42 -3.12
C LYS A 78 6.77 -0.38 -3.49
N ALA A 79 7.67 -0.54 -2.53
CA ALA A 79 8.90 -1.30 -2.75
C ALA A 79 8.60 -2.77 -3.00
N GLN A 80 7.52 -3.26 -2.39
CA GLN A 80 7.12 -4.66 -2.56
C GLN A 80 6.52 -4.90 -3.94
N SER A 81 5.52 -4.09 -4.28
CA SER A 81 4.86 -4.21 -5.58
C SER A 81 5.84 -4.01 -6.72
N GLU A 82 6.32 -2.78 -6.87
CA GLU A 82 7.27 -2.45 -7.93
C GLU A 82 8.70 -2.42 -7.38
N ARG A 83 9.53 -3.32 -7.88
CA ARG A 83 10.92 -3.40 -7.44
C ARG A 83 11.80 -2.45 -8.26
N LYS A 84 12.50 -1.55 -7.57
CA LYS A 84 13.36 -0.59 -8.23
C LYS A 84 14.78 -1.16 -8.39
N SER A 85 15.45 -0.76 -9.46
CA SER A 85 16.80 -1.22 -9.73
C SER A 85 17.71 -0.06 -10.13
N GLY A 86 18.70 0.22 -9.29
CA GLY A 86 19.63 1.30 -9.57
C GLY A 86 21.08 0.87 -9.46
N PRO A 87 21.68 0.99 -8.26
CA PRO A 87 23.08 0.60 -8.04
C PRO A 87 23.28 -0.91 -8.10
N SER A 88 22.23 -1.65 -7.76
CA SER A 88 22.30 -3.11 -7.77
C SER A 88 22.44 -3.63 -9.20
N SER A 89 23.52 -4.37 -9.45
CA SER A 89 23.78 -4.92 -10.77
C SER A 89 24.21 -6.38 -10.67
N GLY A 90 24.38 -7.02 -11.82
CA GLY A 90 24.78 -8.41 -11.84
C GLY A 90 25.36 -8.83 -13.18
N GLY A 1 41.24 -16.08 -38.91
CA GLY A 1 40.36 -16.12 -37.70
C GLY A 1 39.28 -15.06 -37.73
N SER A 2 38.08 -15.46 -38.11
CA SER A 2 36.95 -14.54 -38.17
C SER A 2 36.04 -14.69 -36.95
N SER A 3 35.96 -15.90 -36.43
CA SER A 3 35.14 -16.17 -35.26
C SER A 3 35.77 -15.61 -33.99
N GLY A 4 34.96 -14.98 -33.16
CA GLY A 4 35.47 -14.40 -31.92
C GLY A 4 34.79 -13.09 -31.57
N SER A 5 33.56 -13.17 -31.06
CA SER A 5 32.82 -11.99 -30.68
C SER A 5 31.69 -12.33 -29.73
N SER A 6 31.95 -12.19 -28.43
CA SER A 6 30.95 -12.49 -27.40
C SER A 6 30.53 -13.95 -27.47
N GLY A 7 29.57 -14.32 -26.63
CA GLY A 7 29.08 -15.69 -26.60
C GLY A 7 28.53 -16.07 -25.24
N LYS A 8 29.31 -15.82 -24.19
CA LYS A 8 28.89 -16.16 -22.83
C LYS A 8 28.39 -14.91 -22.11
N PRO A 9 27.06 -14.68 -22.09
CA PRO A 9 26.46 -13.53 -21.42
C PRO A 9 26.60 -13.60 -19.91
N SER A 10 27.35 -12.66 -19.34
CA SER A 10 27.56 -12.62 -17.90
C SER A 10 27.16 -11.27 -17.34
N GLN A 11 26.17 -10.64 -17.96
CA GLN A 11 25.69 -9.33 -17.52
C GLN A 11 25.06 -9.44 -16.14
N GLU A 12 24.89 -8.29 -15.48
CA GLU A 12 24.30 -8.24 -14.15
C GLU A 12 22.96 -7.51 -14.17
N GLY A 13 21.88 -8.28 -14.24
CA GLY A 13 20.55 -7.68 -14.27
C GLY A 13 19.56 -8.44 -13.39
N GLY A 14 19.40 -9.72 -13.68
CA GLY A 14 18.48 -10.54 -12.91
C GLY A 14 18.63 -12.02 -13.19
N LYS A 15 18.29 -12.85 -12.22
CA LYS A 15 18.39 -14.30 -12.37
C LYS A 15 17.08 -14.97 -11.97
N GLY A 16 16.56 -14.62 -10.81
CA GLY A 16 15.32 -15.20 -10.33
C GLY A 16 14.73 -14.46 -9.16
N GLY A 17 13.87 -13.49 -9.45
CA GLY A 17 13.25 -12.70 -8.39
C GLY A 17 12.06 -13.41 -7.77
N SER A 18 11.60 -12.90 -6.63
CA SER A 18 10.46 -13.49 -5.93
C SER A 18 9.28 -12.52 -5.91
N GLU A 19 9.58 -11.24 -5.75
CA GLU A 19 8.54 -10.21 -5.71
C GLU A 19 8.09 -9.84 -7.12
N LYS A 20 6.97 -10.42 -7.54
CA LYS A 20 6.43 -10.15 -8.87
C LYS A 20 5.73 -8.79 -8.91
N PRO A 21 5.64 -8.18 -10.10
CA PRO A 21 4.98 -6.87 -10.27
C PRO A 21 3.50 -6.92 -9.92
N LYS A 22 3.07 -6.06 -9.00
CA LYS A 22 1.68 -6.01 -8.58
C LYS A 22 1.15 -4.57 -8.62
N ARG A 23 -0.11 -4.39 -8.26
CA ARG A 23 -0.73 -3.08 -8.25
C ARG A 23 -0.09 -2.18 -7.19
N PRO A 24 0.10 -0.89 -7.51
CA PRO A 24 0.70 0.07 -6.58
C PRO A 24 -0.25 0.48 -5.46
N VAL A 25 0.26 0.49 -4.23
CA VAL A 25 -0.55 0.85 -3.08
C VAL A 25 -0.07 2.16 -2.46
N SER A 26 -0.47 3.28 -3.07
CA SER A 26 -0.07 4.60 -2.58
C SER A 26 -0.71 4.89 -1.23
N ALA A 27 -0.42 6.07 -0.69
CA ALA A 27 -0.96 6.47 0.60
C ALA A 27 -2.48 6.58 0.55
N MET A 28 -3.01 6.96 -0.61
CA MET A 28 -4.44 7.11 -0.79
C MET A 28 -5.13 5.75 -0.68
N PHE A 29 -4.43 4.70 -1.09
CA PHE A 29 -4.97 3.34 -1.03
C PHE A 29 -5.11 2.87 0.41
N ILE A 30 -4.06 3.09 1.20
CA ILE A 30 -4.07 2.67 2.60
C ILE A 30 -5.18 3.38 3.37
N PHE A 31 -5.34 4.67 3.12
CA PHE A 31 -6.38 5.46 3.80
C PHE A 31 -7.77 5.01 3.35
N SER A 32 -7.97 4.96 2.04
CA SER A 32 -9.25 4.56 1.48
C SER A 32 -9.59 3.11 1.85
N GLU A 33 -8.55 2.32 2.08
CA GLU A 33 -8.74 0.92 2.44
C GLU A 33 -8.88 0.75 3.95
N GLU A 34 -8.11 1.53 4.70
CA GLU A 34 -8.15 1.47 6.15
C GLU A 34 -9.35 2.23 6.70
N LYS A 35 -9.83 3.21 5.94
CA LYS A 35 -10.98 4.01 6.37
C LYS A 35 -12.29 3.32 6.00
N ARG A 36 -12.27 2.54 4.94
CA ARG A 36 -13.46 1.83 4.49
C ARG A 36 -14.00 0.93 5.60
N ARG A 37 -13.17 0.03 6.07
CA ARG A 37 -13.56 -0.90 7.13
C ARG A 37 -14.00 -0.14 8.39
N GLN A 38 -13.41 1.04 8.59
CA GLN A 38 -13.74 1.86 9.75
C GLN A 38 -15.07 2.57 9.55
N LEU A 39 -15.28 3.09 8.35
CA LEU A 39 -16.52 3.79 8.02
C LEU A 39 -17.69 2.83 7.93
N GLN A 40 -17.41 1.59 7.54
CA GLN A 40 -18.44 0.57 7.40
C GLN A 40 -19.03 0.23 8.77
N GLU A 41 -18.18 0.11 9.77
CA GLU A 41 -18.63 -0.21 11.13
C GLU A 41 -19.49 0.92 11.70
N GLU A 42 -19.10 2.16 11.43
CA GLU A 42 -19.84 3.31 11.90
C GLU A 42 -21.05 3.59 11.02
N ARG A 43 -20.92 3.26 9.74
CA ARG A 43 -22.00 3.48 8.78
C ARG A 43 -22.23 2.23 7.93
N PRO A 44 -22.97 1.25 8.47
CA PRO A 44 -23.27 0.00 7.76
C PRO A 44 -24.19 0.22 6.55
N GLU A 45 -24.78 1.41 6.48
CA GLU A 45 -25.68 1.73 5.36
C GLU A 45 -24.89 2.07 4.11
N LEU A 46 -23.70 2.62 4.30
CA LEU A 46 -22.84 3.00 3.18
C LEU A 46 -22.00 1.82 2.73
N SER A 47 -22.35 1.25 1.57
CA SER A 47 -21.62 0.11 1.02
C SER A 47 -20.22 0.51 0.59
N GLU A 48 -19.45 -0.46 0.13
CA GLU A 48 -18.08 -0.20 -0.32
C GLU A 48 -18.08 0.63 -1.61
N SER A 49 -19.03 0.33 -2.49
CA SER A 49 -19.13 1.05 -3.76
C SER A 49 -19.36 2.54 -3.52
N GLU A 50 -20.10 2.86 -2.46
CA GLU A 50 -20.39 4.25 -2.13
C GLU A 50 -19.27 4.86 -1.29
N LEU A 51 -18.62 4.02 -0.49
CA LEU A 51 -17.53 4.47 0.37
C LEU A 51 -16.33 4.91 -0.47
N THR A 52 -16.17 4.30 -1.64
CA THR A 52 -15.07 4.64 -2.53
C THR A 52 -15.08 6.13 -2.88
N ARG A 53 -16.28 6.67 -3.10
CA ARG A 53 -16.42 8.08 -3.44
C ARG A 53 -16.16 8.96 -2.22
N LEU A 54 -16.66 8.55 -1.06
CA LEU A 54 -16.48 9.29 0.17
C LEU A 54 -15.04 9.23 0.64
N LEU A 55 -14.38 8.10 0.38
CA LEU A 55 -12.99 7.91 0.77
C LEU A 55 -12.07 8.84 -0.02
N ALA A 56 -12.42 9.07 -1.28
CA ALA A 56 -11.62 9.93 -2.14
C ALA A 56 -11.66 11.38 -1.66
N ARG A 57 -12.80 11.78 -1.10
CA ARG A 57 -12.96 13.14 -0.60
C ARG A 57 -12.33 13.29 0.77
N MET A 58 -12.34 12.22 1.55
CA MET A 58 -11.76 12.24 2.89
C MET A 58 -10.24 12.41 2.82
N TRP A 59 -9.63 11.86 1.79
CA TRP A 59 -8.19 11.94 1.61
C TRP A 59 -7.75 13.40 1.48
N ASN A 60 -8.53 14.18 0.73
CA ASN A 60 -8.22 15.59 0.52
C ASN A 60 -8.39 16.38 1.82
N ASP A 61 -9.33 15.94 2.64
CA ASP A 61 -9.61 16.62 3.91
C ASP A 61 -8.40 16.52 4.85
N LEU A 62 -7.66 15.43 4.72
CA LEU A 62 -6.47 15.21 5.55
C LEU A 62 -5.45 16.32 5.36
N SER A 63 -4.34 16.23 6.07
CA SER A 63 -3.28 17.24 5.98
C SER A 63 -1.92 16.57 5.87
N GLU A 64 -0.89 17.39 5.65
CA GLU A 64 0.47 16.89 5.53
C GLU A 64 0.91 16.16 6.79
N LYS A 65 0.36 16.57 7.93
CA LYS A 65 0.70 15.96 9.21
C LYS A 65 -0.01 14.63 9.38
N LYS A 66 -1.25 14.55 8.88
CA LYS A 66 -2.04 13.33 8.99
C LYS A 66 -1.70 12.37 7.85
N LYS A 67 -1.35 12.92 6.70
CA LYS A 67 -1.00 12.10 5.53
C LYS A 67 0.35 11.42 5.72
N ALA A 68 1.22 12.06 6.50
CA ALA A 68 2.56 11.52 6.76
C ALA A 68 2.47 10.13 7.36
N LYS A 69 1.39 9.86 8.10
CA LYS A 69 1.20 8.56 8.73
C LYS A 69 1.06 7.46 7.68
N TYR A 70 0.38 7.77 6.59
CA TYR A 70 0.17 6.81 5.51
C TYR A 70 1.26 6.94 4.45
N LYS A 71 1.78 8.15 4.28
CA LYS A 71 2.83 8.40 3.30
C LYS A 71 4.06 7.54 3.57
N ALA A 72 4.29 7.22 4.84
CA ALA A 72 5.43 6.40 5.22
C ALA A 72 5.23 4.95 4.80
N ARG A 73 4.00 4.47 4.93
CA ARG A 73 3.68 3.09 4.55
C ARG A 73 3.73 2.91 3.04
N GLU A 74 3.49 3.99 2.30
CA GLU A 74 3.52 3.94 0.85
C GLU A 74 4.88 3.44 0.34
N ALA A 75 5.95 3.97 0.93
CA ALA A 75 7.30 3.59 0.54
C ALA A 75 7.55 2.11 0.80
N ALA A 76 6.88 1.58 1.83
CA ALA A 76 7.04 0.18 2.19
C ALA A 76 6.18 -0.72 1.31
N LEU A 77 5.05 -0.18 0.84
CA LEU A 77 4.15 -0.94 -0.01
C LEU A 77 4.58 -0.87 -1.48
N LYS A 78 5.19 0.26 -1.85
CA LYS A 78 5.66 0.45 -3.22
C LYS A 78 6.68 -0.61 -3.60
N ALA A 79 7.47 -1.04 -2.63
CA ALA A 79 8.49 -2.05 -2.86
C ALA A 79 7.86 -3.39 -3.23
N GLN A 80 6.67 -3.65 -2.70
CA GLN A 80 5.96 -4.90 -2.97
C GLN A 80 5.66 -5.03 -4.45
N SER A 81 5.43 -3.90 -5.11
CA SER A 81 5.13 -3.90 -6.54
C SER A 81 6.34 -3.48 -7.36
N GLU A 82 6.71 -2.20 -7.28
CA GLU A 82 7.86 -1.69 -8.01
C GLU A 82 9.16 -2.21 -7.42
N ARG A 83 10.05 -2.67 -8.29
CA ARG A 83 11.35 -3.19 -7.85
C ARG A 83 12.22 -3.56 -9.04
N LYS A 84 13.28 -2.78 -9.26
CA LYS A 84 14.20 -3.03 -10.36
C LYS A 84 15.49 -2.25 -10.19
N SER A 85 15.36 -0.98 -9.82
CA SER A 85 16.52 -0.11 -9.61
C SER A 85 17.22 -0.44 -8.30
N GLY A 86 16.49 -0.29 -7.19
CA GLY A 86 17.04 -0.57 -5.88
C GLY A 86 18.23 0.33 -5.56
N PRO A 87 19.18 -0.16 -4.74
CA PRO A 87 20.36 0.62 -4.36
C PRO A 87 21.32 0.84 -5.53
N SER A 88 21.59 -0.23 -6.27
CA SER A 88 22.49 -0.15 -7.42
C SER A 88 22.59 -1.50 -8.13
N SER A 89 22.76 -2.57 -7.34
CA SER A 89 22.87 -3.91 -7.90
C SER A 89 21.68 -4.76 -7.48
N GLY A 90 21.36 -4.77 -6.19
CA GLY A 90 20.24 -5.54 -5.70
C GLY A 90 20.45 -7.03 -5.87
N GLY A 1 45.03 -16.87 14.69
CA GLY A 1 44.63 -16.41 13.33
C GLY A 1 43.40 -17.13 12.81
N SER A 2 42.22 -16.57 13.07
CA SER A 2 40.97 -17.17 12.63
C SER A 2 39.80 -16.21 12.84
N SER A 3 39.19 -15.80 11.74
CA SER A 3 38.05 -14.88 11.81
C SER A 3 36.93 -15.34 10.90
N GLY A 4 37.26 -15.67 9.66
CA GLY A 4 36.26 -16.12 8.70
C GLY A 4 36.77 -16.11 7.27
N SER A 5 36.48 -17.18 6.55
CA SER A 5 36.91 -17.29 5.15
C SER A 5 35.81 -16.83 4.21
N SER A 6 34.57 -17.04 4.61
CA SER A 6 33.42 -16.64 3.80
C SER A 6 32.28 -16.13 4.67
N GLY A 7 31.61 -17.04 5.36
CA GLY A 7 30.50 -16.65 6.21
C GLY A 7 29.51 -17.79 6.44
N LYS A 8 29.19 -18.03 7.71
CA LYS A 8 28.25 -19.10 8.06
C LYS A 8 26.82 -18.70 7.73
N PRO A 9 26.32 -17.63 8.35
CA PRO A 9 24.94 -17.14 8.11
C PRO A 9 24.78 -16.47 6.75
N SER A 10 25.90 -16.24 6.08
CA SER A 10 25.88 -15.61 4.76
C SER A 10 25.34 -14.18 4.85
N GLN A 11 26.03 -13.25 4.20
CA GLN A 11 25.62 -11.85 4.21
C GLN A 11 24.59 -11.58 3.13
N GLU A 12 23.34 -11.32 3.54
CA GLU A 12 22.27 -11.04 2.61
C GLU A 12 21.38 -9.91 3.13
N GLY A 13 20.98 -9.02 2.22
CA GLY A 13 20.14 -7.90 2.61
C GLY A 13 20.49 -6.62 1.88
N GLY A 14 19.95 -5.50 2.35
CA GLY A 14 20.23 -4.22 1.72
C GLY A 14 19.30 -3.94 0.55
N LYS A 15 19.26 -4.85 -0.41
CA LYS A 15 18.40 -4.68 -1.57
C LYS A 15 18.24 -6.01 -2.31
N GLY A 16 17.35 -6.02 -3.30
CA GLY A 16 17.11 -7.23 -4.07
C GLY A 16 17.38 -7.04 -5.55
N GLY A 17 16.61 -7.74 -6.38
CA GLY A 17 16.79 -7.64 -7.81
C GLY A 17 15.47 -7.53 -8.55
N SER A 18 15.04 -8.64 -9.16
CA SER A 18 13.78 -8.66 -9.91
C SER A 18 12.63 -9.02 -8.99
N GLU A 19 11.80 -8.03 -8.68
CA GLU A 19 10.64 -8.24 -7.81
C GLU A 19 9.44 -8.75 -8.61
N LYS A 20 8.52 -9.43 -7.93
CA LYS A 20 7.35 -9.98 -8.57
C LYS A 20 6.27 -8.92 -8.71
N PRO A 21 5.45 -8.98 -9.79
CA PRO A 21 4.37 -8.02 -10.04
C PRO A 21 3.44 -7.87 -8.84
N LYS A 22 2.95 -6.65 -8.62
CA LYS A 22 2.04 -6.38 -7.52
C LYS A 22 1.34 -5.05 -7.71
N ARG A 23 0.19 -4.89 -7.05
CA ARG A 23 -0.59 -3.65 -7.15
C ARG A 23 0.07 -2.53 -6.34
N PRO A 24 0.06 -1.30 -6.88
CA PRO A 24 0.65 -0.14 -6.20
C PRO A 24 -0.21 0.36 -5.04
N VAL A 25 0.30 0.20 -3.82
CA VAL A 25 -0.41 0.64 -2.63
C VAL A 25 0.07 2.01 -2.17
N SER A 26 -0.45 3.06 -2.80
CA SER A 26 -0.07 4.42 -2.45
C SER A 26 -0.71 4.85 -1.13
N ALA A 27 -0.40 6.07 -0.69
CA ALA A 27 -0.95 6.59 0.55
C ALA A 27 -2.48 6.64 0.50
N MET A 28 -3.03 6.83 -0.69
CA MET A 28 -4.48 6.89 -0.87
C MET A 28 -5.09 5.51 -0.74
N PHE A 29 -4.34 4.48 -1.13
CA PHE A 29 -4.82 3.10 -1.05
C PHE A 29 -4.87 2.62 0.39
N ILE A 30 -3.89 3.06 1.18
CA ILE A 30 -3.82 2.67 2.59
C ILE A 30 -4.93 3.34 3.40
N PHE A 31 -5.23 4.58 3.06
CA PHE A 31 -6.28 5.33 3.75
C PHE A 31 -7.66 4.88 3.31
N SER A 32 -7.77 4.51 2.03
CA SER A 32 -9.04 4.06 1.48
C SER A 32 -9.38 2.65 1.92
N GLU A 33 -8.35 1.88 2.31
CA GLU A 33 -8.55 0.51 2.75
C GLU A 33 -8.63 0.43 4.28
N GLU A 34 -7.94 1.33 4.96
CA GLU A 34 -7.93 1.36 6.42
C GLU A 34 -9.15 2.10 6.95
N LYS A 35 -9.63 3.08 6.20
CA LYS A 35 -10.80 3.85 6.59
C LYS A 35 -12.09 3.17 6.17
N ARG A 36 -12.00 2.27 5.19
CA ARG A 36 -13.18 1.55 4.69
C ARG A 36 -13.91 0.85 5.83
N ARG A 37 -13.20 0.00 6.56
CA ARG A 37 -13.79 -0.73 7.67
C ARG A 37 -14.33 0.22 8.73
N GLN A 38 -13.71 1.40 8.84
CA GLN A 38 -14.13 2.40 9.82
C GLN A 38 -15.45 3.06 9.39
N LEU A 39 -15.58 3.31 8.09
CA LEU A 39 -16.78 3.93 7.54
C LEU A 39 -17.90 2.92 7.40
N GLN A 40 -17.53 1.67 7.15
CA GLN A 40 -18.51 0.59 6.99
C GLN A 40 -19.37 0.44 8.24
N GLU A 41 -18.73 0.48 9.40
CA GLU A 41 -19.45 0.35 10.67
C GLU A 41 -20.41 1.52 10.87
N GLU A 42 -19.90 2.73 10.76
CA GLU A 42 -20.71 3.94 10.94
C GLU A 42 -21.79 4.01 9.87
N ARG A 43 -21.48 3.51 8.68
CA ARG A 43 -22.43 3.52 7.57
C ARG A 43 -22.67 2.10 7.04
N PRO A 44 -23.47 1.30 7.75
CA PRO A 44 -23.78 -0.07 7.35
C PRO A 44 -24.68 -0.13 6.11
N GLU A 45 -25.37 0.96 5.83
CA GLU A 45 -26.26 1.03 4.68
C GLU A 45 -25.47 1.22 3.39
N LEU A 46 -24.42 2.03 3.47
CA LEU A 46 -23.58 2.31 2.31
C LEU A 46 -22.72 1.09 1.96
N SER A 47 -22.53 0.85 0.67
CA SER A 47 -21.73 -0.27 0.21
C SER A 47 -20.29 0.14 -0.04
N GLU A 48 -19.43 -0.83 -0.36
CA GLU A 48 -18.03 -0.57 -0.62
C GLU A 48 -17.86 0.40 -1.79
N SER A 49 -18.71 0.23 -2.81
CA SER A 49 -18.65 1.09 -3.99
C SER A 49 -18.86 2.55 -3.62
N GLU A 50 -19.81 2.79 -2.72
CA GLU A 50 -20.12 4.15 -2.29
C GLU A 50 -19.03 4.67 -1.35
N LEU A 51 -18.43 3.76 -0.60
CA LEU A 51 -17.36 4.14 0.34
C LEU A 51 -16.17 4.72 -0.40
N THR A 52 -15.97 4.29 -1.64
CA THR A 52 -14.85 4.79 -2.45
C THR A 52 -14.93 6.30 -2.62
N ARG A 53 -16.15 6.82 -2.70
CA ARG A 53 -16.36 8.24 -2.86
C ARG A 53 -16.19 8.98 -1.54
N LEU A 54 -16.79 8.43 -0.49
CA LEU A 54 -16.70 9.04 0.84
C LEU A 54 -15.26 9.05 1.34
N LEU A 55 -14.50 8.03 0.95
CA LEU A 55 -13.10 7.92 1.35
C LEU A 55 -12.26 8.98 0.65
N ALA A 56 -12.51 9.18 -0.63
CA ALA A 56 -11.77 10.16 -1.41
C ALA A 56 -11.93 11.57 -0.83
N ARG A 57 -13.13 11.85 -0.35
CA ARG A 57 -13.42 13.17 0.24
C ARG A 57 -12.63 13.37 1.52
N MET A 58 -12.47 12.29 2.29
CA MET A 58 -11.74 12.35 3.55
C MET A 58 -10.25 12.59 3.30
N TRP A 59 -9.71 11.94 2.28
CA TRP A 59 -8.30 12.08 1.94
C TRP A 59 -7.97 13.53 1.58
N ASN A 60 -8.90 14.19 0.91
CA ASN A 60 -8.71 15.58 0.50
C ASN A 60 -8.65 16.50 1.73
N ASP A 61 -9.45 16.17 2.74
CA ASP A 61 -9.48 16.97 3.96
C ASP A 61 -8.21 16.74 4.80
N LEU A 62 -7.62 15.56 4.66
CA LEU A 62 -6.41 15.22 5.39
C LEU A 62 -5.30 16.23 5.10
N SER A 63 -4.41 16.42 6.08
CA SER A 63 -3.30 17.35 5.93
C SER A 63 -2.00 16.61 5.71
N GLU A 64 -0.92 17.36 5.52
CA GLU A 64 0.40 16.78 5.30
C GLU A 64 0.83 15.96 6.50
N LYS A 65 0.40 16.36 7.69
CA LYS A 65 0.74 15.66 8.92
C LYS A 65 0.00 14.33 9.02
N LYS A 66 -1.29 14.37 8.70
CA LYS A 66 -2.12 13.16 8.76
C LYS A 66 -1.75 12.20 7.63
N LYS A 67 -1.48 12.75 6.46
CA LYS A 67 -1.12 11.94 5.30
C LYS A 67 0.26 11.31 5.49
N ALA A 68 1.11 11.97 6.26
CA ALA A 68 2.46 11.47 6.52
C ALA A 68 2.43 10.07 7.11
N LYS A 69 1.36 9.75 7.82
CA LYS A 69 1.21 8.45 8.45
C LYS A 69 1.06 7.35 7.39
N TYR A 70 0.49 7.72 6.24
CA TYR A 70 0.29 6.76 5.16
C TYR A 70 1.35 6.95 4.07
N LYS A 71 1.83 8.17 3.91
CA LYS A 71 2.84 8.48 2.91
C LYS A 71 4.10 7.66 3.15
N ALA A 72 4.49 7.51 4.40
CA ALA A 72 5.68 6.75 4.76
C ALA A 72 5.49 5.27 4.46
N ARG A 73 4.27 4.78 4.65
CA ARG A 73 3.96 3.38 4.41
C ARG A 73 4.03 3.06 2.91
N GLU A 74 3.75 4.07 2.09
CA GLU A 74 3.78 3.89 0.64
C GLU A 74 5.15 3.42 0.17
N ALA A 75 6.19 3.97 0.76
CA ALA A 75 7.56 3.60 0.40
C ALA A 75 7.85 2.15 0.77
N ALA A 76 7.19 1.67 1.81
CA ALA A 76 7.38 0.29 2.27
C ALA A 76 6.50 -0.67 1.49
N LEU A 77 5.34 -0.18 1.05
CA LEU A 77 4.40 -1.00 0.29
C LEU A 77 4.73 -0.98 -1.20
N LYS A 78 4.89 0.21 -1.75
CA LYS A 78 5.22 0.37 -3.17
C LYS A 78 6.53 -0.34 -3.50
N ALA A 79 7.43 -0.40 -2.53
CA ALA A 79 8.72 -1.04 -2.73
C ALA A 79 8.57 -2.55 -2.88
N GLN A 80 7.62 -3.12 -2.15
CA GLN A 80 7.37 -4.56 -2.22
C GLN A 80 6.99 -4.99 -3.62
N SER A 81 6.35 -4.08 -4.36
CA SER A 81 5.92 -4.37 -5.73
C SER A 81 7.11 -4.37 -6.69
N GLU A 82 7.98 -3.37 -6.54
CA GLU A 82 9.16 -3.26 -7.39
C GLU A 82 10.03 -2.08 -6.97
N ARG A 83 9.38 -0.98 -6.60
CA ARG A 83 10.09 0.23 -6.18
C ARG A 83 10.81 0.88 -7.36
N LYS A 84 10.16 0.85 -8.53
CA LYS A 84 10.73 1.43 -9.74
C LYS A 84 9.75 1.31 -10.91
N SER A 85 9.75 2.32 -11.77
CA SER A 85 8.87 2.33 -12.93
C SER A 85 9.59 2.87 -14.17
N GLY A 86 10.02 4.13 -14.09
CA GLY A 86 10.72 4.74 -15.20
C GLY A 86 12.22 4.81 -14.98
N PRO A 87 12.82 6.01 -14.98
CA PRO A 87 14.26 6.17 -14.77
C PRO A 87 14.67 5.85 -13.34
N SER A 88 15.91 5.37 -13.19
CA SER A 88 16.43 5.02 -11.87
C SER A 88 17.96 5.04 -11.86
N SER A 89 18.56 4.29 -12.79
CA SER A 89 20.01 4.23 -12.88
C SER A 89 20.44 3.71 -14.25
N GLY A 90 20.05 2.47 -14.55
CA GLY A 90 20.40 1.88 -15.83
C GLY A 90 20.63 0.38 -15.73
N GLY A 1 30.11 -5.22 -40.66
CA GLY A 1 29.61 -6.24 -39.70
C GLY A 1 29.00 -5.62 -38.45
N SER A 2 27.68 -5.63 -38.38
CA SER A 2 26.97 -5.07 -37.23
C SER A 2 26.30 -6.16 -36.41
N SER A 3 26.90 -7.34 -36.41
CA SER A 3 26.36 -8.48 -35.66
C SER A 3 24.97 -8.85 -36.17
N GLY A 4 24.58 -10.10 -35.96
CA GLY A 4 23.28 -10.56 -36.40
C GLY A 4 22.17 -10.17 -35.44
N SER A 5 22.50 -10.10 -34.16
CA SER A 5 21.52 -9.75 -33.13
C SER A 5 21.69 -8.30 -32.71
N SER A 6 20.70 -7.77 -31.98
CA SER A 6 20.76 -6.40 -31.50
C SER A 6 21.21 -6.35 -30.05
N GLY A 7 22.00 -5.33 -29.72
CA GLY A 7 22.50 -5.18 -28.36
C GLY A 7 21.57 -4.35 -27.49
N LYS A 8 20.91 -5.02 -26.54
CA LYS A 8 19.98 -4.34 -25.64
C LYS A 8 20.36 -4.61 -24.18
N PRO A 9 21.21 -3.75 -23.60
CA PRO A 9 21.65 -3.89 -22.20
C PRO A 9 20.47 -4.05 -21.25
N SER A 10 20.79 -4.28 -19.98
CA SER A 10 19.76 -4.45 -18.96
C SER A 10 19.96 -3.47 -17.80
N GLN A 11 18.99 -2.57 -17.62
CA GLN A 11 19.06 -1.58 -16.56
C GLN A 11 17.81 -1.63 -15.68
N GLU A 12 16.69 -1.16 -16.23
CA GLU A 12 15.43 -1.16 -15.49
C GLU A 12 14.30 -1.72 -16.35
N GLY A 13 13.35 -2.38 -15.71
CA GLY A 13 12.22 -2.96 -16.43
C GLY A 13 11.64 -4.16 -15.72
N GLY A 14 11.09 -5.09 -16.48
CA GLY A 14 10.50 -6.28 -15.90
C GLY A 14 9.35 -6.82 -16.73
N LYS A 15 9.47 -8.07 -17.17
CA LYS A 15 8.43 -8.71 -17.98
C LYS A 15 8.28 -10.17 -17.61
N GLY A 16 7.46 -10.45 -16.61
CA GLY A 16 7.24 -11.82 -16.18
C GLY A 16 8.11 -12.20 -15.01
N GLY A 17 9.27 -11.57 -14.90
CA GLY A 17 10.18 -11.86 -13.80
C GLY A 17 10.34 -10.69 -12.85
N SER A 18 11.14 -9.71 -13.24
CA SER A 18 11.37 -8.53 -12.41
C SER A 18 10.06 -7.79 -12.14
N GLU A 19 9.53 -8.00 -10.95
CA GLU A 19 8.28 -7.34 -10.55
C GLU A 19 7.14 -7.74 -11.49
N LYS A 20 6.24 -8.57 -10.99
CA LYS A 20 5.10 -9.01 -11.78
C LYS A 20 3.95 -8.00 -11.71
N PRO A 21 2.96 -8.13 -12.60
CA PRO A 21 1.80 -7.22 -12.63
C PRO A 21 1.00 -7.26 -11.34
N LYS A 22 1.07 -6.17 -10.58
CA LYS A 22 0.36 -6.08 -9.31
C LYS A 22 -0.12 -4.65 -9.06
N ARG A 23 -0.92 -4.47 -8.02
CA ARG A 23 -1.45 -3.16 -7.68
C ARG A 23 -0.81 -2.64 -6.38
N PRO A 24 -0.09 -1.51 -6.46
CA PRO A 24 0.57 -0.92 -5.28
C PRO A 24 -0.42 -0.28 -4.32
N VAL A 25 -0.03 -0.16 -3.06
CA VAL A 25 -0.88 0.43 -2.03
C VAL A 25 -0.34 1.78 -1.58
N SER A 26 -0.59 2.81 -2.39
CA SER A 26 -0.13 4.15 -2.07
C SER A 26 -0.86 4.71 -0.85
N ALA A 27 -0.51 5.93 -0.45
CA ALA A 27 -1.13 6.58 0.69
C ALA A 27 -2.64 6.69 0.50
N MET A 28 -3.07 6.93 -0.74
CA MET A 28 -4.48 7.05 -1.04
C MET A 28 -5.20 5.72 -0.88
N PHE A 29 -4.49 4.63 -1.17
CA PHE A 29 -5.05 3.30 -1.06
C PHE A 29 -5.12 2.86 0.40
N ILE A 30 -4.08 3.20 1.16
CA ILE A 30 -4.01 2.84 2.57
C ILE A 30 -5.12 3.52 3.36
N PHE A 31 -5.33 4.82 3.10
CA PHE A 31 -6.37 5.58 3.78
C PHE A 31 -7.75 5.16 3.29
N SER A 32 -7.85 4.85 2.01
CA SER A 32 -9.13 4.42 1.42
C SER A 32 -9.48 2.99 1.84
N GLU A 33 -8.49 2.25 2.33
CA GLU A 33 -8.70 0.87 2.76
C GLU A 33 -8.78 0.78 4.28
N GLU A 34 -8.04 1.63 4.96
CA GLU A 34 -8.03 1.64 6.42
C GLU A 34 -9.24 2.38 6.98
N LYS A 35 -9.70 3.37 6.23
CA LYS A 35 -10.87 4.16 6.65
C LYS A 35 -12.17 3.47 6.26
N ARG A 36 -12.11 2.66 5.21
CA ARG A 36 -13.29 1.94 4.73
C ARG A 36 -13.90 1.09 5.84
N ARG A 37 -13.06 0.33 6.53
CA ARG A 37 -13.51 -0.53 7.62
C ARG A 37 -14.19 0.30 8.71
N GLN A 38 -13.72 1.53 8.90
CA GLN A 38 -14.28 2.41 9.91
C GLN A 38 -15.65 2.93 9.48
N LEU A 39 -15.81 3.18 8.19
CA LEU A 39 -17.08 3.67 7.65
C LEU A 39 -18.05 2.52 7.41
N GLN A 40 -17.51 1.34 7.13
CA GLN A 40 -18.33 0.16 6.88
C GLN A 40 -19.17 -0.19 8.10
N GLU A 41 -18.51 -0.32 9.24
CA GLU A 41 -19.20 -0.65 10.49
C GLU A 41 -20.15 0.46 10.90
N GLU A 42 -19.67 1.70 10.85
CA GLU A 42 -20.49 2.85 11.21
C GLU A 42 -21.64 3.04 10.23
N ARG A 43 -21.39 2.70 8.97
CA ARG A 43 -22.41 2.83 7.93
C ARG A 43 -22.56 1.53 7.14
N PRO A 44 -23.32 0.56 7.68
CA PRO A 44 -23.53 -0.73 7.03
C PRO A 44 -24.31 -0.59 5.71
N GLU A 45 -25.00 0.53 5.55
CA GLU A 45 -25.77 0.78 4.34
C GLU A 45 -24.87 1.12 3.16
N LEU A 46 -23.74 1.76 3.47
CA LEU A 46 -22.78 2.15 2.44
C LEU A 46 -21.89 0.97 2.06
N SER A 47 -21.84 0.67 0.76
CA SER A 47 -21.03 -0.43 0.27
C SER A 47 -19.60 0.02 -0.02
N GLU A 48 -18.73 -0.92 -0.38
CA GLU A 48 -17.34 -0.61 -0.68
C GLU A 48 -17.25 0.37 -1.86
N SER A 49 -18.13 0.18 -2.84
CA SER A 49 -18.15 1.04 -4.01
C SER A 49 -18.52 2.48 -3.63
N GLU A 50 -19.53 2.62 -2.77
CA GLU A 50 -19.98 3.93 -2.34
C GLU A 50 -18.97 4.56 -1.37
N LEU A 51 -18.31 3.72 -0.58
CA LEU A 51 -17.33 4.19 0.38
C LEU A 51 -16.17 4.90 -0.32
N THR A 52 -15.88 4.48 -1.55
CA THR A 52 -14.80 5.08 -2.33
C THR A 52 -15.08 6.54 -2.60
N ARG A 53 -16.36 6.90 -2.67
CA ARG A 53 -16.76 8.27 -2.93
C ARG A 53 -16.57 9.14 -1.69
N LEU A 54 -16.77 8.53 -0.52
CA LEU A 54 -16.63 9.25 0.75
C LEU A 54 -15.18 9.22 1.22
N LEU A 55 -14.48 8.14 0.89
CA LEU A 55 -13.08 7.99 1.28
C LEU A 55 -12.20 8.99 0.54
N ALA A 56 -12.45 9.15 -0.76
CA ALA A 56 -11.68 10.07 -1.58
C ALA A 56 -11.80 11.50 -1.06
N ARG A 57 -13.01 11.87 -0.64
CA ARG A 57 -13.26 13.21 -0.12
C ARG A 57 -12.56 13.41 1.22
N MET A 58 -12.45 12.33 2.00
CA MET A 58 -11.81 12.39 3.30
C MET A 58 -10.31 12.63 3.15
N TRP A 59 -9.71 12.05 2.12
CA TRP A 59 -8.28 12.19 1.86
C TRP A 59 -7.93 13.66 1.65
N ASN A 60 -8.83 14.41 1.02
CA ASN A 60 -8.61 15.82 0.76
C ASN A 60 -8.68 16.64 2.05
N ASP A 61 -9.52 16.19 2.98
CA ASP A 61 -9.68 16.87 4.26
C ASP A 61 -8.43 16.70 5.13
N LEU A 62 -7.71 15.62 4.90
CA LEU A 62 -6.49 15.34 5.67
C LEU A 62 -5.51 16.49 5.58
N SER A 63 -4.46 16.45 6.40
CA SER A 63 -3.45 17.49 6.41
C SER A 63 -2.13 16.96 5.88
N GLU A 64 -1.16 17.85 5.72
CA GLU A 64 0.16 17.48 5.22
C GLU A 64 0.89 16.58 6.21
N LYS A 65 0.60 16.77 7.49
CA LYS A 65 1.23 15.97 8.54
C LYS A 65 0.50 14.64 8.73
N LYS A 66 -0.82 14.69 8.72
CA LYS A 66 -1.62 13.49 8.90
C LYS A 66 -1.42 12.52 7.74
N LYS A 67 -1.17 13.07 6.56
CA LYS A 67 -0.96 12.25 5.36
C LYS A 67 0.38 11.53 5.43
N ALA A 68 1.34 12.13 6.13
CA ALA A 68 2.67 11.55 6.26
C ALA A 68 2.61 10.16 6.90
N LYS A 69 1.59 9.94 7.73
CA LYS A 69 1.41 8.66 8.39
C LYS A 69 1.19 7.54 7.38
N TYR A 70 0.51 7.87 6.29
CA TYR A 70 0.22 6.88 5.24
C TYR A 70 1.27 6.96 4.13
N LYS A 71 1.81 8.15 3.91
CA LYS A 71 2.83 8.35 2.88
C LYS A 71 4.08 7.53 3.18
N ALA A 72 4.36 7.31 4.46
CA ALA A 72 5.52 6.55 4.88
C ALA A 72 5.36 5.07 4.53
N ARG A 73 4.18 4.52 4.82
CA ARG A 73 3.90 3.13 4.53
C ARG A 73 3.91 2.85 3.03
N GLU A 74 3.60 3.89 2.25
CA GLU A 74 3.57 3.76 0.80
C GLU A 74 4.92 3.28 0.26
N ALA A 75 5.99 3.59 0.98
CA ALA A 75 7.33 3.20 0.57
C ALA A 75 7.54 1.70 0.77
N ALA A 76 7.00 1.17 1.86
CA ALA A 76 7.14 -0.24 2.17
C ALA A 76 6.11 -1.08 1.42
N LEU A 77 4.96 -0.49 1.14
CA LEU A 77 3.90 -1.18 0.43
C LEU A 77 4.20 -1.28 -1.07
N LYS A 78 4.77 -0.21 -1.62
CA LYS A 78 5.12 -0.17 -3.03
C LYS A 78 6.07 -1.30 -3.40
N ALA A 79 6.87 -1.73 -2.43
CA ALA A 79 7.83 -2.81 -2.65
C ALA A 79 7.22 -4.17 -2.37
N GLN A 80 6.27 -4.20 -1.44
CA GLN A 80 5.59 -5.44 -1.08
C GLN A 80 4.71 -5.95 -2.22
N SER A 81 4.18 -5.01 -3.00
CA SER A 81 3.32 -5.37 -4.12
C SER A 81 4.09 -6.21 -5.15
N GLU A 82 5.38 -5.96 -5.26
CA GLU A 82 6.22 -6.68 -6.22
C GLU A 82 6.85 -7.90 -5.55
N ARG A 83 7.27 -7.74 -4.30
CA ARG A 83 7.89 -8.83 -3.56
C ARG A 83 9.17 -9.29 -4.25
N LYS A 84 10.27 -8.63 -3.96
CA LYS A 84 11.56 -8.97 -4.56
C LYS A 84 12.69 -8.25 -3.84
N SER A 85 13.57 -9.03 -3.20
CA SER A 85 14.70 -8.47 -2.47
C SER A 85 16.00 -9.14 -2.90
N GLY A 86 17.12 -8.60 -2.43
CA GLY A 86 18.42 -9.16 -2.77
C GLY A 86 19.40 -8.11 -3.27
N PRO A 87 20.33 -8.49 -4.15
CA PRO A 87 21.34 -7.55 -4.69
C PRO A 87 20.70 -6.52 -5.61
N SER A 88 21.53 -5.60 -6.11
CA SER A 88 21.06 -4.55 -7.01
C SER A 88 21.46 -4.85 -8.45
N SER A 89 21.02 -3.99 -9.37
CA SER A 89 21.33 -4.16 -10.78
C SER A 89 22.48 -3.26 -11.21
N GLY A 90 23.42 -3.02 -10.28
CA GLY A 90 24.55 -2.17 -10.58
C GLY A 90 25.82 -2.95 -10.81
N GLY A 1 35.36 7.77 -2.27
CA GLY A 1 35.86 6.37 -2.30
C GLY A 1 35.11 5.50 -3.29
N SER A 2 35.04 4.21 -3.01
CA SER A 2 34.34 3.27 -3.88
C SER A 2 33.88 2.04 -3.11
N SER A 3 32.87 1.36 -3.64
CA SER A 3 32.33 0.16 -3.00
C SER A 3 33.04 -1.09 -3.51
N GLY A 4 33.13 -1.21 -4.83
CA GLY A 4 33.79 -2.37 -5.42
C GLY A 4 33.05 -2.89 -6.63
N SER A 5 31.74 -3.03 -6.51
CA SER A 5 30.92 -3.52 -7.62
C SER A 5 29.45 -3.17 -7.40
N SER A 6 28.75 -2.89 -8.50
CA SER A 6 27.34 -2.54 -8.44
C SER A 6 26.51 -3.38 -9.41
N GLY A 7 26.03 -4.52 -8.94
CA GLY A 7 25.23 -5.39 -9.77
C GLY A 7 25.83 -6.79 -9.89
N LYS A 8 25.02 -7.80 -9.58
CA LYS A 8 25.47 -9.19 -9.64
C LYS A 8 24.62 -9.99 -10.62
N PRO A 9 25.25 -10.72 -11.56
CA PRO A 9 24.54 -11.53 -12.54
C PRO A 9 23.93 -12.79 -11.94
N SER A 10 24.33 -13.09 -10.70
CA SER A 10 23.81 -14.28 -10.02
C SER A 10 24.27 -15.56 -10.72
N GLN A 11 25.28 -16.20 -10.16
CA GLN A 11 25.81 -17.44 -10.73
C GLN A 11 26.46 -18.30 -9.65
N GLU A 12 27.45 -17.74 -8.97
CA GLU A 12 28.16 -18.46 -7.92
C GLU A 12 27.90 -17.82 -6.56
N GLY A 13 27.84 -16.49 -6.54
CA GLY A 13 27.60 -15.78 -5.30
C GLY A 13 26.20 -15.99 -4.76
N GLY A 14 25.83 -15.22 -3.74
CA GLY A 14 24.51 -15.35 -3.16
C GLY A 14 24.00 -14.04 -2.58
N LYS A 15 23.50 -13.17 -3.46
CA LYS A 15 22.99 -11.86 -3.03
C LYS A 15 21.47 -11.90 -2.93
N GLY A 16 20.82 -12.55 -3.89
CA GLY A 16 19.38 -12.63 -3.89
C GLY A 16 18.72 -11.33 -4.31
N GLY A 17 17.42 -11.40 -4.58
CA GLY A 17 16.69 -10.21 -5.00
C GLY A 17 15.90 -10.45 -6.27
N SER A 18 14.61 -10.12 -6.22
CA SER A 18 13.73 -10.30 -7.38
C SER A 18 12.33 -9.78 -7.08
N GLU A 19 11.91 -8.76 -7.82
CA GLU A 19 10.59 -8.17 -7.64
C GLU A 19 9.54 -8.93 -8.44
N LYS A 20 8.27 -8.70 -8.12
CA LYS A 20 7.17 -9.37 -8.81
C LYS A 20 5.97 -8.44 -8.94
N PRO A 21 5.21 -8.56 -10.05
CA PRO A 21 4.03 -7.72 -10.31
C PRO A 21 3.05 -7.77 -9.14
N LYS A 22 2.66 -6.59 -8.66
CA LYS A 22 1.72 -6.50 -7.55
C LYS A 22 0.90 -5.21 -7.65
N ARG A 23 -0.28 -5.21 -7.02
CA ARG A 23 -1.16 -4.05 -7.04
C ARG A 23 -0.60 -2.93 -6.16
N PRO A 24 -0.32 -1.76 -6.75
CA PRO A 24 0.22 -0.62 -6.01
C PRO A 24 -0.63 -0.27 -4.80
N VAL A 25 0.03 0.17 -3.72
CA VAL A 25 -0.66 0.55 -2.49
C VAL A 25 -0.14 1.87 -1.94
N SER A 26 -0.49 2.96 -2.62
CA SER A 26 -0.06 4.28 -2.20
C SER A 26 -0.77 4.72 -0.93
N ALA A 27 -0.45 5.92 -0.44
CA ALA A 27 -1.06 6.45 0.77
C ALA A 27 -2.58 6.53 0.63
N MET A 28 -3.04 6.98 -0.54
CA MET A 28 -4.47 7.10 -0.80
C MET A 28 -5.16 5.75 -0.74
N PHE A 29 -4.41 4.70 -1.11
CA PHE A 29 -4.95 3.35 -1.10
C PHE A 29 -5.07 2.83 0.33
N ILE A 30 -4.10 3.17 1.17
CA ILE A 30 -4.09 2.72 2.56
C ILE A 30 -5.22 3.39 3.35
N PHE A 31 -5.39 4.69 3.13
CA PHE A 31 -6.43 5.45 3.82
C PHE A 31 -7.82 5.04 3.32
N SER A 32 -7.91 4.75 2.03
CA SER A 32 -9.18 4.35 1.42
C SER A 32 -9.53 2.91 1.79
N GLU A 33 -8.50 2.12 2.11
CA GLU A 33 -8.71 0.72 2.48
C GLU A 33 -8.79 0.56 3.99
N GLU A 34 -8.08 1.42 4.71
CA GLU A 34 -8.06 1.37 6.18
C GLU A 34 -9.29 2.06 6.75
N LYS A 35 -9.79 3.07 6.04
CA LYS A 35 -10.96 3.82 6.49
C LYS A 35 -12.26 3.14 6.03
N ARG A 36 -12.15 2.34 4.97
CA ARG A 36 -13.32 1.63 4.44
C ARG A 36 -14.02 0.82 5.52
N ARG A 37 -13.25 -0.05 6.18
CA ARG A 37 -13.79 -0.89 7.24
C ARG A 37 -14.30 -0.04 8.40
N GLN A 38 -13.69 1.11 8.61
CA GLN A 38 -14.08 2.02 9.68
C GLN A 38 -15.36 2.76 9.32
N LEU A 39 -15.51 3.09 8.05
CA LEU A 39 -16.69 3.80 7.57
C LEU A 39 -17.89 2.87 7.47
N GLN A 40 -17.62 1.59 7.19
CA GLN A 40 -18.67 0.59 7.07
C GLN A 40 -19.40 0.41 8.40
N GLU A 41 -18.62 0.40 9.49
CA GLU A 41 -19.20 0.23 10.82
C GLU A 41 -19.95 1.48 11.26
N GLU A 42 -19.35 2.64 11.01
CA GLU A 42 -19.96 3.91 11.38
C GLU A 42 -21.13 4.24 10.47
N ARG A 43 -21.03 3.79 9.22
CA ARG A 43 -22.09 4.05 8.24
C ARG A 43 -22.50 2.75 7.54
N PRO A 44 -23.35 1.95 8.19
CA PRO A 44 -23.81 0.67 7.63
C PRO A 44 -24.76 0.87 6.44
N GLU A 45 -25.18 2.11 6.21
CA GLU A 45 -26.09 2.42 5.11
C GLU A 45 -25.33 2.47 3.79
N LEU A 46 -24.06 2.88 3.85
CA LEU A 46 -23.22 2.98 2.67
C LEU A 46 -22.56 1.65 2.35
N SER A 47 -22.32 1.39 1.07
CA SER A 47 -21.69 0.15 0.64
C SER A 47 -20.24 0.40 0.22
N GLU A 48 -19.54 -0.68 -0.12
CA GLU A 48 -18.14 -0.57 -0.53
C GLU A 48 -18.00 0.34 -1.74
N SER A 49 -19.00 0.31 -2.62
CA SER A 49 -18.99 1.14 -3.82
C SER A 49 -19.20 2.61 -3.47
N GLU A 50 -19.97 2.85 -2.41
CA GLU A 50 -20.25 4.22 -1.98
C GLU A 50 -19.10 4.77 -1.14
N LEU A 51 -18.43 3.89 -0.40
CA LEU A 51 -17.32 4.29 0.45
C LEU A 51 -16.16 4.81 -0.39
N THR A 52 -15.96 4.20 -1.56
CA THR A 52 -14.88 4.59 -2.45
C THR A 52 -14.98 6.07 -2.83
N ARG A 53 -16.20 6.60 -2.82
CA ARG A 53 -16.43 7.99 -3.14
C ARG A 53 -16.22 8.88 -1.92
N LEU A 54 -16.62 8.40 -0.75
CA LEU A 54 -16.48 9.16 0.48
C LEU A 54 -15.05 9.10 0.99
N LEU A 55 -14.37 7.99 0.72
CA LEU A 55 -12.99 7.80 1.14
C LEU A 55 -12.07 8.82 0.46
N ALA A 56 -12.28 9.01 -0.84
CA ALA A 56 -11.48 9.95 -1.60
C ALA A 56 -11.67 11.38 -1.11
N ARG A 57 -12.87 11.67 -0.60
CA ARG A 57 -13.18 13.00 -0.10
C ARG A 57 -12.46 13.25 1.24
N MET A 58 -12.49 12.26 2.11
CA MET A 58 -11.84 12.37 3.42
C MET A 58 -10.34 12.60 3.27
N TRP A 59 -9.77 11.98 2.24
CA TRP A 59 -8.33 12.11 1.99
C TRP A 59 -7.96 13.57 1.74
N ASN A 60 -8.78 14.28 0.98
CA ASN A 60 -8.53 15.68 0.68
C ASN A 60 -8.62 16.54 1.94
N ASP A 61 -9.46 16.12 2.86
CA ASP A 61 -9.64 16.85 4.12
C ASP A 61 -8.40 16.73 5.01
N LEU A 62 -7.71 15.60 4.89
CA LEU A 62 -6.51 15.37 5.68
C LEU A 62 -5.45 16.41 5.37
N SER A 63 -4.37 16.41 6.17
CA SER A 63 -3.29 17.36 5.97
C SER A 63 -1.97 16.63 5.71
N GLU A 64 -0.93 17.40 5.37
CA GLU A 64 0.38 16.83 5.09
C GLU A 64 0.91 16.05 6.30
N LYS A 65 0.58 16.54 7.50
CA LYS A 65 1.03 15.90 8.72
C LYS A 65 0.35 14.55 8.92
N LYS A 66 -0.98 14.55 8.83
CA LYS A 66 -1.75 13.32 8.99
C LYS A 66 -1.50 12.36 7.83
N LYS A 67 -1.32 12.92 6.64
CA LYS A 67 -1.07 12.11 5.45
C LYS A 67 0.25 11.35 5.57
N ALA A 68 1.19 11.94 6.31
CA ALA A 68 2.50 11.32 6.50
C ALA A 68 2.37 9.93 7.12
N LYS A 69 1.32 9.74 7.92
CA LYS A 69 1.09 8.46 8.57
C LYS A 69 0.90 7.35 7.54
N TYR A 70 0.36 7.71 6.38
CA TYR A 70 0.13 6.74 5.32
C TYR A 70 1.19 6.86 4.22
N LYS A 71 1.62 8.09 3.96
CA LYS A 71 2.62 8.35 2.93
C LYS A 71 3.92 7.62 3.26
N ALA A 72 4.19 7.45 4.55
CA ALA A 72 5.41 6.77 4.99
C ALA A 72 5.36 5.28 4.63
N ARG A 73 4.21 4.67 4.86
CA ARG A 73 4.03 3.25 4.57
C ARG A 73 4.06 3.00 3.06
N GLU A 74 3.68 4.02 2.29
CA GLU A 74 3.66 3.90 0.83
C GLU A 74 5.04 3.53 0.29
N ALA A 75 6.08 3.97 0.99
CA ALA A 75 7.45 3.68 0.59
C ALA A 75 7.82 2.22 0.86
N ALA A 76 7.19 1.64 1.87
CA ALA A 76 7.44 0.25 2.23
C ALA A 76 6.59 -0.71 1.41
N LEU A 77 5.43 -0.23 0.96
CA LEU A 77 4.51 -1.04 0.17
C LEU A 77 4.86 -0.96 -1.32
N LYS A 78 5.34 0.21 -1.74
CA LYS A 78 5.70 0.41 -3.13
C LYS A 78 6.78 -0.58 -3.58
N ALA A 79 7.58 -1.05 -2.63
CA ALA A 79 8.64 -2.00 -2.93
C ALA A 79 8.09 -3.24 -3.63
N GLN A 80 6.85 -3.58 -3.33
CA GLN A 80 6.21 -4.74 -3.94
C GLN A 80 5.68 -4.41 -5.33
N SER A 81 5.28 -3.16 -5.53
CA SER A 81 4.76 -2.72 -6.82
C SER A 81 5.77 -1.84 -7.55
N GLU A 82 7.03 -2.26 -7.53
CA GLU A 82 8.09 -1.50 -8.18
C GLU A 82 8.84 -2.37 -9.20
N ARG A 83 8.26 -2.52 -10.39
CA ARG A 83 8.86 -3.32 -11.44
C ARG A 83 8.08 -3.18 -12.74
N LYS A 84 6.84 -3.66 -12.73
CA LYS A 84 5.99 -3.60 -13.92
C LYS A 84 4.52 -3.47 -13.51
N SER A 85 3.79 -2.62 -14.23
CA SER A 85 2.38 -2.40 -13.95
C SER A 85 1.69 -1.71 -15.12
N GLY A 86 1.22 -2.50 -16.08
CA GLY A 86 0.55 -1.93 -17.23
C GLY A 86 1.06 -2.52 -18.54
N PRO A 87 0.73 -1.90 -19.68
CA PRO A 87 1.17 -2.38 -21.00
C PRO A 87 2.66 -2.18 -21.22
N SER A 88 3.23 -1.17 -20.56
CA SER A 88 4.65 -0.88 -20.68
C SER A 88 5.28 -0.73 -19.30
N SER A 89 6.60 -0.93 -19.25
CA SER A 89 7.33 -0.82 -17.99
C SER A 89 8.66 -0.10 -18.20
N GLY A 90 8.69 0.83 -19.16
CA GLY A 90 9.91 1.56 -19.44
C GLY A 90 10.18 1.68 -20.93
N GLY A 1 21.10 -7.12 23.69
CA GLY A 1 22.48 -7.28 23.16
C GLY A 1 22.54 -7.22 21.64
N SER A 2 22.47 -8.39 21.00
CA SER A 2 22.52 -8.47 19.55
C SER A 2 21.30 -7.77 18.93
N SER A 3 20.12 -8.33 19.18
CA SER A 3 18.89 -7.75 18.66
C SER A 3 17.67 -8.35 19.35
N GLY A 4 16.49 -7.81 19.05
CA GLY A 4 15.27 -8.30 19.65
C GLY A 4 14.03 -7.78 18.97
N SER A 5 13.26 -6.96 19.69
CA SER A 5 12.04 -6.38 19.14
C SER A 5 12.30 -4.99 18.57
N SER A 6 11.95 -4.81 17.30
CA SER A 6 12.14 -3.52 16.63
C SER A 6 13.63 -3.14 16.62
N GLY A 7 14.34 -3.63 15.62
CA GLY A 7 15.76 -3.33 15.51
C GLY A 7 16.08 -2.46 14.30
N LYS A 8 15.25 -2.58 13.26
CA LYS A 8 15.44 -1.80 12.04
C LYS A 8 16.79 -2.14 11.40
N PRO A 9 16.83 -3.17 10.54
CA PRO A 9 18.06 -3.59 9.86
C PRO A 9 18.74 -2.43 9.14
N SER A 10 20.01 -2.62 8.80
CA SER A 10 20.78 -1.59 8.11
C SER A 10 21.02 -1.97 6.65
N GLN A 11 21.47 -1.01 5.85
CA GLN A 11 21.74 -1.25 4.44
C GLN A 11 22.92 -0.41 3.97
N GLU A 12 23.80 -1.03 3.18
CA GLU A 12 24.97 -0.34 2.66
C GLU A 12 24.93 -0.28 1.13
N GLY A 13 24.87 0.93 0.59
CA GLY A 13 24.84 1.10 -0.85
C GLY A 13 23.42 1.15 -1.38
N GLY A 14 23.11 2.18 -2.17
CA GLY A 14 21.79 2.32 -2.73
C GLY A 14 21.82 2.51 -4.23
N LYS A 15 22.37 1.55 -4.95
CA LYS A 15 22.46 1.61 -6.40
C LYS A 15 21.56 0.56 -7.05
N GLY A 16 20.58 1.02 -7.82
CA GLY A 16 19.66 0.11 -8.48
C GLY A 16 18.25 0.23 -7.97
N GLY A 17 17.69 1.43 -8.03
CA GLY A 17 16.35 1.65 -7.56
C GLY A 17 15.29 1.25 -8.58
N SER A 18 14.04 1.59 -8.31
CA SER A 18 12.95 1.25 -9.22
C SER A 18 12.83 -0.27 -9.40
N GLU A 19 11.79 -0.69 -10.10
CA GLU A 19 11.56 -2.12 -10.34
C GLU A 19 10.50 -2.32 -11.42
N LYS A 20 10.20 -3.57 -11.71
CA LYS A 20 9.20 -3.91 -12.72
C LYS A 20 7.84 -3.32 -12.37
N PRO A 21 7.05 -2.90 -13.38
CA PRO A 21 5.73 -2.32 -13.16
C PRO A 21 4.83 -3.21 -12.30
N LYS A 22 4.37 -2.67 -11.19
CA LYS A 22 3.50 -3.41 -10.28
C LYS A 22 2.54 -2.46 -9.56
N ARG A 23 1.36 -2.98 -9.21
CA ARG A 23 0.36 -2.18 -8.51
C ARG A 23 0.92 -1.60 -7.22
N PRO A 24 1.13 -0.27 -7.17
CA PRO A 24 1.67 0.40 -5.99
C PRO A 24 0.58 0.79 -5.00
N VAL A 25 0.79 0.45 -3.73
CA VAL A 25 -0.17 0.78 -2.68
C VAL A 25 0.10 2.15 -2.09
N SER A 26 -0.18 3.20 -2.88
CA SER A 26 0.05 4.57 -2.44
C SER A 26 -0.73 4.86 -1.16
N ALA A 27 -0.52 6.05 -0.60
CA ALA A 27 -1.21 6.46 0.63
C ALA A 27 -2.71 6.43 0.45
N MET A 28 -3.16 6.76 -0.77
CA MET A 28 -4.59 6.77 -1.06
C MET A 28 -5.21 5.39 -0.85
N PHE A 29 -4.47 4.35 -1.25
CA PHE A 29 -4.93 2.99 -1.10
C PHE A 29 -5.04 2.59 0.38
N ILE A 30 -3.99 2.92 1.14
CA ILE A 30 -3.96 2.62 2.56
C ILE A 30 -5.10 3.32 3.30
N PHE A 31 -5.22 4.62 3.06
CA PHE A 31 -6.27 5.42 3.70
C PHE A 31 -7.66 4.96 3.24
N SER A 32 -7.77 4.65 1.95
CA SER A 32 -9.04 4.21 1.40
C SER A 32 -9.36 2.77 1.82
N GLU A 33 -8.34 2.04 2.25
CA GLU A 33 -8.51 0.66 2.67
C GLU A 33 -8.62 0.56 4.20
N GLU A 34 -7.96 1.49 4.89
CA GLU A 34 -7.98 1.50 6.35
C GLU A 34 -9.18 2.28 6.87
N LYS A 35 -9.60 3.29 6.12
CA LYS A 35 -10.73 4.11 6.52
C LYS A 35 -12.05 3.45 6.12
N ARG A 36 -12.03 2.67 5.06
CA ARG A 36 -13.22 1.98 4.59
C ARG A 36 -13.80 1.08 5.68
N ARG A 37 -12.93 0.30 6.31
CA ARG A 37 -13.36 -0.61 7.37
C ARG A 37 -13.99 0.17 8.53
N GLN A 38 -13.51 1.39 8.74
CA GLN A 38 -14.01 2.24 9.81
C GLN A 38 -15.39 2.78 9.45
N LEU A 39 -15.60 3.06 8.17
CA LEU A 39 -16.88 3.59 7.70
C LEU A 39 -17.88 2.47 7.49
N GLN A 40 -17.39 1.31 7.03
CA GLN A 40 -18.25 0.17 6.79
C GLN A 40 -18.85 -0.36 8.09
N GLU A 41 -18.00 -0.46 9.11
CA GLU A 41 -18.45 -0.95 10.41
C GLU A 41 -19.43 0.02 11.05
N GLU A 42 -19.06 1.29 11.09
CA GLU A 42 -19.93 2.32 11.67
C GLU A 42 -21.18 2.52 10.83
N ARG A 43 -21.05 2.30 9.52
CA ARG A 43 -22.18 2.45 8.60
C ARG A 43 -22.39 1.18 7.79
N PRO A 44 -23.03 0.17 8.40
CA PRO A 44 -23.31 -1.11 7.73
C PRO A 44 -24.29 -0.97 6.58
N GLU A 45 -25.04 0.13 6.58
CA GLU A 45 -26.02 0.38 5.53
C GLU A 45 -25.34 0.77 4.23
N LEU A 46 -24.23 1.49 4.35
CA LEU A 46 -23.47 1.93 3.18
C LEU A 46 -22.64 0.79 2.61
N SER A 47 -22.19 0.96 1.36
CA SER A 47 -21.39 -0.06 0.69
C SER A 47 -20.04 0.51 0.25
N GLU A 48 -19.14 -0.36 -0.17
CA GLU A 48 -17.82 0.05 -0.63
C GLU A 48 -17.92 1.00 -1.82
N SER A 49 -18.94 0.79 -2.64
CA SER A 49 -19.16 1.62 -3.82
C SER A 49 -19.43 3.06 -3.42
N GLU A 50 -20.25 3.24 -2.39
CA GLU A 50 -20.60 4.57 -1.90
C GLU A 50 -19.50 5.13 -1.01
N LEU A 51 -18.84 4.24 -0.27
CA LEU A 51 -17.76 4.65 0.62
C LEU A 51 -16.61 5.30 -0.15
N THR A 52 -16.45 4.88 -1.40
CA THR A 52 -15.39 5.41 -2.25
C THR A 52 -15.55 6.92 -2.43
N ARG A 53 -16.80 7.37 -2.55
CA ARG A 53 -17.09 8.79 -2.72
C ARG A 53 -16.72 9.57 -1.48
N LEU A 54 -16.85 8.93 -0.32
CA LEU A 54 -16.52 9.58 0.95
C LEU A 54 -15.03 9.43 1.27
N LEU A 55 -14.46 8.30 0.87
CA LEU A 55 -13.05 8.04 1.11
C LEU A 55 -12.17 8.97 0.27
N ALA A 56 -12.51 9.08 -1.02
CA ALA A 56 -11.75 9.93 -1.93
C ALA A 56 -11.81 11.39 -1.50
N ARG A 57 -12.92 11.77 -0.88
CA ARG A 57 -13.11 13.14 -0.42
C ARG A 57 -12.38 13.38 0.89
N MET A 58 -12.38 12.36 1.75
CA MET A 58 -11.71 12.46 3.04
C MET A 58 -10.20 12.67 2.88
N TRP A 59 -9.62 11.96 1.91
CA TRP A 59 -8.20 12.05 1.64
C TRP A 59 -7.80 13.49 1.31
N ASN A 60 -8.56 14.11 0.41
CA ASN A 60 -8.30 15.48 0.00
C ASN A 60 -8.48 16.44 1.17
N ASP A 61 -9.37 16.09 2.09
CA ASP A 61 -9.65 16.92 3.25
C ASP A 61 -8.53 16.80 4.28
N LEU A 62 -7.84 15.66 4.28
CA LEU A 62 -6.74 15.42 5.22
C LEU A 62 -5.69 16.52 5.12
N SER A 63 -4.67 16.43 5.96
CA SER A 63 -3.59 17.41 5.97
C SER A 63 -2.25 16.76 5.64
N GLU A 64 -1.21 17.57 5.49
CA GLU A 64 0.12 17.07 5.16
C GLU A 64 0.67 16.24 6.32
N LYS A 65 0.27 16.58 7.54
CA LYS A 65 0.74 15.87 8.72
C LYS A 65 0.03 14.52 8.86
N LYS A 66 -1.29 14.54 8.72
CA LYS A 66 -2.09 13.33 8.83
C LYS A 66 -1.78 12.37 7.69
N LYS A 67 -1.44 12.93 6.53
CA LYS A 67 -1.13 12.12 5.36
C LYS A 67 0.24 11.45 5.51
N ALA A 68 1.13 12.10 6.25
CA ALA A 68 2.47 11.56 6.47
C ALA A 68 2.41 10.19 7.13
N LYS A 69 1.36 9.95 7.89
CA LYS A 69 1.18 8.67 8.58
C LYS A 69 1.07 7.52 7.59
N TYR A 70 0.39 7.77 6.47
CA TYR A 70 0.19 6.76 5.45
C TYR A 70 1.27 6.86 4.37
N LYS A 71 1.74 8.08 4.12
CA LYS A 71 2.77 8.31 3.11
C LYS A 71 4.04 7.52 3.43
N ALA A 72 4.28 7.28 4.72
CA ALA A 72 5.45 6.54 5.15
C ALA A 72 5.31 5.05 4.86
N ARG A 73 4.07 4.57 4.90
CA ARG A 73 3.79 3.16 4.64
C ARG A 73 3.92 2.84 3.15
N GLU A 74 3.65 3.84 2.31
CA GLU A 74 3.73 3.67 0.87
C GLU A 74 5.13 3.20 0.45
N ALA A 75 6.15 3.85 0.99
CA ALA A 75 7.53 3.51 0.66
C ALA A 75 7.83 2.06 1.02
N ALA A 76 7.19 1.56 2.07
CA ALA A 76 7.38 0.19 2.51
C ALA A 76 6.49 -0.78 1.74
N LEU A 77 5.33 -0.30 1.33
CA LEU A 77 4.38 -1.12 0.58
C LEU A 77 4.78 -1.21 -0.88
N LYS A 78 5.47 -0.19 -1.38
CA LYS A 78 5.91 -0.17 -2.78
C LYS A 78 6.99 -1.22 -3.03
N ALA A 79 7.75 -1.55 -2.00
CA ALA A 79 8.82 -2.53 -2.11
C ALA A 79 8.27 -3.95 -2.04
N GLN A 80 7.52 -4.23 -0.97
CA GLN A 80 6.92 -5.55 -0.78
C GLN A 80 6.05 -5.93 -1.95
N SER A 81 5.52 -4.94 -2.66
CA SER A 81 4.66 -5.18 -3.81
C SER A 81 5.41 -5.92 -4.90
N GLU A 82 6.72 -5.69 -4.99
CA GLU A 82 7.54 -6.33 -6.00
C GLU A 82 8.20 -7.60 -5.44
N ARG A 83 7.38 -8.49 -4.91
CA ARG A 83 7.89 -9.74 -4.34
C ARG A 83 6.74 -10.61 -3.84
N LYS A 84 5.66 -10.68 -4.62
CA LYS A 84 4.50 -11.49 -4.26
C LYS A 84 3.85 -12.10 -5.49
N SER A 85 3.64 -11.28 -6.50
CA SER A 85 3.02 -11.74 -7.74
C SER A 85 4.05 -12.36 -8.67
N GLY A 86 3.61 -12.77 -9.85
CA GLY A 86 4.51 -13.38 -10.82
C GLY A 86 4.67 -12.54 -12.07
N PRO A 87 5.80 -12.66 -12.77
CA PRO A 87 6.07 -11.91 -14.00
C PRO A 87 4.95 -12.05 -15.01
N SER A 88 4.84 -11.08 -15.92
CA SER A 88 3.80 -11.10 -16.95
C SER A 88 2.41 -11.10 -16.32
N SER A 89 1.82 -9.91 -16.22
CA SER A 89 0.50 -9.77 -15.65
C SER A 89 -0.55 -10.47 -16.50
N GLY A 90 -1.07 -11.60 -16.00
CA GLY A 90 -2.06 -12.34 -16.72
C GLY A 90 -3.49 -11.95 -16.34
N GLY A 1 32.32 -11.68 -5.75
CA GLY A 1 33.02 -10.38 -5.58
C GLY A 1 33.88 -10.03 -6.78
N SER A 2 34.80 -10.92 -7.13
CA SER A 2 35.68 -10.70 -8.27
C SER A 2 36.11 -12.02 -8.90
N SER A 3 36.58 -12.94 -8.06
CA SER A 3 37.01 -14.25 -8.52
C SER A 3 36.89 -15.30 -7.43
N GLY A 4 35.67 -15.79 -7.22
CA GLY A 4 35.45 -16.80 -6.20
C GLY A 4 34.07 -17.44 -6.30
N SER A 5 34.03 -18.75 -6.42
CA SER A 5 32.78 -19.48 -6.53
C SER A 5 32.00 -19.04 -7.75
N SER A 6 32.72 -18.67 -8.81
CA SER A 6 32.10 -18.23 -10.05
C SER A 6 31.67 -19.43 -10.90
N GLY A 7 30.40 -19.45 -11.27
CA GLY A 7 29.89 -20.54 -12.08
C GLY A 7 29.47 -20.10 -13.47
N LYS A 8 29.18 -18.81 -13.62
CA LYS A 8 28.77 -18.26 -14.90
C LYS A 8 27.44 -18.85 -15.35
N PRO A 9 26.33 -18.12 -15.15
CA PRO A 9 25.00 -18.59 -15.53
C PRO A 9 24.83 -18.69 -17.04
N SER A 10 23.69 -19.22 -17.48
CA SER A 10 23.41 -19.37 -18.90
C SER A 10 23.04 -18.03 -19.52
N GLN A 11 23.38 -17.87 -20.81
CA GLN A 11 23.08 -16.63 -21.53
C GLN A 11 21.86 -16.79 -22.41
N GLU A 12 20.92 -17.64 -21.97
CA GLU A 12 19.70 -17.88 -22.73
C GLU A 12 18.55 -18.27 -21.80
N GLY A 13 17.85 -17.26 -21.29
CA GLY A 13 16.73 -17.52 -20.40
C GLY A 13 16.91 -16.87 -19.04
N GLY A 14 15.95 -16.02 -18.66
CA GLY A 14 16.03 -15.35 -17.38
C GLY A 14 15.69 -13.87 -17.48
N LYS A 15 15.20 -13.29 -16.39
CA LYS A 15 14.84 -11.88 -16.37
C LYS A 15 15.17 -11.25 -15.02
N GLY A 16 15.65 -10.02 -15.04
CA GLY A 16 15.99 -9.34 -13.81
C GLY A 16 16.51 -7.92 -14.06
N GLY A 17 15.71 -6.93 -13.70
CA GLY A 17 16.11 -5.55 -13.89
C GLY A 17 15.05 -4.57 -13.43
N SER A 18 13.84 -4.71 -13.96
CA SER A 18 12.73 -3.83 -13.61
C SER A 18 11.64 -4.60 -12.88
N GLU A 19 10.62 -3.89 -12.42
CA GLU A 19 9.51 -4.50 -11.71
C GLU A 19 8.36 -4.82 -12.66
N LYS A 20 7.34 -5.50 -12.15
CA LYS A 20 6.18 -5.86 -12.95
C LYS A 20 4.95 -5.07 -12.52
N PRO A 21 3.94 -4.95 -13.42
CA PRO A 21 2.72 -4.21 -13.13
C PRO A 21 1.84 -4.91 -12.10
N LYS A 22 1.54 -4.21 -11.00
CA LYS A 22 0.72 -4.77 -9.94
C LYS A 22 0.02 -3.66 -9.16
N ARG A 23 -1.10 -4.00 -8.53
CA ARG A 23 -1.87 -3.04 -7.75
C ARG A 23 -1.03 -2.49 -6.59
N PRO A 24 -0.64 -1.20 -6.65
CA PRO A 24 0.15 -0.59 -5.59
C PRO A 24 -0.68 -0.24 -4.36
N VAL A 25 -0.02 0.27 -3.33
CA VAL A 25 -0.69 0.64 -2.09
C VAL A 25 -0.23 2.00 -1.60
N SER A 26 -0.41 3.03 -2.44
CA SER A 26 -0.01 4.38 -2.08
C SER A 26 -0.71 4.85 -0.81
N ALA A 27 -0.41 6.07 -0.39
CA ALA A 27 -1.00 6.64 0.82
C ALA A 27 -2.52 6.70 0.69
N MET A 28 -3.00 6.97 -0.52
CA MET A 28 -4.44 7.06 -0.77
C MET A 28 -5.10 5.70 -0.59
N PHE A 29 -4.35 4.64 -0.88
CA PHE A 29 -4.87 3.28 -0.75
C PHE A 29 -4.93 2.84 0.71
N ILE A 30 -3.94 3.28 1.49
CA ILE A 30 -3.88 2.95 2.91
C ILE A 30 -5.00 3.63 3.68
N PHE A 31 -5.29 4.88 3.32
CA PHE A 31 -6.33 5.65 3.98
C PHE A 31 -7.71 5.19 3.51
N SER A 32 -7.83 4.93 2.21
CA SER A 32 -9.10 4.49 1.64
C SER A 32 -9.41 3.05 2.04
N GLU A 33 -8.38 2.30 2.41
CA GLU A 33 -8.56 0.91 2.81
C GLU A 33 -8.76 0.80 4.32
N GLU A 34 -8.08 1.67 5.08
CA GLU A 34 -8.19 1.66 6.53
C GLU A 34 -9.44 2.41 6.99
N LYS A 35 -9.85 3.41 6.22
CA LYS A 35 -11.03 4.19 6.56
C LYS A 35 -12.30 3.49 6.11
N ARG A 36 -12.19 2.68 5.06
CA ARG A 36 -13.34 1.95 4.54
C ARG A 36 -13.96 1.06 5.61
N ARG A 37 -13.16 0.15 6.15
CA ARG A 37 -13.63 -0.76 7.19
C ARG A 37 -14.15 0.01 8.41
N GLN A 38 -13.57 1.18 8.64
CA GLN A 38 -13.96 2.02 9.77
C GLN A 38 -15.31 2.68 9.51
N LEU A 39 -15.59 2.97 8.24
CA LEU A 39 -16.84 3.61 7.86
C LEU A 39 -17.91 2.56 7.59
N GLN A 40 -17.50 1.39 7.12
CA GLN A 40 -18.42 0.31 6.81
C GLN A 40 -19.20 -0.10 8.06
N GLU A 41 -18.48 -0.31 9.16
CA GLU A 41 -19.10 -0.71 10.42
C GLU A 41 -20.09 0.34 10.88
N GLU A 42 -19.64 1.59 10.97
CA GLU A 42 -20.50 2.69 11.40
C GLU A 42 -21.63 2.92 10.40
N ARG A 43 -21.36 2.66 9.13
CA ARG A 43 -22.35 2.84 8.08
C ARG A 43 -22.61 1.53 7.35
N PRO A 44 -23.39 0.62 7.97
CA PRO A 44 -23.71 -0.69 7.37
C PRO A 44 -24.63 -0.55 6.17
N GLU A 45 -25.35 0.56 6.08
CA GLU A 45 -26.27 0.81 4.98
C GLU A 45 -25.50 1.14 3.70
N LEU A 46 -24.36 1.81 3.86
CA LEU A 46 -23.54 2.20 2.72
C LEU A 46 -22.56 1.09 2.36
N SER A 47 -22.49 0.77 1.07
CA SER A 47 -21.59 -0.28 0.59
C SER A 47 -20.22 0.29 0.24
N GLU A 48 -19.30 -0.59 -0.14
CA GLU A 48 -17.94 -0.17 -0.50
C GLU A 48 -17.97 0.75 -1.73
N SER A 49 -18.95 0.53 -2.60
CA SER A 49 -19.08 1.33 -3.81
C SER A 49 -19.26 2.81 -3.46
N GLU A 50 -20.14 3.09 -2.50
CA GLU A 50 -20.41 4.45 -2.08
C GLU A 50 -19.29 4.99 -1.22
N LEU A 51 -18.70 4.11 -0.40
CA LEU A 51 -17.61 4.48 0.48
C LEU A 51 -16.43 5.02 -0.31
N THR A 52 -16.27 4.52 -1.54
CA THR A 52 -15.17 4.94 -2.40
C THR A 52 -15.19 6.45 -2.62
N ARG A 53 -16.38 7.00 -2.80
CA ARG A 53 -16.54 8.43 -3.02
C ARG A 53 -16.27 9.21 -1.74
N LEU A 54 -16.59 8.59 -0.61
CA LEU A 54 -16.38 9.23 0.69
C LEU A 54 -14.92 9.11 1.13
N LEU A 55 -14.29 8.01 0.75
CA LEU A 55 -12.89 7.78 1.10
C LEU A 55 -11.96 8.68 0.29
N ALA A 56 -12.31 8.88 -0.97
CA ALA A 56 -11.51 9.71 -1.87
C ALA A 56 -11.56 11.17 -1.43
N ARG A 57 -12.72 11.62 -0.96
CA ARG A 57 -12.90 12.99 -0.51
C ARG A 57 -12.25 13.20 0.84
N MET A 58 -12.37 12.21 1.72
CA MET A 58 -11.78 12.30 3.06
C MET A 58 -10.27 12.49 2.97
N TRP A 59 -9.67 11.93 1.93
CA TRP A 59 -8.22 12.04 1.75
C TRP A 59 -7.81 13.49 1.54
N ASN A 60 -8.69 14.27 0.92
CA ASN A 60 -8.43 15.68 0.66
C ASN A 60 -8.54 16.51 1.94
N ASP A 61 -9.57 16.20 2.74
CA ASP A 61 -9.79 16.92 3.99
C ASP A 61 -8.63 16.70 4.96
N LEU A 62 -7.93 15.58 4.80
CA LEU A 62 -6.80 15.25 5.67
C LEU A 62 -5.77 16.36 5.66
N SER A 63 -4.72 16.20 6.46
CA SER A 63 -3.67 17.20 6.56
C SER A 63 -2.31 16.58 6.20
N GLU A 64 -1.32 17.44 5.99
CA GLU A 64 0.03 16.98 5.65
C GLU A 64 0.61 16.11 6.75
N LYS A 65 0.20 16.39 7.99
CA LYS A 65 0.69 15.63 9.13
C LYS A 65 0.09 14.22 9.16
N LYS A 66 -1.19 14.13 8.84
CA LYS A 66 -1.88 12.85 8.82
C LYS A 66 -1.57 12.07 7.55
N LYS A 67 -1.32 12.79 6.47
CA LYS A 67 -0.99 12.17 5.19
C LYS A 67 0.41 11.58 5.20
N ALA A 68 1.31 12.21 5.97
CA ALA A 68 2.69 11.76 6.07
C ALA A 68 2.75 10.34 6.63
N LYS A 69 1.79 9.99 7.47
CA LYS A 69 1.74 8.66 8.08
C LYS A 69 1.54 7.59 7.02
N TYR A 70 0.59 7.81 6.13
CA TYR A 70 0.30 6.86 5.05
C TYR A 70 1.31 6.99 3.92
N LYS A 71 1.76 8.21 3.68
CA LYS A 71 2.73 8.47 2.63
C LYS A 71 4.03 7.69 2.85
N ALA A 72 4.52 7.73 4.09
CA ALA A 72 5.74 7.03 4.45
C ALA A 72 5.58 5.52 4.28
N ARG A 73 4.39 5.01 4.61
CA ARG A 73 4.11 3.59 4.50
C ARG A 73 4.08 3.15 3.03
N GLU A 74 3.83 4.09 2.13
CA GLU A 74 3.77 3.79 0.71
C GLU A 74 5.07 3.13 0.24
N ALA A 75 6.19 3.76 0.53
CA ALA A 75 7.50 3.23 0.15
C ALA A 75 7.73 1.84 0.72
N ALA A 76 7.09 1.55 1.84
CA ALA A 76 7.23 0.25 2.48
C ALA A 76 6.24 -0.76 1.93
N LEU A 77 5.10 -0.26 1.47
CA LEU A 77 4.07 -1.13 0.91
C LEU A 77 4.28 -1.36 -0.60
N LYS A 78 4.88 -0.37 -1.25
CA LYS A 78 5.14 -0.46 -2.69
C LYS A 78 6.21 -1.52 -2.97
N ALA A 79 7.12 -1.70 -2.03
CA ALA A 79 8.19 -2.69 -2.19
C ALA A 79 7.62 -4.10 -2.30
N GLN A 80 6.51 -4.34 -1.62
CA GLN A 80 5.86 -5.64 -1.64
C GLN A 80 5.26 -5.94 -3.01
N SER A 81 5.15 -4.92 -3.84
CA SER A 81 4.57 -5.07 -5.18
C SER A 81 5.29 -6.16 -5.96
N GLU A 82 6.58 -6.36 -5.66
CA GLU A 82 7.37 -7.37 -6.34
C GLU A 82 7.75 -8.49 -5.38
N ARG A 83 7.38 -9.72 -5.72
CA ARG A 83 7.68 -10.88 -4.89
C ARG A 83 8.92 -11.61 -5.39
N LYS A 84 9.99 -11.55 -4.61
CA LYS A 84 11.24 -12.20 -4.97
C LYS A 84 12.14 -12.39 -3.75
N SER A 85 13.27 -13.04 -3.95
CA SER A 85 14.22 -13.29 -2.87
C SER A 85 15.63 -12.83 -3.25
N GLY A 86 16.18 -13.44 -4.29
CA GLY A 86 17.51 -13.09 -4.74
C GLY A 86 18.04 -14.05 -5.79
N PRO A 87 19.24 -13.78 -6.35
CA PRO A 87 19.84 -14.64 -7.37
C PRO A 87 20.29 -15.98 -6.81
N SER A 88 20.80 -15.96 -5.58
CA SER A 88 21.27 -17.17 -4.92
C SER A 88 22.43 -17.79 -5.70
N SER A 89 23.58 -17.91 -5.04
CA SER A 89 24.76 -18.50 -5.67
C SER A 89 24.49 -19.94 -6.11
N GLY A 90 24.71 -20.21 -7.40
CA GLY A 90 24.48 -21.54 -7.92
C GLY A 90 25.61 -22.00 -8.81
N GLY A 1 11.77 -36.27 -13.62
CA GLY A 1 11.44 -35.40 -12.45
C GLY A 1 11.66 -36.10 -11.13
N SER A 2 11.52 -37.43 -11.14
CA SER A 2 11.70 -38.23 -9.94
C SER A 2 13.13 -38.13 -9.42
N SER A 3 14.08 -38.10 -10.36
CA SER A 3 15.50 -38.02 -10.00
C SER A 3 15.83 -36.63 -9.47
N GLY A 4 15.33 -35.60 -10.15
CA GLY A 4 15.60 -34.23 -9.74
C GLY A 4 16.06 -33.36 -10.88
N SER A 5 15.38 -33.48 -12.02
CA SER A 5 15.73 -32.69 -13.20
C SER A 5 14.80 -31.48 -13.34
N SER A 6 13.51 -31.75 -13.47
CA SER A 6 12.52 -30.68 -13.61
C SER A 6 12.14 -30.11 -12.25
N GLY A 7 12.28 -28.80 -12.11
CA GLY A 7 11.95 -28.15 -10.85
C GLY A 7 12.42 -26.71 -10.81
N LYS A 8 12.26 -26.00 -11.91
CA LYS A 8 12.68 -24.61 -11.99
C LYS A 8 11.93 -23.87 -13.11
N PRO A 9 11.45 -22.64 -12.84
CA PRO A 9 10.72 -21.85 -13.83
C PRO A 9 11.65 -21.22 -14.86
N SER A 10 12.38 -22.06 -15.59
CA SER A 10 13.30 -21.58 -16.61
C SER A 10 13.47 -22.61 -17.72
N GLN A 11 13.00 -22.27 -18.91
CA GLN A 11 13.11 -23.16 -20.05
C GLN A 11 13.54 -22.41 -21.30
N GLU A 12 12.84 -21.32 -21.61
CA GLU A 12 13.16 -20.51 -22.78
C GLU A 12 12.72 -19.06 -22.56
N GLY A 13 12.75 -18.61 -21.32
CA GLY A 13 12.36 -17.25 -21.00
C GLY A 13 13.37 -16.54 -20.13
N GLY A 14 13.27 -15.22 -20.07
CA GLY A 14 14.18 -14.44 -19.26
C GLY A 14 13.47 -13.45 -18.36
N LYS A 15 13.80 -13.49 -17.07
CA LYS A 15 13.19 -12.59 -16.09
C LYS A 15 13.88 -11.24 -16.08
N GLY A 16 13.13 -10.19 -16.40
CA GLY A 16 13.70 -8.86 -16.43
C GLY A 16 13.88 -8.28 -15.04
N GLY A 17 13.44 -7.04 -14.85
CA GLY A 17 13.56 -6.39 -13.56
C GLY A 17 13.02 -4.98 -13.56
N SER A 18 11.93 -4.77 -14.29
CA SER A 18 11.31 -3.45 -14.37
C SER A 18 9.95 -3.44 -13.69
N GLU A 19 9.78 -4.31 -12.69
CA GLU A 19 8.52 -4.40 -11.96
C GLU A 19 7.36 -4.68 -12.90
N LYS A 20 6.91 -5.93 -12.92
CA LYS A 20 5.81 -6.33 -13.78
C LYS A 20 4.51 -5.61 -13.37
N PRO A 21 3.53 -5.55 -14.29
CA PRO A 21 2.25 -4.89 -14.00
C PRO A 21 1.60 -5.39 -12.72
N LYS A 22 1.36 -4.47 -11.79
CA LYS A 22 0.74 -4.82 -10.51
C LYS A 22 0.10 -3.59 -9.87
N ARG A 23 -0.68 -3.82 -8.81
CA ARG A 23 -1.34 -2.72 -8.11
C ARG A 23 -0.63 -2.42 -6.79
N PRO A 24 0.04 -1.26 -6.69
CA PRO A 24 0.76 -0.86 -5.48
C PRO A 24 -0.18 -0.28 -4.42
N VAL A 25 0.27 -0.34 -3.17
CA VAL A 25 -0.54 0.17 -2.06
C VAL A 25 -0.07 1.57 -1.64
N SER A 26 -0.44 2.57 -2.45
CA SER A 26 -0.06 3.95 -2.17
C SER A 26 -0.74 4.45 -0.90
N ALA A 27 -0.39 5.67 -0.50
CA ALA A 27 -0.97 6.28 0.69
C ALA A 27 -2.48 6.39 0.58
N MET A 28 -2.97 6.57 -0.65
CA MET A 28 -4.39 6.69 -0.90
C MET A 28 -5.09 5.35 -0.69
N PHE A 29 -4.38 4.26 -0.98
CA PHE A 29 -4.93 2.92 -0.82
C PHE A 29 -5.02 2.53 0.65
N ILE A 30 -4.06 3.02 1.44
CA ILE A 30 -4.03 2.71 2.87
C ILE A 30 -5.17 3.42 3.60
N PHE A 31 -5.36 4.70 3.27
CA PHE A 31 -6.42 5.49 3.89
C PHE A 31 -7.79 5.05 3.39
N SER A 32 -7.86 4.73 2.11
CA SER A 32 -9.12 4.29 1.49
C SER A 32 -9.46 2.86 1.89
N GLU A 33 -8.47 2.12 2.39
CA GLU A 33 -8.68 0.74 2.79
C GLU A 33 -8.85 0.63 4.31
N GLU A 34 -8.14 1.48 5.04
CA GLU A 34 -8.21 1.48 6.49
C GLU A 34 -9.44 2.23 6.99
N LYS A 35 -9.80 3.30 6.28
CA LYS A 35 -10.96 4.11 6.65
C LYS A 35 -12.26 3.45 6.19
N ARG A 36 -12.18 2.72 5.09
CA ARG A 36 -13.36 2.03 4.55
C ARG A 36 -13.92 1.03 5.56
N ARG A 37 -13.06 0.16 6.07
CA ARG A 37 -13.48 -0.85 7.04
C ARG A 37 -14.03 -0.18 8.30
N GLN A 38 -13.50 0.99 8.63
CA GLN A 38 -13.94 1.73 9.80
C GLN A 38 -15.31 2.37 9.56
N LEU A 39 -15.52 2.86 8.34
CA LEU A 39 -16.78 3.50 7.98
C LEU A 39 -17.86 2.45 7.75
N GLN A 40 -17.47 1.29 7.26
CA GLN A 40 -18.41 0.22 6.99
C GLN A 40 -19.12 -0.22 8.28
N GLU A 41 -18.34 -0.45 9.33
CA GLU A 41 -18.90 -0.86 10.62
C GLU A 41 -19.75 0.25 11.23
N GLU A 42 -19.27 1.49 11.09
CA GLU A 42 -20.00 2.63 11.63
C GLU A 42 -21.27 2.90 10.84
N ARG A 43 -21.23 2.62 9.54
CA ARG A 43 -22.38 2.81 8.67
C ARG A 43 -22.68 1.56 7.86
N PRO A 44 -23.38 0.59 8.46
CA PRO A 44 -23.73 -0.67 7.78
C PRO A 44 -24.70 -0.46 6.63
N GLU A 45 -25.34 0.71 6.59
CA GLU A 45 -26.30 1.02 5.54
C GLU A 45 -25.58 1.38 4.25
N LEU A 46 -24.39 1.95 4.38
CA LEU A 46 -23.60 2.34 3.22
C LEU A 46 -22.86 1.14 2.63
N SER A 47 -22.43 1.27 1.38
CA SER A 47 -21.72 0.19 0.70
C SER A 47 -20.33 0.64 0.28
N GLU A 48 -19.52 -0.31 -0.18
CA GLU A 48 -18.15 -0.01 -0.61
C GLU A 48 -18.16 0.89 -1.84
N SER A 49 -19.16 0.71 -2.70
CA SER A 49 -19.28 1.51 -3.91
C SER A 49 -19.56 2.97 -3.57
N GLU A 50 -20.26 3.19 -2.47
CA GLU A 50 -20.60 4.53 -2.03
C GLU A 50 -19.49 5.12 -1.15
N LEU A 51 -18.83 4.25 -0.39
CA LEU A 51 -17.75 4.68 0.49
C LEU A 51 -16.57 5.23 -0.32
N THR A 52 -16.40 4.70 -1.52
CA THR A 52 -15.31 5.14 -2.39
C THR A 52 -15.41 6.63 -2.69
N ARG A 53 -16.65 7.13 -2.77
CA ARG A 53 -16.88 8.54 -3.05
C ARG A 53 -16.58 9.39 -1.83
N LEU A 54 -16.80 8.83 -0.64
CA LEU A 54 -16.55 9.54 0.60
C LEU A 54 -15.09 9.43 1.01
N LEU A 55 -14.46 8.30 0.68
CA LEU A 55 -13.06 8.07 1.00
C LEU A 55 -12.16 9.03 0.23
N ALA A 56 -12.46 9.19 -1.06
CA ALA A 56 -11.67 10.07 -1.91
C ALA A 56 -11.70 11.51 -1.39
N ARG A 57 -12.88 11.94 -0.93
CA ARG A 57 -13.05 13.29 -0.41
C ARG A 57 -12.34 13.44 0.93
N MET A 58 -12.37 12.39 1.74
CA MET A 58 -11.72 12.42 3.05
C MET A 58 -10.21 12.56 2.91
N TRP A 59 -9.66 11.93 1.88
CA TRP A 59 -8.22 11.99 1.63
C TRP A 59 -7.77 13.41 1.33
N ASN A 60 -8.62 14.16 0.65
CA ASN A 60 -8.32 15.55 0.28
C ASN A 60 -8.44 16.46 1.50
N ASP A 61 -9.46 16.20 2.32
CA ASP A 61 -9.70 17.00 3.52
C ASP A 61 -8.58 16.81 4.54
N LEU A 62 -7.89 15.67 4.44
CA LEU A 62 -6.79 15.36 5.35
C LEU A 62 -5.76 16.49 5.37
N SER A 63 -4.76 16.35 6.24
CA SER A 63 -3.70 17.35 6.36
C SER A 63 -2.34 16.76 6.02
N GLU A 64 -1.34 17.61 5.89
CA GLU A 64 0.01 17.16 5.57
C GLU A 64 0.58 16.31 6.69
N LYS A 65 0.16 16.60 7.93
CA LYS A 65 0.63 15.86 9.09
C LYS A 65 0.00 14.47 9.14
N LYS A 66 -1.26 14.38 8.74
CA LYS A 66 -1.98 13.11 8.74
C LYS A 66 -1.61 12.28 7.52
N LYS A 67 -1.37 12.94 6.39
CA LYS A 67 -1.02 12.25 5.16
C LYS A 67 0.36 11.61 5.27
N ALA A 68 1.24 12.23 6.05
CA ALA A 68 2.59 11.72 6.24
C ALA A 68 2.57 10.32 6.86
N LYS A 69 1.52 10.04 7.63
CA LYS A 69 1.38 8.74 8.29
C LYS A 69 1.27 7.62 7.26
N TYR A 70 0.53 7.87 6.19
CA TYR A 70 0.34 6.87 5.14
C TYR A 70 1.43 7.01 4.06
N LYS A 71 1.89 8.23 3.86
CA LYS A 71 2.93 8.49 2.86
C LYS A 71 4.19 7.71 3.15
N ALA A 72 4.44 7.46 4.44
CA ALA A 72 5.63 6.72 4.86
C ALA A 72 5.52 5.24 4.49
N ARG A 73 4.40 4.62 4.87
CA ARG A 73 4.17 3.21 4.58
C ARG A 73 4.21 2.96 3.07
N GLU A 74 3.89 3.99 2.28
CA GLU A 74 3.88 3.87 0.83
C GLU A 74 5.24 3.41 0.31
N ALA A 75 6.29 3.75 1.04
CA ALA A 75 7.65 3.38 0.64
C ALA A 75 7.95 1.92 1.00
N ALA A 76 7.30 1.43 2.05
CA ALA A 76 7.50 0.06 2.50
C ALA A 76 6.58 -0.90 1.75
N LEU A 77 5.42 -0.40 1.32
CA LEU A 77 4.46 -1.22 0.60
C LEU A 77 4.76 -1.24 -0.89
N LYS A 78 5.34 -0.15 -1.39
CA LYS A 78 5.69 -0.05 -2.81
C LYS A 78 6.82 -1.00 -3.17
N ALA A 79 7.70 -1.26 -2.21
CA ALA A 79 8.83 -2.15 -2.43
C ALA A 79 8.38 -3.61 -2.49
N GLN A 80 7.19 -3.88 -1.96
CA GLN A 80 6.66 -5.25 -1.95
C GLN A 80 6.64 -5.84 -3.35
N SER A 81 6.61 -4.97 -4.36
CA SER A 81 6.60 -5.42 -5.76
C SER A 81 7.77 -6.35 -6.05
N GLU A 82 8.87 -6.14 -5.34
CA GLU A 82 10.06 -6.96 -5.53
C GLU A 82 10.51 -7.59 -4.21
N ARG A 83 10.67 -8.90 -4.21
CA ARG A 83 11.09 -9.62 -3.01
C ARG A 83 12.20 -10.61 -3.33
N LYS A 84 13.44 -10.15 -3.25
CA LYS A 84 14.59 -11.01 -3.53
C LYS A 84 15.87 -10.38 -2.99
N SER A 85 16.85 -11.23 -2.67
CA SER A 85 18.13 -10.76 -2.14
C SER A 85 19.28 -11.22 -3.04
N GLY A 86 20.30 -10.38 -3.14
CA GLY A 86 21.46 -10.71 -3.96
C GLY A 86 22.34 -9.51 -4.25
N PRO A 87 22.91 -8.89 -3.21
CA PRO A 87 23.78 -7.71 -3.38
C PRO A 87 25.12 -8.07 -4.02
N SER A 88 25.72 -9.16 -3.55
CA SER A 88 27.00 -9.61 -4.06
C SER A 88 26.89 -11.02 -4.66
N SER A 89 25.76 -11.30 -5.29
CA SER A 89 25.53 -12.60 -5.91
C SER A 89 24.86 -12.46 -7.27
N GLY A 90 25.26 -13.32 -8.21
CA GLY A 90 24.69 -13.26 -9.54
C GLY A 90 24.15 -14.61 -9.99
N GLY A 1 0.38 -36.18 -9.01
CA GLY A 1 0.95 -35.14 -8.12
C GLY A 1 0.30 -33.79 -8.33
N SER A 2 0.61 -33.15 -9.47
CA SER A 2 0.05 -31.85 -9.79
C SER A 2 0.45 -30.81 -8.75
N SER A 3 1.34 -29.90 -9.13
CA SER A 3 1.80 -28.86 -8.22
C SER A 3 1.10 -27.53 -8.51
N GLY A 4 0.43 -27.00 -7.49
CA GLY A 4 -0.29 -25.75 -7.65
C GLY A 4 -0.50 -25.03 -6.33
N SER A 5 -0.89 -25.78 -5.31
CA SER A 5 -1.13 -25.21 -3.98
C SER A 5 -2.29 -24.21 -4.03
N SER A 6 -3.14 -24.25 -3.00
CA SER A 6 -4.29 -23.35 -2.93
C SER A 6 -4.39 -22.73 -1.55
N GLY A 7 -3.24 -22.43 -0.95
CA GLY A 7 -3.22 -21.83 0.37
C GLY A 7 -2.21 -20.70 0.48
N LYS A 8 -2.32 -19.92 1.55
CA LYS A 8 -1.42 -18.79 1.78
C LYS A 8 -1.13 -18.61 3.26
N PRO A 9 -0.15 -19.36 3.80
CA PRO A 9 0.23 -19.26 5.20
C PRO A 9 0.50 -17.83 5.65
N SER A 10 0.29 -17.57 6.94
CA SER A 10 0.52 -16.24 7.49
C SER A 10 1.51 -16.28 8.65
N GLN A 11 2.49 -17.17 8.53
CA GLN A 11 3.50 -17.31 9.57
C GLN A 11 4.78 -16.58 9.19
N GLU A 12 5.38 -15.91 10.17
CA GLU A 12 6.61 -15.16 9.93
C GLU A 12 7.84 -16.05 10.09
N GLY A 13 8.19 -16.75 9.01
CA GLY A 13 9.35 -17.64 9.06
C GLY A 13 10.61 -16.97 8.57
N GLY A 14 10.82 -15.73 8.99
CA GLY A 14 12.00 -14.99 8.59
C GLY A 14 11.94 -13.53 8.97
N LYS A 15 13.09 -12.85 8.92
CA LYS A 15 13.16 -11.44 9.27
C LYS A 15 14.48 -10.83 8.82
N GLY A 16 15.00 -11.33 7.69
CA GLY A 16 16.25 -10.82 7.17
C GLY A 16 16.05 -9.71 6.16
N GLY A 17 15.17 -9.93 5.20
CA GLY A 17 14.91 -8.94 4.18
C GLY A 17 14.05 -9.46 3.05
N SER A 18 13.04 -10.26 3.40
CA SER A 18 12.14 -10.83 2.41
C SER A 18 11.30 -9.75 1.74
N GLU A 19 10.45 -10.15 0.81
CA GLU A 19 9.58 -9.22 0.10
C GLU A 19 8.29 -9.89 -0.34
N LYS A 20 7.16 -9.36 0.14
CA LYS A 20 5.85 -9.90 -0.20
C LYS A 20 5.63 -9.87 -1.71
N PRO A 21 4.61 -10.59 -2.20
CA PRO A 21 4.29 -10.64 -3.64
C PRO A 21 3.91 -9.27 -4.19
N LYS A 22 3.82 -9.17 -5.51
CA LYS A 22 3.46 -7.91 -6.17
C LYS A 22 2.10 -7.41 -5.68
N ARG A 23 2.09 -6.22 -5.09
CA ARG A 23 0.85 -5.64 -4.59
C ARG A 23 1.03 -4.14 -4.35
N PRO A 24 0.38 -3.30 -5.17
CA PRO A 24 0.47 -1.84 -5.04
C PRO A 24 -0.43 -1.30 -3.94
N VAL A 25 0.14 -0.47 -3.07
CA VAL A 25 -0.61 0.12 -1.96
C VAL A 25 -0.08 1.50 -1.61
N SER A 26 -0.51 2.51 -2.36
CA SER A 26 -0.07 3.88 -2.11
C SER A 26 -0.71 4.44 -0.85
N ALA A 27 -0.35 5.67 -0.50
CA ALA A 27 -0.89 6.32 0.69
C ALA A 27 -2.41 6.42 0.62
N MET A 28 -2.92 6.70 -0.58
CA MET A 28 -4.36 6.82 -0.78
C MET A 28 -5.05 5.48 -0.60
N PHE A 29 -4.34 4.40 -0.92
CA PHE A 29 -4.88 3.06 -0.79
C PHE A 29 -5.01 2.66 0.67
N ILE A 30 -4.06 3.11 1.48
CA ILE A 30 -4.07 2.80 2.91
C ILE A 30 -5.22 3.51 3.62
N PHE A 31 -5.40 4.79 3.32
CA PHE A 31 -6.47 5.57 3.92
C PHE A 31 -7.83 5.16 3.37
N SER A 32 -7.85 4.72 2.12
CA SER A 32 -9.08 4.29 1.48
C SER A 32 -9.42 2.84 1.83
N GLU A 33 -8.44 2.11 2.37
CA GLU A 33 -8.65 0.72 2.75
C GLU A 33 -8.78 0.58 4.26
N GLU A 34 -8.08 1.44 4.99
CA GLU A 34 -8.12 1.41 6.45
C GLU A 34 -9.37 2.10 6.98
N LYS A 35 -9.78 3.16 6.32
CA LYS A 35 -10.97 3.91 6.72
C LYS A 35 -12.24 3.21 6.24
N ARG A 36 -12.13 2.43 5.18
CA ARG A 36 -13.27 1.71 4.63
C ARG A 36 -13.91 0.81 5.68
N ARG A 37 -13.08 -0.04 6.29
CA ARG A 37 -13.56 -0.97 7.31
C ARG A 37 -14.17 -0.21 8.48
N GLN A 38 -13.65 0.99 8.74
CA GLN A 38 -14.14 1.81 9.84
C GLN A 38 -15.46 2.48 9.47
N LEU A 39 -15.57 2.92 8.22
CA LEU A 39 -16.79 3.57 7.74
C LEU A 39 -17.90 2.56 7.54
N GLN A 40 -17.52 1.33 7.17
CA GLN A 40 -18.49 0.27 6.95
C GLN A 40 -19.28 -0.03 8.22
N GLU A 41 -18.57 -0.14 9.34
CA GLU A 41 -19.21 -0.43 10.62
C GLU A 41 -20.14 0.70 11.03
N GLU A 42 -19.65 1.93 10.96
CA GLU A 42 -20.44 3.10 11.32
C GLU A 42 -21.57 3.31 10.32
N ARG A 43 -21.34 2.94 9.07
CA ARG A 43 -22.34 3.09 8.02
C ARG A 43 -22.57 1.76 7.30
N PRO A 44 -23.40 0.88 7.88
CA PRO A 44 -23.70 -0.43 7.29
C PRO A 44 -24.42 -0.30 5.95
N GLU A 45 -25.12 0.82 5.76
CA GLU A 45 -25.85 1.06 4.53
C GLU A 45 -24.89 1.45 3.40
N LEU A 46 -23.81 2.11 3.76
CA LEU A 46 -22.80 2.54 2.78
C LEU A 46 -21.99 1.35 2.29
N SER A 47 -22.12 1.04 1.00
CA SER A 47 -21.38 -0.07 0.41
C SER A 47 -19.97 0.35 0.02
N GLU A 48 -19.17 -0.61 -0.44
CA GLU A 48 -17.80 -0.32 -0.85
C GLU A 48 -17.76 0.69 -1.99
N SER A 49 -18.74 0.59 -2.89
CA SER A 49 -18.82 1.50 -4.02
C SER A 49 -19.05 2.94 -3.55
N GLU A 50 -19.89 3.09 -2.54
CA GLU A 50 -20.19 4.41 -2.00
C GLU A 50 -19.05 4.92 -1.13
N LEU A 51 -18.37 4.00 -0.46
CA LEU A 51 -17.25 4.36 0.41
C LEU A 51 -16.09 4.95 -0.40
N THR A 52 -15.97 4.51 -1.65
CA THR A 52 -14.91 4.99 -2.53
C THR A 52 -15.00 6.51 -2.72
N ARG A 53 -16.22 7.04 -2.61
CA ARG A 53 -16.43 8.47 -2.77
C ARG A 53 -16.13 9.21 -1.47
N LEU A 54 -16.67 8.70 -0.37
CA LEU A 54 -16.46 9.31 0.94
C LEU A 54 -14.99 9.25 1.34
N LEU A 55 -14.31 8.18 0.93
CA LEU A 55 -12.91 8.00 1.24
C LEU A 55 -12.04 9.01 0.49
N ALA A 56 -12.30 9.15 -0.80
CA ALA A 56 -11.55 10.08 -1.64
C ALA A 56 -11.74 11.51 -1.17
N ARG A 57 -12.92 11.80 -0.63
CA ARG A 57 -13.24 13.13 -0.14
C ARG A 57 -12.49 13.43 1.16
N MET A 58 -12.45 12.45 2.05
CA MET A 58 -11.77 12.60 3.34
C MET A 58 -10.28 12.79 3.13
N TRP A 59 -9.72 12.12 2.12
CA TRP A 59 -8.30 12.22 1.82
C TRP A 59 -7.90 13.65 1.50
N ASN A 60 -8.80 14.38 0.84
CA ASN A 60 -8.55 15.77 0.48
C ASN A 60 -8.60 16.67 1.70
N ASP A 61 -9.49 16.34 2.64
CA ASP A 61 -9.64 17.12 3.86
C ASP A 61 -8.44 16.95 4.78
N LEU A 62 -7.78 15.79 4.67
CA LEU A 62 -6.61 15.50 5.49
C LEU A 62 -5.54 16.57 5.32
N SER A 63 -4.52 16.52 6.17
CA SER A 63 -3.43 17.49 6.12
C SER A 63 -2.11 16.80 5.79
N GLU A 64 -1.05 17.59 5.65
CA GLU A 64 0.26 17.06 5.32
C GLU A 64 0.77 16.14 6.43
N LYS A 65 0.35 16.41 7.66
CA LYS A 65 0.75 15.62 8.81
C LYS A 65 0.02 14.27 8.81
N LYS A 66 -1.30 14.32 8.69
CA LYS A 66 -2.11 13.10 8.69
C LYS A 66 -1.81 12.25 7.46
N LYS A 67 -1.47 12.91 6.36
CA LYS A 67 -1.16 12.22 5.12
C LYS A 67 0.19 11.52 5.19
N ALA A 68 1.13 12.14 5.91
CA ALA A 68 2.47 11.58 6.07
C ALA A 68 2.41 10.20 6.72
N LYS A 69 1.40 9.98 7.55
CA LYS A 69 1.23 8.70 8.24
C LYS A 69 1.07 7.56 7.24
N TYR A 70 0.50 7.86 6.08
CA TYR A 70 0.29 6.85 5.05
C TYR A 70 1.35 6.96 3.96
N LYS A 71 1.77 8.18 3.67
CA LYS A 71 2.78 8.43 2.65
C LYS A 71 4.10 7.74 3.01
N ALA A 72 4.36 7.60 4.30
CA ALA A 72 5.58 6.97 4.78
C ALA A 72 5.55 5.46 4.52
N ARG A 73 4.37 4.87 4.66
CA ARG A 73 4.20 3.43 4.45
C ARG A 73 4.17 3.10 2.96
N GLU A 74 3.77 4.07 2.15
CA GLU A 74 3.69 3.88 0.70
C GLU A 74 5.02 3.40 0.13
N ALA A 75 6.11 3.78 0.78
CA ALA A 75 7.44 3.39 0.34
C ALA A 75 7.78 1.98 0.78
N ALA A 76 7.21 1.55 1.89
CA ALA A 76 7.45 0.21 2.42
C ALA A 76 6.49 -0.80 1.80
N LEU A 77 5.31 -0.34 1.40
CA LEU A 77 4.31 -1.22 0.80
C LEU A 77 4.55 -1.38 -0.70
N LYS A 78 4.69 -0.26 -1.39
CA LYS A 78 4.92 -0.27 -2.83
C LYS A 78 6.20 -1.05 -3.17
N ALA A 79 7.13 -1.09 -2.22
CA ALA A 79 8.39 -1.79 -2.43
C ALA A 79 8.15 -3.26 -2.79
N GLN A 80 7.05 -3.81 -2.29
CA GLN A 80 6.71 -5.21 -2.56
C GLN A 80 6.38 -5.41 -4.04
N SER A 81 5.84 -4.38 -4.66
CA SER A 81 5.49 -4.44 -6.08
C SER A 81 6.73 -4.33 -6.97
N GLU A 82 7.72 -3.58 -6.49
CA GLU A 82 8.96 -3.39 -7.22
C GLU A 82 9.98 -4.45 -6.85
N ARG A 83 10.08 -5.49 -7.67
CA ARG A 83 11.02 -6.58 -7.43
C ARG A 83 12.20 -6.50 -8.39
N LYS A 84 11.94 -6.05 -9.61
CA LYS A 84 12.97 -5.92 -10.63
C LYS A 84 13.59 -4.53 -10.61
N SER A 85 14.50 -4.30 -9.65
CA SER A 85 15.15 -3.01 -9.52
C SER A 85 16.34 -2.91 -10.48
N GLY A 86 16.22 -2.03 -11.47
CA GLY A 86 17.29 -1.85 -12.43
C GLY A 86 16.90 -2.34 -13.82
N PRO A 87 17.43 -1.69 -14.88
CA PRO A 87 17.12 -2.09 -16.26
C PRO A 87 17.41 -3.56 -16.53
N SER A 88 17.35 -3.95 -17.81
CA SER A 88 17.61 -5.34 -18.18
C SER A 88 18.03 -5.42 -19.64
N SER A 89 18.31 -6.63 -20.11
CA SER A 89 18.73 -6.85 -21.49
C SER A 89 17.54 -7.23 -22.36
N GLY A 90 16.91 -6.23 -22.97
CA GLY A 90 15.77 -6.49 -23.82
C GLY A 90 14.73 -5.37 -23.75
N GLY A 1 20.16 -13.41 6.22
CA GLY A 1 19.85 -14.82 5.87
C GLY A 1 20.91 -15.44 4.98
N SER A 2 21.90 -16.09 5.59
CA SER A 2 22.97 -16.72 4.84
C SER A 2 23.08 -18.20 5.19
N SER A 3 23.49 -19.01 4.22
CA SER A 3 23.63 -20.44 4.42
C SER A 3 25.10 -20.86 4.36
N GLY A 4 25.37 -22.10 4.72
CA GLY A 4 26.74 -22.61 4.70
C GLY A 4 26.81 -24.09 4.41
N SER A 5 26.05 -24.53 3.40
CA SER A 5 26.03 -25.93 3.01
C SER A 5 27.01 -26.19 1.87
N SER A 6 26.70 -25.63 0.70
CA SER A 6 27.55 -25.81 -0.47
C SER A 6 27.57 -24.55 -1.33
N GLY A 7 26.39 -24.17 -1.84
CA GLY A 7 26.29 -22.98 -2.67
C GLY A 7 25.22 -23.12 -3.73
N LYS A 8 24.97 -24.34 -4.17
CA LYS A 8 23.96 -24.60 -5.20
C LYS A 8 22.56 -24.26 -4.69
N PRO A 9 22.15 -24.82 -3.53
CA PRO A 9 20.82 -24.56 -2.96
C PRO A 9 20.70 -23.15 -2.41
N SER A 10 19.79 -22.37 -2.98
CA SER A 10 19.57 -21.00 -2.55
C SER A 10 18.09 -20.61 -2.69
N GLN A 11 17.73 -19.49 -2.08
CA GLN A 11 16.34 -19.02 -2.13
C GLN A 11 15.92 -18.75 -3.57
N GLU A 12 16.73 -17.97 -4.29
CA GLU A 12 16.44 -17.63 -5.68
C GLU A 12 17.73 -17.42 -6.47
N GLY A 13 17.83 -18.11 -7.60
CA GLY A 13 19.02 -17.97 -8.43
C GLY A 13 18.69 -17.59 -9.86
N GLY A 14 17.80 -16.62 -10.02
CA GLY A 14 17.41 -16.18 -11.34
C GLY A 14 16.05 -15.49 -11.36
N LYS A 15 15.83 -14.65 -12.36
CA LYS A 15 14.56 -13.94 -12.49
C LYS A 15 14.43 -13.30 -13.86
N GLY A 16 13.35 -13.64 -14.56
CA GLY A 16 13.12 -13.09 -15.89
C GLY A 16 12.31 -11.81 -15.86
N GLY A 17 11.28 -11.79 -15.01
CA GLY A 17 10.44 -10.61 -14.91
C GLY A 17 10.26 -10.16 -13.47
N SER A 18 10.85 -9.02 -13.14
CA SER A 18 10.75 -8.47 -11.79
C SER A 18 9.44 -7.71 -11.60
N GLU A 19 8.75 -8.02 -10.50
CA GLU A 19 7.48 -7.36 -10.20
C GLU A 19 6.42 -7.70 -11.26
N LYS A 20 5.25 -8.14 -10.80
CA LYS A 20 4.17 -8.49 -11.70
C LYS A 20 3.08 -7.43 -11.70
N PRO A 21 2.33 -7.30 -12.81
CA PRO A 21 1.26 -6.31 -12.93
C PRO A 21 0.27 -6.39 -11.76
N LYS A 22 0.19 -5.31 -10.99
CA LYS A 22 -0.71 -5.26 -9.85
C LYS A 22 -1.10 -3.81 -9.52
N ARG A 23 -1.92 -3.64 -8.50
CA ARG A 23 -2.37 -2.31 -8.09
C ARG A 23 -1.55 -1.81 -6.90
N PRO A 24 -0.69 -0.79 -7.13
CA PRO A 24 0.15 -0.23 -6.06
C PRO A 24 -0.68 0.24 -4.86
N VAL A 25 -0.06 0.25 -3.69
CA VAL A 25 -0.73 0.68 -2.48
C VAL A 25 -0.29 2.08 -2.07
N SER A 26 -0.77 3.09 -2.81
CA SER A 26 -0.43 4.47 -2.53
C SER A 26 -1.02 4.92 -1.19
N ALA A 27 -0.73 6.16 -0.81
CA ALA A 27 -1.23 6.71 0.44
C ALA A 27 -2.75 6.70 0.47
N MET A 28 -3.36 6.89 -0.69
CA MET A 28 -4.82 6.91 -0.81
C MET A 28 -5.40 5.51 -0.63
N PHE A 29 -4.63 4.50 -1.03
CA PHE A 29 -5.07 3.12 -0.92
C PHE A 29 -5.19 2.71 0.55
N ILE A 30 -4.16 3.04 1.33
CA ILE A 30 -4.15 2.71 2.76
C ILE A 30 -5.29 3.40 3.48
N PHE A 31 -5.42 4.70 3.30
CA PHE A 31 -6.47 5.48 3.94
C PHE A 31 -7.85 5.05 3.42
N SER A 32 -7.89 4.64 2.15
CA SER A 32 -9.14 4.21 1.54
C SER A 32 -9.48 2.77 1.92
N GLU A 33 -8.50 2.06 2.47
CA GLU A 33 -8.72 0.66 2.88
C GLU A 33 -8.82 0.55 4.40
N GLU A 34 -8.09 1.41 5.11
CA GLU A 34 -8.10 1.40 6.57
C GLU A 34 -9.33 2.11 7.11
N LYS A 35 -9.82 3.11 6.37
CA LYS A 35 -10.99 3.87 6.78
C LYS A 35 -12.28 3.19 6.30
N ARG A 36 -12.18 2.45 5.20
CA ARG A 36 -13.33 1.76 4.64
C ARG A 36 -13.94 0.80 5.66
N ARG A 37 -13.11 -0.08 6.21
CA ARG A 37 -13.57 -1.05 7.20
C ARG A 37 -14.19 -0.35 8.41
N GLN A 38 -13.70 0.84 8.71
CA GLN A 38 -14.21 1.62 9.84
C GLN A 38 -15.51 2.33 9.47
N LEU A 39 -15.64 2.69 8.19
CA LEU A 39 -16.83 3.37 7.72
C LEU A 39 -18.00 2.41 7.57
N GLN A 40 -17.70 1.21 7.06
CA GLN A 40 -18.73 0.18 6.87
C GLN A 40 -19.34 -0.22 8.22
N GLU A 41 -18.51 -0.32 9.24
CA GLU A 41 -18.97 -0.70 10.57
C GLU A 41 -19.88 0.37 11.16
N GLU A 42 -19.44 1.62 11.08
CA GLU A 42 -20.20 2.74 11.60
C GLU A 42 -21.46 2.98 10.76
N ARG A 43 -21.36 2.70 9.47
CA ARG A 43 -22.48 2.88 8.56
C ARG A 43 -22.68 1.65 7.68
N PRO A 44 -23.38 0.62 8.20
CA PRO A 44 -23.64 -0.62 7.46
C PRO A 44 -24.51 -0.40 6.24
N GLU A 45 -25.16 0.77 6.17
CA GLU A 45 -26.03 1.09 5.05
C GLU A 45 -25.21 1.49 3.82
N LEU A 46 -24.04 2.08 4.06
CA LEU A 46 -23.16 2.50 2.98
C LEU A 46 -22.35 1.33 2.46
N SER A 47 -22.35 1.16 1.14
CA SER A 47 -21.62 0.06 0.50
C SER A 47 -20.21 0.52 0.11
N GLU A 48 -19.38 -0.44 -0.28
CA GLU A 48 -18.01 -0.14 -0.68
C GLU A 48 -17.98 0.82 -1.87
N SER A 49 -18.94 0.65 -2.76
CA SER A 49 -19.02 1.51 -3.95
C SER A 49 -19.20 2.97 -3.55
N GLU A 50 -20.04 3.21 -2.56
CA GLU A 50 -20.31 4.56 -2.10
C GLU A 50 -19.16 5.07 -1.20
N LEU A 51 -18.55 4.14 -0.47
CA LEU A 51 -17.44 4.48 0.42
C LEU A 51 -16.28 5.06 -0.37
N THR A 52 -16.12 4.61 -1.60
CA THR A 52 -15.03 5.09 -2.46
C THR A 52 -15.13 6.59 -2.68
N ARG A 53 -16.37 7.10 -2.71
CA ARG A 53 -16.60 8.53 -2.91
C ARG A 53 -16.24 9.32 -1.65
N LEU A 54 -16.55 8.75 -0.50
CA LEU A 54 -16.26 9.39 0.78
C LEU A 54 -14.78 9.26 1.14
N LEU A 55 -14.19 8.15 0.74
CA LEU A 55 -12.78 7.90 1.01
C LEU A 55 -11.89 8.84 0.21
N ALA A 56 -12.30 9.13 -1.02
CA ALA A 56 -11.54 10.02 -1.90
C ALA A 56 -11.67 11.47 -1.45
N ARG A 57 -12.81 11.80 -0.85
CA ARG A 57 -13.05 13.16 -0.38
C ARG A 57 -12.36 13.39 0.96
N MET A 58 -12.40 12.38 1.83
CA MET A 58 -11.77 12.48 3.14
C MET A 58 -10.27 12.70 3.02
N TRP A 59 -9.66 12.05 2.02
CA TRP A 59 -8.23 12.18 1.79
C TRP A 59 -7.85 13.62 1.49
N ASN A 60 -8.72 14.31 0.74
CA ASN A 60 -8.47 15.70 0.38
C ASN A 60 -8.55 16.61 1.60
N ASP A 61 -9.39 16.23 2.56
CA ASP A 61 -9.55 17.01 3.78
C ASP A 61 -8.35 16.85 4.70
N LEU A 62 -7.70 15.69 4.63
CA LEU A 62 -6.52 15.43 5.45
C LEU A 62 -5.43 16.45 5.20
N SER A 63 -4.49 16.55 6.13
CA SER A 63 -3.39 17.49 6.01
C SER A 63 -2.07 16.77 5.78
N GLU A 64 -1.05 17.52 5.37
CA GLU A 64 0.26 16.94 5.12
C GLU A 64 0.82 16.25 6.36
N LYS A 65 0.42 16.74 7.52
CA LYS A 65 0.88 16.17 8.79
C LYS A 65 0.34 14.77 8.98
N LYS A 66 -0.97 14.62 8.82
CA LYS A 66 -1.62 13.31 8.97
C LYS A 66 -1.35 12.42 7.77
N LYS A 67 -1.25 13.03 6.59
CA LYS A 67 -0.99 12.29 5.37
C LYS A 67 0.37 11.60 5.41
N ALA A 68 1.30 12.19 6.15
CA ALA A 68 2.64 11.63 6.29
C ALA A 68 2.60 10.22 6.85
N LYS A 69 1.56 9.92 7.63
CA LYS A 69 1.41 8.61 8.23
C LYS A 69 1.33 7.52 7.16
N TYR A 70 0.48 7.74 6.16
CA TYR A 70 0.30 6.78 5.07
C TYR A 70 1.38 6.97 3.99
N LYS A 71 1.76 8.23 3.76
CA LYS A 71 2.77 8.55 2.77
C LYS A 71 4.10 7.86 3.09
N ALA A 72 4.34 7.65 4.38
CA ALA A 72 5.58 7.01 4.82
C ALA A 72 5.53 5.51 4.58
N ARG A 73 4.38 4.90 4.88
CA ARG A 73 4.21 3.47 4.69
C ARG A 73 4.20 3.09 3.21
N GLU A 74 3.87 4.06 2.36
CA GLU A 74 3.82 3.83 0.92
C GLU A 74 5.14 3.28 0.41
N ALA A 75 6.25 3.82 0.90
CA ALA A 75 7.57 3.38 0.50
C ALA A 75 7.81 1.92 0.87
N ALA A 76 7.16 1.48 1.95
CA ALA A 76 7.30 0.11 2.41
C ALA A 76 6.30 -0.81 1.72
N LEU A 77 5.15 -0.27 1.36
CA LEU A 77 4.10 -1.03 0.69
C LEU A 77 4.42 -1.21 -0.80
N LYS A 78 5.10 -0.22 -1.38
CA LYS A 78 5.45 -0.28 -2.79
C LYS A 78 6.33 -1.49 -3.09
N ALA A 79 7.10 -1.91 -2.10
CA ALA A 79 7.99 -3.06 -2.25
C ALA A 79 7.21 -4.37 -2.14
N GLN A 80 6.09 -4.33 -1.43
CA GLN A 80 5.25 -5.52 -1.24
C GLN A 80 4.79 -6.08 -2.58
N SER A 81 4.82 -5.25 -3.62
CA SER A 81 4.39 -5.66 -4.96
C SER A 81 5.06 -6.97 -5.36
N GLU A 82 6.28 -7.18 -4.88
CA GLU A 82 7.03 -8.39 -5.20
C GLU A 82 7.02 -9.35 -4.01
N ARG A 83 5.83 -9.79 -3.62
CA ARG A 83 5.68 -10.71 -2.49
C ARG A 83 4.23 -11.17 -2.36
N LYS A 84 3.98 -12.40 -2.77
CA LYS A 84 2.63 -12.97 -2.70
C LYS A 84 2.57 -14.10 -1.68
N SER A 85 1.36 -14.54 -1.36
CA SER A 85 1.17 -15.63 -0.40
C SER A 85 0.88 -16.94 -1.12
N GLY A 86 0.23 -16.84 -2.27
CA GLY A 86 -0.11 -18.03 -3.03
C GLY A 86 -1.57 -18.39 -2.96
N PRO A 87 -2.45 -17.51 -3.49
CA PRO A 87 -3.91 -17.74 -3.47
C PRO A 87 -4.31 -18.89 -4.39
N SER A 88 -3.52 -19.13 -5.43
CA SER A 88 -3.81 -20.20 -6.38
C SER A 88 -3.65 -21.57 -5.71
N SER A 89 -4.62 -21.94 -4.87
CA SER A 89 -4.59 -23.22 -4.18
C SER A 89 -6.00 -23.71 -3.89
N GLY A 90 -6.83 -22.82 -3.37
CA GLY A 90 -8.21 -23.18 -3.05
C GLY A 90 -9.13 -23.05 -4.25
N GLY A 1 28.35 -33.53 2.03
CA GLY A 1 27.76 -34.57 2.92
C GLY A 1 26.28 -34.35 3.16
N SER A 2 25.73 -35.06 4.14
CA SER A 2 24.32 -34.94 4.48
C SER A 2 24.07 -33.74 5.38
N SER A 3 23.17 -32.87 4.96
CA SER A 3 22.83 -31.67 5.72
C SER A 3 24.06 -30.79 5.91
N GLY A 4 24.95 -30.80 4.91
CA GLY A 4 26.15 -29.99 4.97
C GLY A 4 26.34 -29.12 3.74
N SER A 5 25.23 -28.73 3.13
CA SER A 5 25.27 -27.88 1.95
C SER A 5 24.79 -26.47 2.26
N SER A 6 25.73 -25.53 2.27
CA SER A 6 25.41 -24.14 2.57
C SER A 6 26.35 -23.19 1.81
N GLY A 7 25.96 -21.92 1.73
CA GLY A 7 26.78 -20.94 1.04
C GLY A 7 26.08 -20.38 -0.18
N LYS A 8 25.46 -21.24 -0.97
CA LYS A 8 24.75 -20.82 -2.17
C LYS A 8 23.57 -21.75 -2.46
N PRO A 9 22.40 -21.45 -1.88
CA PRO A 9 21.19 -22.25 -2.07
C PRO A 9 20.88 -22.48 -3.55
N SER A 10 21.16 -23.68 -4.03
CA SER A 10 20.91 -24.03 -5.42
C SER A 10 19.49 -24.56 -5.60
N GLN A 11 18.65 -23.78 -6.26
CA GLN A 11 17.26 -24.18 -6.50
C GLN A 11 16.64 -23.33 -7.61
N GLU A 12 15.32 -23.45 -7.76
CA GLU A 12 14.60 -22.70 -8.78
C GLU A 12 13.86 -21.52 -8.16
N GLY A 13 14.04 -20.34 -8.74
CA GLY A 13 13.39 -19.15 -8.23
C GLY A 13 14.18 -17.88 -8.52
N GLY A 14 13.97 -16.85 -7.70
CA GLY A 14 14.66 -15.60 -7.89
C GLY A 14 13.73 -14.46 -8.26
N LYS A 15 12.54 -14.46 -7.66
CA LYS A 15 11.55 -13.41 -7.93
C LYS A 15 10.65 -13.20 -6.72
N GLY A 16 11.20 -13.43 -5.52
CA GLY A 16 10.42 -13.26 -4.31
C GLY A 16 10.54 -14.44 -3.37
N GLY A 17 10.29 -14.21 -2.08
CA GLY A 17 10.38 -15.26 -1.10
C GLY A 17 9.51 -15.01 0.11
N SER A 18 9.65 -13.83 0.70
CA SER A 18 8.87 -13.45 1.89
C SER A 18 7.91 -12.31 1.56
N GLU A 19 8.36 -11.39 0.72
CA GLU A 19 7.54 -10.25 0.32
C GLU A 19 6.25 -10.71 -0.35
N LYS A 20 5.15 -10.03 -0.03
CA LYS A 20 3.85 -10.36 -0.61
C LYS A 20 3.87 -10.20 -2.12
N PRO A 21 2.90 -10.81 -2.83
CA PRO A 21 2.82 -10.72 -4.29
C PRO A 21 2.91 -9.28 -4.79
N LYS A 22 3.18 -9.13 -6.09
CA LYS A 22 3.30 -7.81 -6.69
C LYS A 22 1.95 -7.10 -6.70
N ARG A 23 1.90 -5.94 -6.04
CA ARG A 23 0.67 -5.15 -5.97
C ARG A 23 0.95 -3.77 -5.38
N PRO A 24 0.77 -2.70 -6.18
CA PRO A 24 1.01 -1.33 -5.71
C PRO A 24 0.00 -0.89 -4.66
N VAL A 25 0.45 -0.02 -3.75
CA VAL A 25 -0.41 0.48 -2.69
C VAL A 25 0.03 1.87 -2.23
N SER A 26 -0.47 2.89 -2.91
CA SER A 26 -0.13 4.27 -2.57
C SER A 26 -0.80 4.69 -1.27
N ALA A 27 -0.52 5.92 -0.84
CA ALA A 27 -1.11 6.44 0.39
C ALA A 27 -2.63 6.47 0.32
N MET A 28 -3.14 6.84 -0.84
CA MET A 28 -4.59 6.90 -1.05
C MET A 28 -5.23 5.54 -0.83
N PHE A 29 -4.49 4.48 -1.15
CA PHE A 29 -4.98 3.12 -1.00
C PHE A 29 -5.02 2.72 0.46
N ILE A 30 -3.97 3.07 1.20
CA ILE A 30 -3.89 2.74 2.62
C ILE A 30 -5.01 3.41 3.41
N PHE A 31 -5.24 4.69 3.12
CA PHE A 31 -6.29 5.45 3.80
C PHE A 31 -7.67 5.02 3.31
N SER A 32 -7.74 4.64 2.03
CA SER A 32 -9.01 4.22 1.44
C SER A 32 -9.33 2.77 1.80
N GLU A 33 -8.33 2.04 2.29
CA GLU A 33 -8.52 0.65 2.66
C GLU A 33 -8.62 0.49 4.18
N GLU A 34 -7.95 1.38 4.90
CA GLU A 34 -7.96 1.34 6.36
C GLU A 34 -9.18 2.07 6.91
N LYS A 35 -9.63 3.09 6.19
CA LYS A 35 -10.79 3.87 6.61
C LYS A 35 -12.09 3.26 6.10
N ARG A 36 -11.99 2.43 5.07
CA ARG A 36 -13.17 1.77 4.50
C ARG A 36 -13.96 1.03 5.56
N ARG A 37 -13.30 0.07 6.21
CA ARG A 37 -13.95 -0.72 7.26
C ARG A 37 -14.48 0.17 8.37
N GLN A 38 -13.84 1.32 8.57
CA GLN A 38 -14.24 2.26 9.61
C GLN A 38 -15.54 2.95 9.23
N LEU A 39 -15.74 3.16 7.93
CA LEU A 39 -16.95 3.82 7.44
C LEU A 39 -18.08 2.82 7.29
N GLN A 40 -17.73 1.57 6.97
CA GLN A 40 -18.72 0.52 6.79
C GLN A 40 -19.53 0.31 8.07
N GLU A 41 -18.82 0.17 9.18
CA GLU A 41 -19.47 -0.04 10.48
C GLU A 41 -20.35 1.14 10.85
N GLU A 42 -19.79 2.35 10.73
CA GLU A 42 -20.53 3.57 11.04
C GLU A 42 -21.67 3.78 10.05
N ARG A 43 -21.46 3.35 8.81
CA ARG A 43 -22.46 3.51 7.76
C ARG A 43 -22.78 2.16 7.13
N PRO A 44 -23.64 1.35 7.78
CA PRO A 44 -24.03 0.04 7.27
C PRO A 44 -24.85 0.13 5.98
N GLU A 45 -25.49 1.28 5.77
CA GLU A 45 -26.29 1.49 4.57
C GLU A 45 -25.41 1.67 3.35
N LEU A 46 -24.21 2.22 3.55
CA LEU A 46 -23.28 2.45 2.47
C LEU A 46 -22.38 1.23 2.26
N SER A 47 -22.17 0.87 0.99
CA SER A 47 -21.33 -0.28 0.66
C SER A 47 -19.92 0.16 0.31
N GLU A 48 -19.01 -0.80 0.16
CA GLU A 48 -17.62 -0.51 -0.17
C GLU A 48 -17.53 0.28 -1.47
N SER A 49 -18.48 0.07 -2.36
CA SER A 49 -18.52 0.76 -3.64
C SER A 49 -18.80 2.25 -3.45
N GLU A 50 -19.62 2.56 -2.45
CA GLU A 50 -19.97 3.95 -2.15
C GLU A 50 -18.94 4.60 -1.24
N LEU A 51 -18.34 3.78 -0.36
CA LEU A 51 -17.35 4.28 0.57
C LEU A 51 -16.15 4.87 -0.17
N THR A 52 -15.87 4.35 -1.36
CA THR A 52 -14.76 4.83 -2.18
C THR A 52 -14.93 6.31 -2.50
N ARG A 53 -16.17 6.74 -2.70
CA ARG A 53 -16.46 8.13 -3.01
C ARG A 53 -16.29 9.01 -1.78
N LEU A 54 -16.73 8.50 -0.63
CA LEU A 54 -16.63 9.23 0.62
C LEU A 54 -15.21 9.23 1.15
N LEU A 55 -14.47 8.16 0.85
CA LEU A 55 -13.09 8.03 1.30
C LEU A 55 -12.19 9.02 0.55
N ALA A 56 -12.44 9.18 -0.74
CA ALA A 56 -11.66 10.09 -1.56
C ALA A 56 -11.76 11.52 -1.03
N ARG A 57 -12.90 11.86 -0.46
CA ARG A 57 -13.12 13.19 0.08
C ARG A 57 -12.38 13.38 1.41
N MET A 58 -12.39 12.34 2.23
CA MET A 58 -11.72 12.38 3.52
C MET A 58 -10.21 12.59 3.34
N TRP A 59 -9.67 12.01 2.28
CA TRP A 59 -8.24 12.13 2.00
C TRP A 59 -7.85 13.59 1.79
N ASN A 60 -8.70 14.33 1.08
CA ASN A 60 -8.44 15.74 0.80
C ASN A 60 -8.58 16.58 2.06
N ASP A 61 -9.46 16.14 2.95
CA ASP A 61 -9.70 16.85 4.21
C ASP A 61 -8.49 16.74 5.14
N LEU A 62 -7.77 15.63 5.02
CA LEU A 62 -6.59 15.41 5.84
C LEU A 62 -5.56 16.52 5.65
N SER A 63 -4.45 16.42 6.38
CA SER A 63 -3.38 17.41 6.29
C SER A 63 -2.05 16.76 5.95
N GLU A 64 -1.02 17.57 5.77
CA GLU A 64 0.31 17.08 5.43
C GLU A 64 0.89 16.28 6.59
N LYS A 65 0.52 16.64 7.81
CA LYS A 65 1.00 15.95 9.00
C LYS A 65 0.37 14.57 9.12
N LYS A 66 -0.94 14.49 8.90
CA LYS A 66 -1.65 13.22 8.99
C LYS A 66 -1.36 12.34 7.77
N LYS A 67 -1.31 12.98 6.60
CA LYS A 67 -1.03 12.26 5.36
C LYS A 67 0.33 11.56 5.42
N ALA A 68 1.26 12.16 6.16
CA ALA A 68 2.60 11.60 6.30
C ALA A 68 2.55 10.21 6.91
N LYS A 69 1.55 9.97 7.74
CA LYS A 69 1.39 8.67 8.40
C LYS A 69 1.11 7.58 7.37
N TYR A 70 0.46 7.95 6.28
CA TYR A 70 0.12 6.99 5.23
C TYR A 70 1.12 7.07 4.09
N LYS A 71 1.66 8.27 3.86
CA LYS A 71 2.63 8.48 2.79
C LYS A 71 3.87 7.60 2.99
N ALA A 72 4.29 7.45 4.24
CA ALA A 72 5.46 6.65 4.56
C ALA A 72 5.21 5.18 4.26
N ARG A 73 3.99 4.71 4.55
CA ARG A 73 3.63 3.32 4.31
C ARG A 73 3.72 2.98 2.83
N GLU A 74 3.50 3.98 1.98
CA GLU A 74 3.56 3.78 0.54
C GLU A 74 4.93 3.30 0.11
N ALA A 75 5.98 3.96 0.61
CA ALA A 75 7.35 3.59 0.29
C ALA A 75 7.66 2.16 0.73
N ALA A 76 7.01 1.72 1.80
CA ALA A 76 7.21 0.38 2.32
C ALA A 76 6.38 -0.64 1.54
N LEU A 77 5.14 -0.29 1.25
CA LEU A 77 4.25 -1.18 0.50
C LEU A 77 4.74 -1.36 -0.93
N LYS A 78 5.07 -0.25 -1.59
CA LYS A 78 5.55 -0.30 -2.96
C LYS A 78 6.81 -1.15 -3.08
N ALA A 79 7.58 -1.22 -2.01
CA ALA A 79 8.80 -2.01 -2.00
C ALA A 79 8.51 -3.48 -2.23
N GLN A 80 7.34 -3.93 -1.78
CA GLN A 80 6.94 -5.32 -1.94
C GLN A 80 6.81 -5.70 -3.41
N SER A 81 6.68 -4.68 -4.27
CA SER A 81 6.56 -4.92 -5.70
C SER A 81 7.93 -5.00 -6.37
N GLU A 82 8.63 -3.87 -6.42
CA GLU A 82 9.96 -3.83 -7.04
C GLU A 82 11.05 -3.69 -5.98
N ARG A 83 10.69 -3.15 -4.82
CA ARG A 83 11.66 -2.96 -3.73
C ARG A 83 12.68 -1.90 -4.09
N LYS A 84 13.58 -2.22 -5.01
CA LYS A 84 14.62 -1.29 -5.45
C LYS A 84 15.34 -0.68 -4.25
N SER A 85 16.46 -1.30 -3.87
CA SER A 85 17.25 -0.82 -2.74
C SER A 85 17.74 0.61 -2.97
N GLY A 86 18.62 0.77 -3.96
CA GLY A 86 19.15 2.09 -4.26
C GLY A 86 20.62 2.05 -4.65
N PRO A 87 21.44 2.96 -4.11
CA PRO A 87 22.88 3.00 -4.42
C PRO A 87 23.62 1.80 -3.87
N SER A 88 24.48 1.22 -4.69
CA SER A 88 25.27 0.05 -4.29
C SER A 88 26.60 0.47 -3.68
N SER A 89 27.35 -0.51 -3.19
CA SER A 89 28.66 -0.23 -2.59
C SER A 89 29.76 -0.29 -3.63
N GLY A 90 29.77 -1.35 -4.44
CA GLY A 90 30.77 -1.50 -5.47
C GLY A 90 30.17 -1.61 -6.86
N GLY A 1 26.27 -0.87 -4.12
CA GLY A 1 27.25 -1.40 -5.10
C GLY A 1 27.19 -0.64 -6.42
N SER A 2 26.00 -0.52 -6.99
CA SER A 2 25.81 0.17 -8.26
C SER A 2 26.73 -0.40 -9.34
N SER A 3 26.35 -1.56 -9.88
CA SER A 3 27.15 -2.20 -10.91
C SER A 3 27.11 -1.40 -12.21
N GLY A 4 28.03 -0.46 -12.35
CA GLY A 4 28.09 0.36 -13.55
C GLY A 4 29.18 -0.08 -14.50
N SER A 5 30.25 -0.65 -13.95
CA SER A 5 31.37 -1.12 -14.77
C SER A 5 31.26 -2.62 -15.03
N SER A 6 31.26 -2.99 -16.31
CA SER A 6 31.16 -4.38 -16.70
C SER A 6 31.82 -4.63 -18.06
N GLY A 7 32.41 -5.80 -18.23
CA GLY A 7 33.07 -6.12 -19.48
C GLY A 7 32.24 -7.06 -20.34
N LYS A 8 32.84 -8.19 -20.71
CA LYS A 8 32.16 -9.18 -21.53
C LYS A 8 32.53 -10.60 -21.10
N PRO A 9 31.99 -11.07 -19.97
CA PRO A 9 32.26 -12.41 -19.45
C PRO A 9 32.03 -13.50 -20.50
N SER A 10 30.88 -13.43 -21.16
CA SER A 10 30.54 -14.40 -22.20
C SER A 10 29.35 -13.93 -23.02
N GLN A 11 28.27 -13.55 -22.33
CA GLN A 11 27.07 -13.08 -23.00
C GLN A 11 26.93 -11.57 -22.87
N GLU A 12 25.91 -11.01 -23.52
CA GLU A 12 25.67 -9.58 -23.47
C GLU A 12 24.21 -9.28 -23.14
N GLY A 13 23.59 -10.16 -22.36
CA GLY A 13 22.20 -9.98 -21.98
C GLY A 13 22.03 -9.81 -20.48
N GLY A 14 21.62 -8.62 -20.06
CA GLY A 14 21.43 -8.36 -18.65
C GLY A 14 19.99 -8.51 -18.22
N LYS A 15 19.27 -9.42 -18.88
CA LYS A 15 17.87 -9.67 -18.58
C LYS A 15 17.68 -11.03 -17.91
N GLY A 16 16.71 -11.11 -17.00
CA GLY A 16 16.45 -12.36 -16.32
C GLY A 16 15.23 -12.29 -15.42
N GLY A 17 15.43 -11.86 -14.18
CA GLY A 17 14.32 -11.75 -13.24
C GLY A 17 14.41 -10.50 -12.39
N SER A 18 13.52 -9.56 -12.65
CA SER A 18 13.50 -8.31 -11.90
C SER A 18 12.07 -7.90 -11.55
N GLU A 19 11.91 -6.71 -10.99
CA GLU A 19 10.59 -6.20 -10.61
C GLU A 19 9.99 -5.37 -11.74
N LYS A 20 8.78 -5.74 -12.15
CA LYS A 20 8.09 -5.03 -13.23
C LYS A 20 7.06 -4.06 -12.66
N PRO A 21 6.81 -2.95 -13.37
CA PRO A 21 5.84 -1.94 -12.93
C PRO A 21 4.47 -2.54 -12.63
N LYS A 22 4.03 -2.41 -11.38
CA LYS A 22 2.73 -2.94 -10.97
C LYS A 22 2.04 -1.96 -10.02
N ARG A 23 0.71 -2.00 -10.02
CA ARG A 23 -0.08 -1.12 -9.16
C ARG A 23 0.29 -1.32 -7.69
N PRO A 24 0.96 -0.33 -7.08
CA PRO A 24 1.37 -0.40 -5.68
C PRO A 24 0.29 0.10 -4.73
N VAL A 25 0.59 0.06 -3.43
CA VAL A 25 -0.35 0.52 -2.41
C VAL A 25 -0.05 1.96 -2.00
N SER A 26 -0.39 2.90 -2.87
CA SER A 26 -0.16 4.32 -2.60
C SER A 26 -0.83 4.75 -1.30
N ALA A 27 -0.53 5.97 -0.87
CA ALA A 27 -1.10 6.51 0.36
C ALA A 27 -2.63 6.51 0.30
N MET A 28 -3.17 6.82 -0.87
CA MET A 28 -4.61 6.86 -1.06
C MET A 28 -5.22 5.46 -0.90
N PHE A 29 -4.46 4.45 -1.29
CA PHE A 29 -4.91 3.07 -1.19
C PHE A 29 -5.02 2.64 0.27
N ILE A 30 -4.04 3.04 1.07
CA ILE A 30 -4.02 2.69 2.48
C ILE A 30 -5.17 3.37 3.23
N PHE A 31 -5.31 4.67 3.02
CA PHE A 31 -6.38 5.44 3.68
C PHE A 31 -7.75 5.02 3.16
N SER A 32 -7.78 4.57 1.90
CA SER A 32 -9.03 4.13 1.28
C SER A 32 -9.40 2.72 1.70
N GLU A 33 -8.40 1.97 2.17
CA GLU A 33 -8.64 0.59 2.61
C GLU A 33 -8.75 0.51 4.13
N GLU A 34 -8.05 1.41 4.82
CA GLU A 34 -8.07 1.45 6.28
C GLU A 34 -9.30 2.19 6.79
N LYS A 35 -9.77 3.16 6.02
CA LYS A 35 -10.94 3.94 6.40
C LYS A 35 -12.23 3.27 5.96
N ARG A 36 -12.14 2.47 4.89
CA ARG A 36 -13.31 1.77 4.37
C ARG A 36 -13.94 0.88 5.44
N ARG A 37 -13.09 0.18 6.18
CA ARG A 37 -13.55 -0.72 7.23
C ARG A 37 -14.12 0.08 8.41
N GLN A 38 -13.57 1.28 8.63
CA GLN A 38 -14.02 2.13 9.72
C GLN A 38 -15.36 2.77 9.38
N LEU A 39 -15.53 3.14 8.12
CA LEU A 39 -16.78 3.76 7.66
C LEU A 39 -17.89 2.73 7.55
N GLN A 40 -17.52 1.50 7.22
CA GLN A 40 -18.50 0.42 7.08
C GLN A 40 -19.20 0.15 8.40
N GLU A 41 -18.44 0.17 9.49
CA GLU A 41 -19.00 -0.06 10.82
C GLU A 41 -19.79 1.14 11.31
N GLU A 42 -19.28 2.34 11.02
CA GLU A 42 -19.95 3.57 11.42
C GLU A 42 -21.22 3.79 10.60
N ARG A 43 -21.17 3.38 9.34
CA ARG A 43 -22.32 3.54 8.45
C ARG A 43 -22.57 2.26 7.66
N PRO A 44 -23.34 1.31 8.24
CA PRO A 44 -23.65 0.04 7.59
C PRO A 44 -24.45 0.23 6.30
N GLU A 45 -25.17 1.35 6.22
CA GLU A 45 -25.97 1.65 5.03
C GLU A 45 -25.08 1.96 3.83
N LEU A 46 -23.91 2.53 4.11
CA LEU A 46 -22.96 2.88 3.05
C LEU A 46 -22.24 1.63 2.54
N SER A 47 -22.46 1.32 1.26
CA SER A 47 -21.83 0.16 0.65
C SER A 47 -20.42 0.48 0.20
N GLU A 48 -19.70 -0.54 -0.28
CA GLU A 48 -18.33 -0.35 -0.74
C GLU A 48 -18.28 0.63 -1.90
N SER A 49 -19.29 0.60 -2.75
CA SER A 49 -19.35 1.50 -3.89
C SER A 49 -19.50 2.95 -3.45
N GLU A 50 -20.33 3.17 -2.43
CA GLU A 50 -20.56 4.50 -1.90
C GLU A 50 -19.36 4.99 -1.09
N LEU A 51 -18.67 4.04 -0.45
CA LEU A 51 -17.51 4.36 0.36
C LEU A 51 -16.37 4.88 -0.50
N THR A 52 -16.30 4.40 -1.74
CA THR A 52 -15.25 4.81 -2.68
C THR A 52 -15.32 6.32 -2.92
N ARG A 53 -16.52 6.88 -2.85
CA ARG A 53 -16.71 8.30 -3.06
C ARG A 53 -16.50 9.08 -1.76
N LEU A 54 -16.85 8.46 -0.64
CA LEU A 54 -16.70 9.10 0.67
C LEU A 54 -15.23 9.08 1.11
N LEU A 55 -14.51 8.05 0.70
CA LEU A 55 -13.10 7.91 1.07
C LEU A 55 -12.26 8.93 0.30
N ALA A 56 -12.59 9.15 -0.96
CA ALA A 56 -11.86 10.10 -1.79
C ALA A 56 -11.92 11.51 -1.21
N ARG A 57 -13.04 11.82 -0.57
CA ARG A 57 -13.23 13.14 0.03
C ARG A 57 -12.46 13.25 1.35
N MET A 58 -12.54 12.19 2.15
CA MET A 58 -11.85 12.17 3.44
C MET A 58 -10.35 12.33 3.26
N TRP A 59 -9.83 11.80 2.16
CA TRP A 59 -8.41 11.87 1.87
C TRP A 59 -7.98 13.33 1.68
N ASN A 60 -8.76 14.08 0.92
CA ASN A 60 -8.46 15.48 0.66
C ASN A 60 -8.60 16.32 1.93
N ASP A 61 -9.53 15.90 2.79
CA ASP A 61 -9.77 16.61 4.04
C ASP A 61 -8.56 16.48 4.99
N LEU A 62 -7.84 15.37 4.86
CA LEU A 62 -6.67 15.13 5.69
C LEU A 62 -5.64 16.24 5.54
N SER A 63 -4.64 16.24 6.41
CA SER A 63 -3.59 17.24 6.38
C SER A 63 -2.23 16.61 6.09
N GLU A 64 -1.23 17.45 5.85
CA GLU A 64 0.12 16.97 5.55
C GLU A 64 0.68 16.19 6.73
N LYS A 65 0.26 16.56 7.94
CA LYS A 65 0.72 15.89 9.15
C LYS A 65 0.21 14.46 9.22
N LYS A 66 -1.09 14.29 8.95
CA LYS A 66 -1.72 12.98 8.98
C LYS A 66 -1.33 12.16 7.76
N LYS A 67 -1.33 12.80 6.60
CA LYS A 67 -0.98 12.14 5.35
C LYS A 67 0.43 11.56 5.41
N ALA A 68 1.29 12.20 6.22
CA ALA A 68 2.68 11.76 6.36
C ALA A 68 2.74 10.30 6.82
N LYS A 69 1.73 9.88 7.58
CA LYS A 69 1.68 8.52 8.09
C LYS A 69 1.58 7.51 6.95
N TYR A 70 0.57 7.67 6.10
CA TYR A 70 0.36 6.77 4.97
C TYR A 70 1.43 6.98 3.90
N LYS A 71 1.83 8.24 3.72
CA LYS A 71 2.86 8.57 2.73
C LYS A 71 4.16 7.86 3.03
N ALA A 72 4.47 7.70 4.32
CA ALA A 72 5.69 7.02 4.74
C ALA A 72 5.59 5.51 4.53
N ARG A 73 4.44 4.95 4.87
CA ARG A 73 4.21 3.52 4.72
C ARG A 73 4.29 3.10 3.26
N GLU A 74 4.00 4.04 2.36
CA GLU A 74 4.03 3.77 0.93
C GLU A 74 5.39 3.25 0.50
N ALA A 75 6.45 3.86 1.03
CA ALA A 75 7.81 3.46 0.70
C ALA A 75 8.07 2.00 1.07
N ALA A 76 7.37 1.52 2.10
CA ALA A 76 7.52 0.15 2.56
C ALA A 76 6.51 -0.76 1.87
N LEU A 77 5.35 -0.21 1.54
CA LEU A 77 4.29 -0.97 0.89
C LEU A 77 4.53 -1.06 -0.62
N LYS A 78 5.32 -0.13 -1.15
CA LYS A 78 5.61 -0.10 -2.58
C LYS A 78 6.81 -0.98 -2.91
N ALA A 79 7.67 -1.21 -1.92
CA ALA A 79 8.85 -2.04 -2.11
C ALA A 79 8.50 -3.43 -2.64
N GLN A 80 7.31 -3.90 -2.29
CA GLN A 80 6.85 -5.21 -2.74
C GLN A 80 6.78 -5.27 -4.26
N SER A 81 6.19 -4.25 -4.86
CA SER A 81 6.05 -4.18 -6.31
C SER A 81 7.38 -3.78 -6.96
N GLU A 82 8.12 -2.91 -6.30
CA GLU A 82 9.40 -2.45 -6.81
C GLU A 82 10.44 -2.35 -5.69
N ARG A 83 11.22 -3.41 -5.54
CA ARG A 83 12.26 -3.45 -4.50
C ARG A 83 13.55 -2.82 -5.01
N LYS A 84 14.00 -1.77 -4.32
CA LYS A 84 15.22 -1.08 -4.69
C LYS A 84 15.99 -0.62 -3.46
N SER A 85 17.14 -1.26 -3.21
CA SER A 85 17.97 -0.92 -2.05
C SER A 85 18.79 0.33 -2.33
N GLY A 86 18.35 1.46 -1.80
CA GLY A 86 19.05 2.71 -1.99
C GLY A 86 20.36 2.76 -1.22
N PRO A 87 20.31 2.69 0.12
CA PRO A 87 21.50 2.73 0.96
C PRO A 87 22.35 1.47 0.82
N SER A 88 23.59 1.55 1.30
CA SER A 88 24.51 0.42 1.22
C SER A 88 24.42 -0.44 2.47
N SER A 89 23.91 -1.67 2.30
CA SER A 89 23.77 -2.60 3.42
C SER A 89 23.77 -4.04 2.93
N GLY A 90 22.93 -4.32 1.94
CA GLY A 90 22.85 -5.66 1.39
C GLY A 90 23.38 -5.74 -0.03
N GLY A 1 -12.06 -9.79 12.08
CA GLY A 1 -11.13 -10.33 13.11
C GLY A 1 -10.80 -9.32 14.18
N SER A 2 -9.60 -9.45 14.76
CA SER A 2 -9.15 -8.53 15.80
C SER A 2 -10.10 -8.58 17.01
N SER A 3 -9.64 -8.01 18.12
CA SER A 3 -10.44 -7.99 19.34
C SER A 3 -10.75 -6.55 19.76
N GLY A 4 -11.41 -6.40 20.90
CA GLY A 4 -11.75 -5.07 21.40
C GLY A 4 -11.06 -4.75 22.70
N SER A 5 -9.83 -5.22 22.85
CA SER A 5 -9.05 -4.98 24.07
C SER A 5 -8.31 -3.65 23.98
N SER A 6 -7.93 -3.11 25.14
CA SER A 6 -7.20 -1.84 25.18
C SER A 6 -5.78 -2.01 24.65
N GLY A 7 -5.13 -3.11 25.03
CA GLY A 7 -3.78 -3.37 24.58
C GLY A 7 -3.65 -4.69 23.86
N LYS A 8 -2.87 -5.60 24.43
CA LYS A 8 -2.68 -6.91 23.84
C LYS A 8 -2.03 -6.80 22.46
N PRO A 9 -0.70 -6.89 22.37
CA PRO A 9 0.02 -6.79 21.10
C PRO A 9 -0.56 -7.70 20.03
N SER A 10 -1.24 -7.10 19.05
CA SER A 10 -1.85 -7.85 17.96
C SER A 10 -0.80 -8.58 17.14
N GLN A 11 0.09 -7.81 16.51
CA GLN A 11 1.15 -8.38 15.69
C GLN A 11 2.51 -7.82 16.09
N GLU A 12 3.57 -8.49 15.64
CA GLU A 12 4.92 -8.06 15.96
C GLU A 12 5.78 -7.98 14.69
N GLY A 13 6.84 -7.18 14.75
CA GLY A 13 7.73 -7.04 13.61
C GLY A 13 8.34 -8.35 13.18
N GLY A 14 7.80 -8.95 12.13
CA GLY A 14 8.32 -10.21 11.64
C GLY A 14 9.53 -10.04 10.73
N LYS A 15 10.63 -10.69 11.08
CA LYS A 15 11.86 -10.60 10.28
C LYS A 15 12.01 -11.83 9.40
N GLY A 16 13.14 -11.91 8.70
CA GLY A 16 13.40 -13.04 7.82
C GLY A 16 13.69 -12.61 6.40
N GLY A 17 12.96 -13.19 5.45
CA GLY A 17 13.16 -12.86 4.06
C GLY A 17 11.93 -13.13 3.21
N SER A 18 10.75 -12.86 3.78
CA SER A 18 9.50 -13.08 3.07
C SER A 18 8.73 -11.76 2.90
N GLU A 19 8.31 -11.49 1.67
CA GLU A 19 7.57 -10.27 1.38
C GLU A 19 6.10 -10.59 1.08
N LYS A 20 5.22 -9.69 1.51
CA LYS A 20 3.79 -9.86 1.30
C LYS A 20 3.47 -9.95 -0.19
N PRO A 21 2.21 -10.29 -0.54
CA PRO A 21 1.77 -10.40 -1.93
C PRO A 21 2.13 -9.16 -2.75
N LYS A 22 2.20 -9.32 -4.06
CA LYS A 22 2.53 -8.22 -4.96
C LYS A 22 1.30 -7.38 -5.27
N ARG A 23 1.26 -6.16 -4.73
CA ARG A 23 0.15 -5.26 -4.95
C ARG A 23 0.49 -3.83 -4.52
N PRO A 24 0.27 -2.84 -5.39
CA PRO A 24 0.57 -1.44 -5.08
C PRO A 24 -0.43 -0.84 -4.10
N VAL A 25 0.09 -0.06 -3.15
CA VAL A 25 -0.75 0.58 -2.14
C VAL A 25 -0.20 1.94 -1.75
N SER A 26 -0.63 2.98 -2.47
CA SER A 26 -0.18 4.34 -2.19
C SER A 26 -0.87 4.90 -0.95
N ALA A 27 -0.49 6.11 -0.57
CA ALA A 27 -1.07 6.77 0.60
C ALA A 27 -2.59 6.91 0.45
N MET A 28 -3.04 7.05 -0.78
CA MET A 28 -4.47 7.19 -1.05
C MET A 28 -5.19 5.86 -0.90
N PHE A 29 -4.49 4.77 -1.19
CA PHE A 29 -5.07 3.44 -1.08
C PHE A 29 -5.15 2.99 0.38
N ILE A 30 -4.14 3.35 1.16
CA ILE A 30 -4.09 2.98 2.57
C ILE A 30 -5.21 3.67 3.35
N PHE A 31 -5.41 4.97 3.08
CA PHE A 31 -6.45 5.74 3.74
C PHE A 31 -7.83 5.27 3.30
N SER A 32 -7.95 4.88 2.03
CA SER A 32 -9.21 4.42 1.49
C SER A 32 -9.48 2.97 1.86
N GLU A 33 -8.46 2.28 2.37
CA GLU A 33 -8.60 0.88 2.76
C GLU A 33 -8.68 0.75 4.28
N GLU A 34 -8.03 1.67 4.99
CA GLU A 34 -8.04 1.65 6.45
C GLU A 34 -9.27 2.36 7.00
N LYS A 35 -9.75 3.36 6.26
CA LYS A 35 -10.93 4.13 6.68
C LYS A 35 -12.21 3.43 6.26
N ARG A 36 -12.13 2.60 5.22
CA ARG A 36 -13.29 1.88 4.72
C ARG A 36 -13.93 1.05 5.82
N ARG A 37 -13.14 0.21 6.47
CA ARG A 37 -13.63 -0.65 7.55
C ARG A 37 -14.21 0.20 8.68
N GLN A 38 -13.71 1.43 8.82
CA GLN A 38 -14.18 2.33 9.87
C GLN A 38 -15.56 2.88 9.52
N LEU A 39 -15.82 3.04 8.24
CA LEU A 39 -17.10 3.55 7.77
C LEU A 39 -18.11 2.43 7.55
N GLN A 40 -17.59 1.26 7.16
CA GLN A 40 -18.43 0.09 6.92
C GLN A 40 -19.14 -0.33 8.20
N GLU A 41 -18.38 -0.48 9.27
CA GLU A 41 -18.93 -0.89 10.55
C GLU A 41 -19.91 0.15 11.09
N GLU A 42 -19.47 1.41 11.08
CA GLU A 42 -20.31 2.51 11.56
C GLU A 42 -21.51 2.72 10.65
N ARG A 43 -21.33 2.44 9.36
CA ARG A 43 -22.40 2.59 8.38
C ARG A 43 -22.58 1.32 7.56
N PRO A 44 -23.29 0.31 8.12
CA PRO A 44 -23.53 -0.96 7.43
C PRO A 44 -24.43 -0.80 6.21
N GLU A 45 -25.12 0.33 6.12
CA GLU A 45 -26.01 0.59 5.00
C GLU A 45 -25.22 0.94 3.75
N LEU A 46 -24.08 1.59 3.94
CA LEU A 46 -23.23 1.99 2.82
C LEU A 46 -22.37 0.82 2.36
N SER A 47 -22.09 0.77 1.05
CA SER A 47 -21.28 -0.30 0.48
C SER A 47 -19.87 0.21 0.16
N GLU A 48 -18.99 -0.72 -0.20
CA GLU A 48 -17.62 -0.36 -0.54
C GLU A 48 -17.57 0.59 -1.73
N SER A 49 -18.54 0.43 -2.63
CA SER A 49 -18.62 1.28 -3.82
C SER A 49 -18.97 2.72 -3.44
N GLU A 50 -19.82 2.87 -2.44
CA GLU A 50 -20.23 4.19 -1.98
C GLU A 50 -19.18 4.82 -1.08
N LEU A 51 -18.47 3.99 -0.34
CA LEU A 51 -17.42 4.45 0.56
C LEU A 51 -16.26 5.07 -0.22
N THR A 52 -16.06 4.58 -1.45
CA THR A 52 -14.98 5.07 -2.30
C THR A 52 -15.15 6.55 -2.60
N ARG A 53 -16.38 6.95 -2.92
CA ARG A 53 -16.68 8.35 -3.23
C ARG A 53 -16.55 9.22 -1.99
N LEU A 54 -16.83 8.64 -0.82
CA LEU A 54 -16.74 9.36 0.44
C LEU A 54 -15.32 9.37 0.97
N LEU A 55 -14.57 8.31 0.67
CA LEU A 55 -13.20 8.19 1.12
C LEU A 55 -12.28 9.11 0.31
N ALA A 56 -12.59 9.26 -0.96
CA ALA A 56 -11.80 10.11 -1.85
C ALA A 56 -11.84 11.57 -1.38
N ARG A 57 -12.97 11.95 -0.78
CA ARG A 57 -13.14 13.32 -0.30
C ARG A 57 -12.42 13.51 1.04
N MET A 58 -12.46 12.48 1.88
CA MET A 58 -11.81 12.55 3.18
C MET A 58 -10.30 12.71 3.03
N TRP A 59 -9.73 12.08 2.00
CA TRP A 59 -8.30 12.17 1.74
C TRP A 59 -7.88 13.61 1.52
N ASN A 60 -8.74 14.39 0.90
CA ASN A 60 -8.45 15.79 0.62
C ASN A 60 -8.54 16.62 1.90
N ASP A 61 -9.41 16.21 2.81
CA ASP A 61 -9.59 16.92 4.07
C ASP A 61 -8.38 16.73 4.99
N LEU A 62 -7.72 15.59 4.86
CA LEU A 62 -6.55 15.29 5.66
C LEU A 62 -5.46 16.34 5.46
N SER A 63 -4.47 16.34 6.36
CA SER A 63 -3.38 17.30 6.28
C SER A 63 -2.05 16.58 6.05
N GLU A 64 -1.01 17.35 5.76
CA GLU A 64 0.32 16.79 5.51
C GLU A 64 0.79 15.96 6.71
N LYS A 65 0.33 16.32 7.90
CA LYS A 65 0.70 15.61 9.11
C LYS A 65 0.17 14.18 9.10
N LYS A 66 -1.13 14.05 8.94
CA LYS A 66 -1.76 12.73 8.91
C LYS A 66 -1.47 12.01 7.61
N LYS A 67 -1.34 12.78 6.53
CA LYS A 67 -1.05 12.21 5.22
C LYS A 67 0.34 11.58 5.19
N ALA A 68 1.26 12.17 5.95
CA ALA A 68 2.63 11.67 6.01
C ALA A 68 2.67 10.23 6.51
N LYS A 69 1.72 9.88 7.38
CA LYS A 69 1.65 8.53 7.92
C LYS A 69 1.44 7.51 6.81
N TYR A 70 0.41 7.73 6.00
CA TYR A 70 0.10 6.83 4.90
C TYR A 70 1.14 6.94 3.79
N LYS A 71 1.58 8.16 3.50
CA LYS A 71 2.57 8.41 2.47
C LYS A 71 3.88 7.68 2.80
N ALA A 72 4.19 7.59 4.08
CA ALA A 72 5.41 6.93 4.53
C ALA A 72 5.32 5.42 4.32
N ARG A 73 4.17 4.85 4.67
CA ARG A 73 3.96 3.41 4.52
C ARG A 73 4.10 2.99 3.07
N GLU A 74 3.83 3.91 2.15
CA GLU A 74 3.93 3.63 0.73
C GLU A 74 5.31 3.11 0.37
N ALA A 75 6.33 3.64 1.04
CA ALA A 75 7.71 3.22 0.79
C ALA A 75 7.93 1.76 1.21
N ALA A 76 7.20 1.33 2.24
CA ALA A 76 7.32 -0.03 2.74
C ALA A 76 6.37 -0.97 1.98
N LEU A 77 5.23 -0.43 1.54
CA LEU A 77 4.25 -1.21 0.81
C LEU A 77 4.71 -1.48 -0.60
N LYS A 78 5.14 -0.42 -1.29
CA LYS A 78 5.62 -0.55 -2.67
C LYS A 78 6.83 -1.47 -2.75
N ALA A 79 7.72 -1.36 -1.76
CA ALA A 79 8.92 -2.18 -1.72
C ALA A 79 8.57 -3.65 -1.48
N GLN A 80 7.56 -3.88 -0.65
CA GLN A 80 7.12 -5.23 -0.33
C GLN A 80 6.70 -5.98 -1.60
N SER A 81 6.15 -5.25 -2.56
CA SER A 81 5.69 -5.83 -3.81
C SER A 81 6.82 -5.82 -4.84
N GLU A 82 7.52 -4.70 -4.93
CA GLU A 82 8.63 -4.57 -5.87
C GLU A 82 9.72 -5.60 -5.60
N ARG A 83 9.79 -6.07 -4.36
CA ARG A 83 10.78 -7.07 -3.97
C ARG A 83 12.17 -6.44 -3.88
N LYS A 84 12.67 -5.94 -5.01
CA LYS A 84 13.98 -5.31 -5.05
C LYS A 84 14.14 -4.27 -3.95
N SER A 85 14.82 -4.66 -2.87
CA SER A 85 15.04 -3.76 -1.75
C SER A 85 16.48 -3.24 -1.73
N GLY A 86 17.43 -4.17 -1.82
CA GLY A 86 18.82 -3.79 -1.81
C GLY A 86 19.23 -3.03 -3.06
N PRO A 87 19.54 -1.72 -2.94
CA PRO A 87 19.94 -0.91 -4.10
C PRO A 87 21.29 -1.32 -4.66
N SER A 88 22.11 -1.95 -3.83
CA SER A 88 23.43 -2.39 -4.25
C SER A 88 23.32 -3.35 -5.45
N SER A 89 22.23 -4.10 -5.50
CA SER A 89 22.02 -5.04 -6.59
C SER A 89 21.65 -4.32 -7.88
N GLY A 90 22.67 -3.95 -8.66
CA GLY A 90 22.43 -3.25 -9.90
C GLY A 90 23.72 -2.83 -10.59
#